data_8YAT
#
_entry.id   8YAT
#
_cell.length_a   377.129
_cell.length_b   46.672
_cell.length_c   156.949
_cell.angle_alpha   90.00
_cell.angle_beta   90.00
_cell.angle_gamma   90.00
#
_symmetry.space_group_name_H-M   'P 21 21 21'
#
loop_
_entity.id
_entity.type
_entity.pdbx_description
1 polymer 'Superoxide dismutase [Cu-Zn]'
2 polymer NB1
3 polymer NB2
4 polymer NB3
5 non-polymer 'ZINC ION'
#
loop_
_entity_poly.entity_id
_entity_poly.type
_entity_poly.pdbx_seq_one_letter_code
_entity_poly.pdbx_strand_id
1 'polypeptide(L)'
;ATKAVCVLKGDGPVQGIINFEQKESNGPVKVWGSIKGLTEGLHGFHVHEFGDNTAGCTSAGPHFNPLSRKHGGPKDEERH
VGDLGNVTADKDGVADVSIEDSVISLSGDHCIIGRTLVVHEKADDLGKGGNEESTKTGNAGSRLACGVIGIAQ
;
A,E,I,M
2 'polypeptide(L)'
;QVQLQESGGGLVQPGGSLRLSCRASETLFSLYAMGWYRQAPGKQPELIATISGGGEGTGNYADPVKGRFTISRNNADNMV
FLQMNNLKPEDTAVYYCNVYGTNLAPWGQGTQVTVSS
;
B,F,J,N
3 'polypeptide(L)'
;QVQLQESGGGSVQAGGSLRLACVASGGDTRPYITYWMGWYRQAPGKEREGVATIYTGGSGTYYSDSVEGRFTISQDKAQR
TVYLQMNDLKPEDTAMYYCAAGNGALPPGRRLSPQNMDTWGPGTQVTVSS
;
C,G,K,O
4 'polypeptide(L)'
;QVQLQESGGGLVQAGGSLRLSCAASGLPYRTVFMGWFRQGPGKEREGVAVINADGVSTYYADSVKGRFTISQDNAKNTVY
LQMNSLKPEDTAIYHCAANHFFDYSRDPLATAEYNYWGQGTQVTVSS
;
D,H,L,P
#
loop_
_chem_comp.id
_chem_comp.type
_chem_comp.name
_chem_comp.formula
ZN non-polymer 'ZINC ION' 'Zn 2'
#
# COMPACT_ATOMS: atom_id res chain seq x y z
N ALA A 1 37.37 25.66 -24.52
CA ALA A 1 36.12 25.61 -23.79
C ALA A 1 34.91 25.67 -24.73
N THR A 2 34.49 24.52 -25.24
CA THR A 2 33.41 24.44 -26.21
C THR A 2 32.12 23.99 -25.52
N LYS A 3 31.03 24.70 -25.81
CA LYS A 3 29.73 24.44 -25.22
C LYS A 3 28.74 24.18 -26.34
N ALA A 4 27.97 23.10 -26.21
CA ALA A 4 26.93 22.75 -27.16
C ALA A 4 25.61 22.56 -26.43
N VAL A 5 24.53 22.41 -27.21
CA VAL A 5 23.20 22.24 -26.66
C VAL A 5 22.35 21.51 -27.69
N CYS A 6 21.30 20.84 -27.21
CA CYS A 6 20.37 20.13 -28.07
C CYS A 6 18.98 20.13 -27.45
N VAL A 7 17.98 20.49 -28.27
CA VAL A 7 16.59 20.57 -27.84
C VAL A 7 15.85 19.37 -28.43
N LEU A 8 15.60 18.37 -27.59
CA LEU A 8 14.90 17.16 -28.01
C LEU A 8 13.41 17.47 -28.11
N LYS A 9 12.89 17.45 -29.34
CA LYS A 9 11.46 17.56 -29.62
C LYS A 9 11.02 16.37 -30.45
N GLY A 10 9.76 15.97 -30.28
CA GLY A 10 9.23 14.82 -30.97
C GLY A 10 7.73 14.91 -31.16
N ASP A 11 7.18 13.89 -31.82
CA ASP A 11 5.74 13.88 -32.08
C ASP A 11 4.93 13.84 -30.79
N GLY A 12 5.38 13.06 -29.81
CA GLY A 12 4.66 12.90 -28.57
C GLY A 12 4.94 14.04 -27.60
N PRO A 13 4.57 13.84 -26.34
CA PRO A 13 4.83 14.88 -25.33
C PRO A 13 6.26 14.92 -24.84
N VAL A 14 7.09 13.96 -25.24
CA VAL A 14 8.47 13.91 -24.76
C VAL A 14 9.25 15.08 -25.36
N GLN A 15 9.85 15.89 -24.48
CA GLN A 15 10.69 16.99 -24.95
C GLN A 15 11.64 17.36 -23.81
N GLY A 16 12.73 17.99 -24.18
CA GLY A 16 13.74 18.32 -23.17
C GLY A 16 14.91 19.05 -23.77
N ILE A 17 15.89 19.31 -22.91
CA ILE A 17 17.08 20.06 -23.29
C ILE A 17 18.30 19.41 -22.65
N ILE A 18 19.36 19.27 -23.44
CA ILE A 18 20.59 18.61 -23.00
C ILE A 18 21.77 19.44 -23.50
N ASN A 19 22.53 20.02 -22.58
CA ASN A 19 23.74 20.76 -22.90
C ASN A 19 24.97 19.87 -22.75
N PHE A 20 26.00 20.20 -23.52
CA PHE A 20 27.29 19.52 -23.53
C PHE A 20 28.38 20.53 -23.25
N GLU A 21 29.38 20.15 -22.48
CA GLU A 21 30.51 21.03 -22.19
C GLU A 21 31.81 20.26 -22.31
N GLN A 22 32.83 20.91 -22.86
CA GLN A 22 34.16 20.32 -22.95
C GLN A 22 35.18 21.42 -22.66
N LYS A 23 36.00 21.21 -21.63
CA LYS A 23 36.99 22.19 -21.24
C LYS A 23 38.28 22.05 -22.03
N GLU A 24 38.64 20.83 -22.42
CA GLU A 24 39.87 20.53 -23.12
C GLU A 24 39.56 20.00 -24.51
N SER A 25 40.61 19.91 -25.34
CA SER A 25 40.53 19.27 -26.64
C SER A 25 40.79 17.78 -26.46
N ASN A 26 39.86 16.96 -26.97
CA ASN A 26 39.92 15.51 -26.79
C ASN A 26 40.06 15.14 -25.31
N GLY A 27 39.18 15.74 -24.50
CA GLY A 27 39.10 15.42 -23.09
C GLY A 27 37.69 14.97 -22.74
N PRO A 28 37.40 14.91 -21.44
CA PRO A 28 36.04 14.53 -21.02
C PRO A 28 35.01 15.54 -21.48
N VAL A 29 33.78 15.07 -21.62
CA VAL A 29 32.65 15.90 -22.03
C VAL A 29 31.54 15.71 -21.01
N LYS A 30 31.11 16.80 -20.38
CA LYS A 30 29.91 16.78 -19.55
C LYS A 30 28.68 16.85 -20.43
N VAL A 31 27.62 16.14 -20.00
CA VAL A 31 26.34 16.07 -20.68
C VAL A 31 25.28 16.18 -19.59
N TRP A 32 24.61 17.33 -19.50
CA TRP A 32 23.66 17.52 -18.42
C TRP A 32 22.40 18.20 -18.94
N GLY A 33 21.29 17.95 -18.27
CA GLY A 33 20.04 18.60 -18.64
C GLY A 33 18.84 17.84 -18.10
N SER A 34 17.70 18.05 -18.76
CA SER A 34 16.44 17.52 -18.27
C SER A 34 15.54 17.15 -19.44
N ILE A 35 14.95 15.97 -19.36
CA ILE A 35 13.91 15.54 -20.28
C ILE A 35 12.61 15.39 -19.49
N LYS A 36 11.48 15.62 -20.15
CA LYS A 36 10.20 15.45 -19.51
C LYS A 36 9.19 14.90 -20.51
N GLY A 37 8.10 14.33 -19.98
CA GLY A 37 7.10 13.68 -20.78
C GLY A 37 7.33 12.20 -21.00
N LEU A 38 8.41 11.63 -20.45
CA LEU A 38 8.72 10.23 -20.64
C LEU A 38 7.90 9.36 -19.68
N THR A 39 7.97 8.05 -19.88
CA THR A 39 7.42 7.13 -18.91
C THR A 39 8.43 6.90 -17.79
N GLU A 40 7.94 6.41 -16.66
CA GLU A 40 8.82 6.15 -15.53
C GLU A 40 9.68 4.94 -15.82
N GLY A 41 11.00 5.10 -15.73
CA GLY A 41 11.90 3.99 -15.91
C GLY A 41 13.07 4.36 -16.77
N LEU A 42 13.67 3.33 -17.37
CA LEU A 42 14.87 3.47 -18.18
C LEU A 42 14.50 3.69 -19.64
N HIS A 43 15.04 4.75 -20.22
CA HIS A 43 14.89 5.06 -21.64
C HIS A 43 16.25 5.06 -22.32
N GLY A 44 16.26 4.72 -23.60
CA GLY A 44 17.50 4.74 -24.36
C GLY A 44 17.97 6.16 -24.61
N PHE A 45 19.28 6.30 -24.75
CA PHE A 45 19.90 7.62 -24.88
C PHE A 45 21.14 7.47 -25.75
N HIS A 46 21.09 7.98 -26.98
CA HIS A 46 22.16 7.76 -27.94
C HIS A 46 22.42 9.02 -28.75
N VAL A 47 23.56 9.03 -29.43
CA VAL A 47 23.93 10.11 -30.35
C VAL A 47 24.04 9.47 -31.73
N HIS A 48 22.95 9.52 -32.50
CA HIS A 48 22.92 8.96 -33.83
C HIS A 48 23.68 9.85 -34.80
N GLU A 49 24.16 9.23 -35.89
CA GLU A 49 25.13 9.84 -36.79
C GLU A 49 24.60 11.03 -37.56
N PHE A 50 23.67 10.81 -38.50
CA PHE A 50 23.21 11.90 -39.37
C PHE A 50 22.40 12.93 -38.59
N GLY A 51 22.71 14.20 -38.82
CA GLY A 51 21.97 15.29 -38.23
C GLY A 51 20.80 15.72 -39.09
N ASP A 52 20.12 14.73 -39.69
CA ASP A 52 18.96 14.97 -40.53
C ASP A 52 17.68 14.88 -39.73
N ASN A 53 16.73 15.77 -40.04
CA ASN A 53 15.43 15.76 -39.39
C ASN A 53 14.32 15.94 -40.41
N THR A 54 14.55 15.52 -41.65
CA THR A 54 13.54 15.67 -42.70
C THR A 54 12.36 14.73 -42.46
N ALA A 55 12.61 13.42 -42.50
CA ALA A 55 11.59 12.42 -42.16
C ALA A 55 11.56 12.11 -40.67
N GLY A 56 11.67 13.14 -39.83
CA GLY A 56 11.65 12.94 -38.40
C GLY A 56 12.93 12.28 -37.89
N CYS A 57 12.80 11.67 -36.71
CA CYS A 57 13.94 11.02 -36.07
C CYS A 57 14.47 9.85 -36.88
N THR A 58 13.64 9.24 -37.74
CA THR A 58 14.11 8.18 -38.62
C THR A 58 15.16 8.70 -39.61
N SER A 59 15.20 10.01 -39.84
CA SER A 59 16.25 10.61 -40.67
C SER A 59 17.60 10.66 -39.96
N ALA A 60 17.65 10.41 -38.65
CA ALA A 60 18.89 10.53 -37.91
C ALA A 60 19.89 9.45 -38.30
N GLY A 61 19.42 8.30 -38.75
CA GLY A 61 20.30 7.21 -39.12
C GLY A 61 20.71 6.38 -37.94
N PRO A 62 21.78 5.63 -38.07
CA PRO A 62 22.23 4.74 -36.99
C PRO A 62 23.05 5.50 -35.94
N HIS A 63 23.43 4.78 -34.89
CA HIS A 63 24.28 5.35 -33.86
C HIS A 63 25.63 5.75 -34.44
N PHE A 64 26.21 6.79 -33.87
CA PHE A 64 27.50 7.33 -34.33
C PHE A 64 28.58 6.27 -34.08
N ASN A 65 29.00 5.61 -35.16
CA ASN A 65 30.02 4.55 -35.10
C ASN A 65 31.13 4.90 -36.08
N PRO A 66 32.06 5.78 -35.70
CA PRO A 66 33.21 6.03 -36.58
C PRO A 66 34.20 4.89 -36.59
N LEU A 67 34.44 4.28 -35.44
CA LEU A 67 35.41 3.23 -35.29
C LEU A 67 34.91 1.89 -35.82
N SER A 68 33.65 1.83 -36.25
CA SER A 68 33.01 0.61 -36.72
C SER A 68 33.15 -0.50 -35.69
N ARG A 69 32.36 -0.41 -34.62
CA ARG A 69 32.39 -1.37 -33.52
C ARG A 69 30.96 -1.81 -33.23
N LYS A 70 30.84 -2.86 -32.40
CA LYS A 70 29.53 -3.36 -32.01
C LYS A 70 28.93 -2.47 -30.93
N HIS A 71 27.71 -2.80 -30.52
CA HIS A 71 26.99 -2.03 -29.52
C HIS A 71 27.31 -2.50 -28.12
N GLY A 72 27.22 -1.58 -27.16
CA GLY A 72 27.46 -1.95 -25.78
C GLY A 72 27.03 -0.83 -24.86
N GLY A 73 27.31 -1.04 -23.57
CA GLY A 73 27.12 -0.02 -22.57
C GLY A 73 28.18 1.05 -22.71
N PRO A 74 27.95 2.21 -22.08
CA PRO A 74 28.94 3.29 -22.21
C PRO A 74 30.27 2.97 -21.56
N LYS A 75 30.26 2.29 -20.41
CA LYS A 75 31.50 1.96 -19.71
C LYS A 75 32.28 0.83 -20.36
N ASP A 76 31.73 0.21 -21.39
CA ASP A 76 32.40 -0.90 -22.05
C ASP A 76 33.27 -0.39 -23.19
N GLU A 77 34.37 -1.11 -23.45
CA GLU A 77 35.25 -0.68 -24.54
C GLU A 77 34.60 -0.92 -25.89
N GLU A 78 33.91 -2.03 -26.06
CA GLU A 78 33.20 -2.29 -27.31
C GLU A 78 31.85 -1.59 -27.24
N ARG A 79 31.75 -0.47 -27.94
CA ARG A 79 30.56 0.36 -27.93
C ARG A 79 30.68 1.40 -29.04
N HIS A 80 29.54 1.84 -29.54
CA HIS A 80 29.51 2.97 -30.45
C HIS A 80 29.95 4.24 -29.72
N VAL A 81 30.64 5.13 -30.44
CA VAL A 81 31.01 6.42 -29.86
C VAL A 81 29.78 7.14 -29.33
N GLY A 82 28.66 7.04 -30.04
CA GLY A 82 27.40 7.65 -29.65
C GLY A 82 26.62 6.94 -28.58
N ASP A 83 27.16 5.86 -28.00
CA ASP A 83 26.43 5.09 -26.99
C ASP A 83 26.64 5.74 -25.64
N LEU A 84 25.59 6.36 -25.10
CA LEU A 84 25.64 6.98 -23.79
C LEU A 84 24.82 6.24 -22.75
N GLY A 85 24.36 5.03 -23.06
CA GLY A 85 23.62 4.24 -22.10
C GLY A 85 22.15 4.60 -21.99
N ASN A 86 21.62 4.55 -20.77
CA ASN A 86 20.20 4.81 -20.51
C ASN A 86 20.04 6.00 -19.57
N VAL A 87 18.85 6.58 -19.61
CA VAL A 87 18.45 7.64 -18.70
C VAL A 87 17.28 7.13 -17.88
N THR A 88 17.10 7.72 -16.70
CA THR A 88 16.04 7.33 -15.77
C THR A 88 15.05 8.49 -15.61
N ALA A 89 13.76 8.18 -15.73
CA ALA A 89 12.70 9.14 -15.51
C ALA A 89 11.89 8.71 -14.30
N ASP A 90 11.70 9.63 -13.35
CA ASP A 90 11.08 9.30 -12.07
C ASP A 90 9.57 9.20 -12.22
N LYS A 91 8.86 9.19 -11.09
CA LYS A 91 7.40 9.07 -11.10
C LYS A 91 6.73 10.21 -11.85
N ASP A 92 7.40 11.35 -11.97
CA ASP A 92 6.88 12.48 -12.74
C ASP A 92 7.29 12.43 -14.20
N GLY A 93 8.05 11.41 -14.61
CA GLY A 93 8.62 11.36 -15.95
C GLY A 93 9.77 12.31 -16.19
N VAL A 94 10.33 12.90 -15.13
CA VAL A 94 11.37 13.91 -15.26
C VAL A 94 12.72 13.19 -15.19
N ALA A 95 13.37 13.05 -16.35
CA ALA A 95 14.69 12.44 -16.44
C ALA A 95 15.74 13.52 -16.29
N ASP A 96 16.31 13.62 -15.10
CA ASP A 96 17.41 14.57 -14.84
C ASP A 96 18.69 13.88 -15.26
N VAL A 97 19.23 14.28 -16.40
CA VAL A 97 20.40 13.64 -16.99
C VAL A 97 21.64 14.38 -16.52
N SER A 98 22.64 13.62 -16.07
CA SER A 98 23.97 14.15 -15.73
C SER A 98 24.98 13.04 -15.96
N ILE A 99 25.91 13.27 -16.88
CA ILE A 99 26.80 12.23 -17.40
C ILE A 99 28.13 12.86 -17.76
N GLU A 100 29.22 12.09 -17.59
CA GLU A 100 30.54 12.52 -18.03
C GLU A 100 31.13 11.43 -18.91
N ASP A 101 31.35 11.73 -20.19
CA ASP A 101 31.87 10.77 -21.15
C ASP A 101 33.09 11.33 -21.86
N SER A 102 34.19 10.57 -21.83
CA SER A 102 35.42 10.93 -22.53
C SER A 102 35.52 10.30 -23.91
N VAL A 103 34.52 9.51 -24.31
CA VAL A 103 34.55 8.92 -25.65
C VAL A 103 34.03 9.93 -26.69
N ILE A 104 33.00 10.69 -26.33
CA ILE A 104 32.47 11.71 -27.24
C ILE A 104 33.37 12.94 -27.14
N SER A 105 33.23 13.85 -28.10
CA SER A 105 34.01 15.08 -28.13
C SER A 105 33.30 16.08 -29.03
N LEU A 106 33.52 17.35 -28.74
CA LEU A 106 32.95 18.43 -29.54
C LEU A 106 33.87 18.82 -30.68
N SER A 107 34.93 18.06 -30.92
CA SER A 107 35.90 18.39 -31.96
C SER A 107 36.72 17.14 -32.27
N GLY A 108 37.34 17.15 -33.44
CA GLY A 108 38.18 16.04 -33.87
C GLY A 108 37.41 15.00 -34.66
N ASP A 109 37.94 13.78 -34.63
CA ASP A 109 37.28 12.68 -35.34
C ASP A 109 35.98 12.25 -34.65
N HIS A 110 35.91 12.39 -33.33
CA HIS A 110 34.72 12.01 -32.57
C HIS A 110 33.80 13.20 -32.32
N CYS A 111 33.77 14.16 -33.23
CA CYS A 111 32.90 15.33 -33.06
C CYS A 111 31.44 14.92 -33.15
N ILE A 112 30.64 15.32 -32.15
CA ILE A 112 29.22 15.03 -32.18
C ILE A 112 28.38 16.26 -32.51
N ILE A 113 28.98 17.44 -32.65
CA ILE A 113 28.22 18.62 -33.03
C ILE A 113 27.72 18.43 -34.46
N GLY A 114 26.42 18.65 -34.66
CA GLY A 114 25.79 18.37 -35.92
C GLY A 114 25.22 16.96 -36.03
N ARG A 115 25.39 16.13 -35.01
CA ARG A 115 24.80 14.81 -34.96
C ARG A 115 23.54 14.86 -34.11
N THR A 116 22.73 13.81 -34.18
CA THR A 116 21.38 13.84 -33.63
C THR A 116 21.34 13.17 -32.27
N LEU A 117 21.12 13.94 -31.22
CA LEU A 117 20.82 13.33 -29.92
C LEU A 117 19.41 12.74 -29.97
N VAL A 118 19.28 11.49 -29.53
CA VAL A 118 18.03 10.75 -29.63
C VAL A 118 17.75 10.04 -28.32
N VAL A 119 16.57 10.27 -27.75
CA VAL A 119 16.08 9.48 -26.62
C VAL A 119 15.13 8.42 -27.17
N HIS A 120 15.10 7.27 -26.53
CA HIS A 120 14.36 6.13 -27.05
C HIS A 120 13.19 5.79 -26.15
N GLU A 121 12.42 4.78 -26.55
CA GLU A 121 11.21 4.41 -25.83
C GLU A 121 11.52 3.45 -24.67
N LYS A 122 12.06 2.28 -24.98
CA LYS A 122 12.41 1.32 -23.92
C LYS A 122 13.82 1.60 -23.43
N ALA A 123 14.45 0.61 -22.78
CA ALA A 123 15.81 0.74 -22.29
C ALA A 123 16.79 0.06 -23.22
N ASP A 124 18.03 0.56 -23.21
CA ASP A 124 19.11 -0.11 -23.91
C ASP A 124 19.61 -1.27 -23.07
N ASP A 125 19.90 -2.41 -23.72
CA ASP A 125 20.45 -3.56 -23.03
C ASP A 125 21.97 -3.57 -23.02
N LEU A 126 22.60 -2.50 -23.51
CA LEU A 126 24.05 -2.33 -23.40
C LEU A 126 24.81 -3.45 -24.13
N GLY A 127 24.19 -4.00 -25.18
CA GLY A 127 24.84 -4.99 -26.01
C GLY A 127 24.86 -6.40 -25.47
N LYS A 128 24.21 -6.64 -24.32
CA LYS A 128 24.19 -7.96 -23.70
C LYS A 128 22.85 -8.68 -23.89
N GLY A 129 22.01 -8.19 -24.81
CA GLY A 129 20.68 -8.75 -24.99
C GLY A 129 20.66 -10.20 -25.45
N GLY A 130 21.71 -10.64 -26.13
CA GLY A 130 21.74 -12.01 -26.62
C GLY A 130 21.01 -12.22 -27.94
N ASN A 131 21.12 -11.26 -28.85
CA ASN A 131 20.59 -11.41 -30.20
C ASN A 131 21.33 -10.42 -31.10
N GLU A 132 20.76 -10.17 -32.28
CA GLU A 132 21.41 -9.32 -33.28
C GLU A 132 21.07 -7.84 -33.11
N GLU A 133 19.84 -7.54 -32.68
CA GLU A 133 19.42 -6.17 -32.48
C GLU A 133 20.05 -5.55 -31.23
N SER A 134 20.48 -6.37 -30.28
CA SER A 134 21.22 -5.86 -29.13
C SER A 134 22.63 -5.45 -29.50
N THR A 135 23.23 -6.13 -30.49
CA THR A 135 24.55 -5.76 -30.99
C THR A 135 24.51 -4.63 -32.00
N LYS A 136 23.33 -4.10 -32.32
CA LYS A 136 23.23 -2.93 -33.19
C LYS A 136 22.68 -1.73 -32.43
N THR A 137 21.36 -1.63 -32.28
CA THR A 137 20.75 -0.51 -31.58
C THR A 137 20.70 -0.71 -30.08
N GLY A 138 20.70 -1.96 -29.61
CA GLY A 138 20.53 -2.24 -28.20
C GLY A 138 19.10 -2.36 -27.74
N ASN A 139 18.18 -2.78 -28.62
CA ASN A 139 16.78 -3.02 -28.31
C ASN A 139 16.17 -1.92 -27.45
N ALA A 140 16.57 -0.67 -27.68
CA ALA A 140 16.03 0.45 -26.90
C ALA A 140 14.64 0.85 -27.35
N GLY A 141 14.12 0.26 -28.42
CA GLY A 141 12.78 0.58 -28.89
C GLY A 141 12.76 1.58 -30.02
N SER A 142 11.71 2.39 -30.07
CA SER A 142 11.56 3.42 -31.08
C SER A 142 12.23 4.71 -30.61
N ARG A 143 12.15 5.75 -31.43
CA ARG A 143 12.82 7.03 -31.18
C ARG A 143 11.77 8.07 -30.82
N LEU A 144 11.66 8.39 -29.53
CA LEU A 144 10.60 9.27 -29.06
C LEU A 144 10.89 10.72 -29.38
N ALA A 145 12.10 11.19 -29.08
CA ALA A 145 12.49 12.57 -29.34
C ALA A 145 13.92 12.61 -29.84
N CYS A 146 14.21 13.64 -30.66
CA CYS A 146 15.51 13.78 -31.29
C CYS A 146 15.75 15.25 -31.62
N GLY A 147 17.01 15.64 -31.59
CA GLY A 147 17.39 17.01 -31.88
C GLY A 147 18.81 17.12 -32.37
N VAL A 148 19.05 18.15 -33.16
CA VAL A 148 20.38 18.38 -33.71
C VAL A 148 21.23 19.08 -32.65
N ILE A 149 22.43 18.56 -32.43
CA ILE A 149 23.33 19.13 -31.42
C ILE A 149 24.09 20.30 -32.03
N GLY A 150 23.91 21.49 -31.45
CA GLY A 150 24.52 22.69 -31.96
C GLY A 150 25.34 23.40 -30.91
N ILE A 151 26.24 24.26 -31.39
CA ILE A 151 27.19 24.94 -30.52
C ILE A 151 26.46 25.99 -29.70
N ALA A 152 26.69 25.97 -28.38
CA ALA A 152 26.13 26.97 -27.47
C ALA A 152 27.10 28.09 -27.13
N GLN A 153 28.40 27.89 -27.35
CA GLN A 153 29.40 28.91 -27.01
C GLN A 153 30.76 28.65 -27.67
N GLN B 3 15.55 -7.89 -1.34
CA GLN B 3 15.49 -6.99 -2.49
C GLN B 3 14.91 -7.68 -3.71
N LEU B 4 15.45 -8.85 -4.02
CA LEU B 4 14.91 -9.73 -5.03
C LEU B 4 14.40 -11.00 -4.36
N GLN B 5 13.37 -11.58 -4.96
CA GLN B 5 12.69 -12.73 -4.34
C GLN B 5 12.17 -13.64 -5.45
N GLU B 6 12.99 -14.62 -5.82
CA GLU B 6 12.68 -15.53 -6.91
C GLU B 6 12.04 -16.82 -6.38
N SER B 7 11.22 -17.43 -7.22
CA SER B 7 10.48 -18.64 -6.87
C SER B 7 9.87 -19.21 -8.14
N GLY B 8 9.39 -20.45 -8.04
CA GLY B 8 8.57 -21.06 -9.08
C GLY B 8 9.22 -22.15 -9.90
N GLY B 9 10.52 -22.39 -9.75
CA GLY B 9 11.21 -23.40 -10.53
C GLY B 9 11.37 -24.72 -9.82
N GLY B 10 11.88 -25.70 -10.55
CA GLY B 10 12.12 -27.01 -9.96
C GLY B 10 12.45 -28.05 -11.01
N LEU B 11 12.03 -29.28 -10.71
CA LEU B 11 12.25 -30.40 -11.63
C LEU B 11 11.13 -30.42 -12.66
N VAL B 12 11.50 -30.68 -13.92
CA VAL B 12 10.53 -30.70 -15.02
C VAL B 12 11.07 -31.65 -16.10
N GLN B 13 10.22 -32.57 -16.57
CA GLN B 13 10.62 -33.43 -17.67
C GLN B 13 10.83 -32.62 -18.94
N PRO B 14 11.63 -33.14 -19.89
CA PRO B 14 11.74 -32.48 -21.19
C PRO B 14 10.37 -32.38 -21.86
N GLY B 15 10.03 -31.17 -22.29
CA GLY B 15 8.74 -30.91 -22.89
C GLY B 15 7.71 -30.31 -21.96
N GLY B 16 8.09 -29.94 -20.74
CA GLY B 16 7.18 -29.33 -19.79
C GLY B 16 7.17 -27.82 -19.87
N SER B 17 6.73 -27.20 -18.78
CA SER B 17 6.67 -25.75 -18.69
C SER B 17 6.87 -25.34 -17.25
N LEU B 18 7.29 -24.09 -17.05
CA LEU B 18 7.42 -23.54 -15.71
C LEU B 18 7.03 -22.07 -15.72
N ARG B 19 6.73 -21.56 -14.54
CA ARG B 19 6.37 -20.15 -14.38
C ARG B 19 7.16 -19.62 -13.19
N LEU B 20 8.21 -18.87 -13.48
CA LEU B 20 9.05 -18.28 -12.47
C LEU B 20 8.54 -16.89 -12.11
N SER B 21 8.39 -16.63 -10.82
CA SER B 21 7.99 -15.32 -10.31
C SER B 21 9.15 -14.70 -9.54
N CYS B 22 9.31 -13.39 -9.68
CA CYS B 22 10.24 -12.66 -8.85
C CYS B 22 9.58 -11.38 -8.35
N ARG B 23 9.49 -11.25 -7.03
CA ARG B 23 9.15 -9.98 -6.41
C ARG B 23 10.40 -9.12 -6.35
N ALA B 24 10.29 -7.88 -6.79
CA ALA B 24 11.39 -6.93 -6.71
C ALA B 24 10.91 -5.70 -5.99
N SER B 25 11.78 -5.14 -5.17
CA SER B 25 11.42 -3.99 -4.35
C SER B 25 10.97 -2.83 -5.24
N GLU B 26 10.27 -1.88 -4.62
CA GLU B 26 9.72 -0.76 -5.37
C GLU B 26 10.82 0.08 -6.00
N THR B 27 11.93 0.28 -5.28
CA THR B 27 13.01 1.11 -5.81
C THR B 27 13.70 0.45 -6.99
N LEU B 28 13.69 -0.88 -7.06
CA LEU B 28 14.28 -1.58 -8.21
C LEU B 28 13.28 -1.74 -9.34
N PHE B 29 12.00 -1.94 -9.02
CA PHE B 29 10.98 -2.13 -10.06
C PHE B 29 10.60 -0.82 -10.73
N SER B 30 10.71 0.32 -10.03
CA SER B 30 10.46 1.62 -10.65
C SER B 30 11.43 1.91 -11.78
N LEU B 31 12.52 1.16 -11.89
CA LEU B 31 13.42 1.30 -13.02
C LEU B 31 12.79 0.78 -14.31
N TYR B 32 11.82 -0.13 -14.21
CA TYR B 32 11.04 -0.61 -15.35
C TYR B 32 11.94 -1.07 -16.50
N ALA B 33 12.94 -1.89 -16.14
CA ALA B 33 13.86 -2.50 -17.08
C ALA B 33 14.40 -3.74 -16.39
N MET B 34 13.53 -4.74 -16.25
CA MET B 34 13.84 -5.95 -15.52
C MET B 34 14.35 -7.02 -16.49
N GLY B 35 15.00 -8.04 -15.94
CA GLY B 35 15.51 -9.11 -16.77
C GLY B 35 15.69 -10.44 -16.07
N TRP B 36 15.25 -11.50 -16.73
CA TRP B 36 15.48 -12.86 -16.28
C TRP B 36 16.74 -13.41 -16.95
N TYR B 37 17.73 -13.75 -16.13
CA TYR B 37 19.02 -14.29 -16.56
C TYR B 37 19.09 -15.77 -16.20
N ARG B 38 19.80 -16.54 -17.02
CA ARG B 38 20.04 -17.96 -16.74
C ARG B 38 21.52 -18.21 -16.44
N GLN B 39 21.78 -19.24 -15.62
CA GLN B 39 23.10 -19.47 -15.06
C GLN B 39 23.40 -20.96 -15.13
N ALA B 40 24.31 -21.35 -16.02
CA ALA B 40 24.77 -22.73 -16.02
C ALA B 40 26.10 -22.86 -15.32
N PRO B 41 26.29 -23.88 -14.49
CA PRO B 41 27.54 -23.99 -13.71
C PRO B 41 28.79 -23.97 -14.56
N GLY B 42 29.48 -22.83 -14.58
CA GLY B 42 30.69 -22.66 -15.35
C GLY B 42 30.67 -21.44 -16.26
N LYS B 43 29.49 -21.03 -16.67
CA LYS B 43 29.32 -19.97 -17.64
C LYS B 43 28.80 -18.71 -16.96
N GLN B 44 28.51 -17.70 -17.77
CA GLN B 44 28.05 -16.45 -17.19
C GLN B 44 26.52 -16.41 -17.15
N PRO B 45 25.94 -15.69 -16.18
CA PRO B 45 24.48 -15.57 -16.12
C PRO B 45 23.94 -14.72 -17.27
N GLU B 46 23.92 -15.30 -18.47
CA GLU B 46 23.54 -14.55 -19.67
C GLU B 46 22.12 -14.02 -19.57
N LEU B 47 21.90 -12.83 -20.12
CA LEU B 47 20.60 -12.18 -20.10
C LEU B 47 19.64 -12.89 -21.05
N ILE B 48 18.68 -13.62 -20.49
CA ILE B 48 17.75 -14.39 -21.30
C ILE B 48 16.64 -13.48 -21.83
N ALA B 49 15.84 -12.90 -20.92
CA ALA B 49 14.68 -12.13 -21.30
C ALA B 49 14.68 -10.78 -20.60
N THR B 50 14.18 -9.76 -21.29
CA THR B 50 14.11 -8.41 -20.77
C THR B 50 12.68 -7.89 -20.87
N ILE B 51 12.31 -7.02 -19.94
CA ILE B 51 11.02 -6.33 -19.97
C ILE B 51 11.24 -4.87 -19.61
N SER B 52 10.90 -3.97 -20.54
CA SER B 52 11.05 -2.54 -20.32
C SER B 52 10.06 -1.81 -21.21
N GLY B 53 9.64 -0.64 -20.74
CA GLY B 53 8.70 0.19 -21.49
C GLY B 53 7.50 0.59 -20.64
N GLY B 54 6.72 1.51 -21.18
CA GLY B 54 5.56 2.01 -20.49
C GLY B 54 4.37 1.07 -20.56
N GLY B 55 3.38 1.34 -19.71
CA GLY B 55 2.23 0.47 -19.64
C GLY B 55 2.62 -0.90 -19.15
N GLU B 56 2.13 -1.93 -19.84
CA GLU B 56 2.47 -3.31 -19.52
C GLU B 56 3.91 -3.65 -19.88
N GLY B 57 4.62 -2.74 -20.56
CA GLY B 57 6.00 -2.98 -20.92
C GLY B 57 6.15 -3.90 -22.12
N THR B 58 7.24 -3.73 -22.85
CA THR B 58 7.56 -4.59 -23.99
C THR B 58 8.67 -5.56 -23.59
N GLY B 59 8.56 -6.79 -24.07
CA GLY B 59 9.51 -7.85 -23.73
C GLY B 59 10.37 -8.22 -24.92
N ASN B 60 11.65 -8.45 -24.65
CA ASN B 60 12.59 -8.97 -25.63
C ASN B 60 13.18 -10.27 -25.12
N TYR B 61 13.58 -11.14 -26.06
CA TYR B 61 14.10 -12.46 -25.73
C TYR B 61 15.34 -12.74 -26.54
N ALA B 62 16.22 -13.57 -25.97
CA ALA B 62 17.46 -13.95 -26.63
C ALA B 62 17.14 -14.86 -27.83
N ASP B 63 18.17 -15.51 -28.36
CA ASP B 63 17.97 -16.43 -29.49
C ASP B 63 17.60 -17.84 -29.04
N PRO B 64 18.28 -18.45 -28.06
CA PRO B 64 17.93 -19.83 -27.70
C PRO B 64 16.55 -19.98 -27.10
N VAL B 65 15.88 -18.90 -26.68
CA VAL B 65 14.56 -19.00 -26.09
C VAL B 65 13.51 -18.22 -26.90
N LYS B 66 13.88 -17.72 -28.08
CA LYS B 66 12.96 -16.93 -28.90
C LYS B 66 11.80 -17.80 -29.37
N GLY B 67 10.60 -17.51 -28.89
CA GLY B 67 9.41 -18.26 -29.28
C GLY B 67 8.96 -19.33 -28.30
N ARG B 68 9.68 -19.50 -27.20
CA ARG B 68 9.32 -20.48 -26.18
C ARG B 68 9.01 -19.82 -24.85
N PHE B 69 9.75 -18.78 -24.49
CA PHE B 69 9.61 -18.09 -23.22
C PHE B 69 8.80 -16.80 -23.45
N THR B 70 8.13 -16.36 -22.39
CA THR B 70 7.37 -15.12 -22.44
C THR B 70 7.50 -14.40 -21.10
N ILE B 71 7.78 -13.09 -21.14
CA ILE B 71 8.02 -12.31 -19.94
C ILE B 71 6.91 -11.27 -19.79
N SER B 72 6.51 -11.00 -18.55
CA SER B 72 5.47 -10.03 -18.26
C SER B 72 5.69 -9.46 -16.88
N ARG B 73 4.87 -8.48 -16.50
CA ARG B 73 5.05 -7.80 -15.22
C ARG B 73 3.72 -7.30 -14.70
N ASN B 74 3.64 -7.24 -13.36
CA ASN B 74 2.51 -6.67 -12.63
C ASN B 74 3.04 -5.45 -11.89
N ASN B 75 2.58 -4.26 -12.30
CA ASN B 75 3.04 -3.01 -11.74
C ASN B 75 2.47 -2.75 -10.35
N ALA B 76 1.20 -3.08 -10.15
CA ALA B 76 0.59 -2.92 -8.83
C ALA B 76 1.29 -3.80 -7.80
N ASP B 77 1.83 -4.92 -8.23
CA ASP B 77 2.49 -5.87 -7.33
C ASP B 77 4.01 -5.71 -7.32
N ASN B 78 4.57 -4.98 -8.29
CA ASN B 78 6.02 -4.91 -8.48
C ASN B 78 6.60 -6.30 -8.63
N MET B 79 6.02 -7.08 -9.56
CA MET B 79 6.43 -8.47 -9.72
C MET B 79 6.65 -8.78 -11.18
N VAL B 80 7.64 -9.62 -11.47
CA VAL B 80 7.95 -10.04 -12.84
C VAL B 80 7.67 -11.53 -12.98
N PHE B 81 7.09 -11.91 -14.12
CA PHE B 81 6.72 -13.29 -14.43
C PHE B 81 7.43 -13.76 -15.69
N LEU B 82 7.89 -15.00 -15.67
CA LEU B 82 8.49 -15.66 -16.82
C LEU B 82 7.82 -17.00 -17.02
N GLN B 83 7.23 -17.22 -18.19
CA GLN B 83 6.57 -18.47 -18.53
C GLN B 83 7.41 -19.17 -19.58
N MET B 84 7.97 -20.32 -19.22
CA MET B 84 8.84 -21.09 -20.08
C MET B 84 8.07 -22.32 -20.60
N ASN B 85 7.88 -22.38 -21.91
CA ASN B 85 7.17 -23.47 -22.56
C ASN B 85 8.13 -24.23 -23.47
N ASN B 86 7.86 -25.52 -23.63
CA ASN B 86 8.69 -26.44 -24.41
C ASN B 86 10.15 -26.39 -23.93
N LEU B 87 10.32 -26.86 -22.69
CA LEU B 87 11.62 -26.81 -22.04
C LEU B 87 12.53 -27.91 -22.59
N LYS B 88 13.80 -27.56 -22.77
CA LYS B 88 14.84 -28.47 -23.25
C LYS B 88 15.92 -28.64 -22.18
N PRO B 89 16.68 -29.74 -22.24
CA PRO B 89 17.74 -29.95 -21.22
C PRO B 89 18.78 -28.86 -21.19
N GLU B 90 18.94 -28.08 -22.26
CA GLU B 90 19.90 -26.99 -22.27
C GLU B 90 19.48 -25.85 -21.35
N ASP B 91 18.21 -25.82 -20.95
CA ASP B 91 17.70 -24.78 -20.08
C ASP B 91 17.87 -25.09 -18.60
N THR B 92 18.35 -26.29 -18.25
CA THR B 92 18.67 -26.58 -16.86
C THR B 92 19.71 -25.59 -16.36
N ALA B 93 19.30 -24.72 -15.44
CA ALA B 93 20.15 -23.64 -14.96
C ALA B 93 19.50 -23.05 -13.73
N VAL B 94 20.27 -22.23 -13.03
CA VAL B 94 19.71 -21.40 -11.97
C VAL B 94 19.32 -20.06 -12.59
N TYR B 95 18.07 -19.69 -12.41
CA TYR B 95 17.52 -18.48 -13.00
C TYR B 95 17.44 -17.39 -11.94
N TYR B 96 17.88 -16.19 -12.30
CA TYR B 96 17.77 -15.03 -11.43
C TYR B 96 17.02 -13.93 -12.16
N CYS B 97 16.58 -12.94 -11.39
CA CYS B 97 15.85 -11.80 -11.94
C CYS B 97 16.47 -10.53 -11.36
N ASN B 98 16.89 -9.63 -12.25
CA ASN B 98 17.60 -8.44 -11.80
C ASN B 98 17.46 -7.35 -12.84
N VAL B 99 17.76 -6.12 -12.41
CA VAL B 99 17.67 -4.98 -13.33
C VAL B 99 18.73 -5.10 -14.41
N TYR B 100 18.40 -4.63 -15.61
CA TYR B 100 19.34 -4.54 -16.72
C TYR B 100 19.27 -3.14 -17.30
N GLY B 101 20.24 -2.82 -18.17
CA GLY B 101 20.42 -1.46 -18.65
C GLY B 101 21.15 -0.55 -17.70
N THR B 102 21.20 -0.88 -16.41
CA THR B 102 22.02 -0.16 -15.43
C THR B 102 22.78 -1.14 -14.57
N ASN B 103 23.42 -0.66 -13.51
CA ASN B 103 24.21 -1.53 -12.67
C ASN B 103 23.31 -2.59 -12.02
N LEU B 104 23.85 -3.81 -11.90
CA LEU B 104 23.08 -4.94 -11.41
C LEU B 104 22.96 -4.87 -9.90
N ALA B 105 21.73 -5.01 -9.40
CA ALA B 105 21.51 -5.10 -7.97
C ALA B 105 22.15 -6.38 -7.41
N PRO B 106 22.36 -6.44 -6.09
CA PRO B 106 22.89 -7.68 -5.51
C PRO B 106 21.99 -8.87 -5.83
N TRP B 107 22.63 -9.98 -6.17
CA TRP B 107 21.90 -11.15 -6.65
C TRP B 107 21.07 -11.79 -5.54
N GLY B 108 19.84 -12.17 -5.88
CA GLY B 108 18.98 -12.90 -4.97
C GLY B 108 19.38 -14.36 -4.87
N GLN B 109 18.46 -15.16 -4.31
CA GLN B 109 18.73 -16.59 -4.17
C GLN B 109 18.46 -17.35 -5.47
N GLY B 110 17.59 -16.83 -6.33
CA GLY B 110 17.30 -17.45 -7.61
C GLY B 110 16.37 -18.65 -7.48
N THR B 111 16.27 -19.39 -8.58
CA THR B 111 15.49 -20.63 -8.56
C THR B 111 16.15 -21.65 -9.49
N GLN B 112 16.26 -22.88 -9.01
CA GLN B 112 16.81 -23.96 -9.82
C GLN B 112 15.76 -24.49 -10.79
N VAL B 113 16.17 -24.74 -12.03
CA VAL B 113 15.29 -25.28 -13.06
C VAL B 113 16.05 -26.44 -13.72
N THR B 114 15.63 -27.66 -13.44
CA THR B 114 16.26 -28.85 -13.97
C THR B 114 15.33 -29.57 -14.94
N VAL B 115 15.90 -30.04 -16.05
CA VAL B 115 15.12 -30.63 -17.15
C VAL B 115 15.64 -32.04 -17.38
N SER B 116 14.96 -33.03 -16.81
CA SER B 116 15.31 -34.42 -17.00
C SER B 116 14.08 -35.28 -16.77
N SER B 117 14.09 -36.48 -17.35
CA SER B 117 12.95 -37.39 -17.21
C SER B 117 13.35 -38.65 -16.46
N GLN C 1 -9.80 12.01 -31.29
CA GLN C 1 -9.65 12.93 -30.16
C GLN C 1 -9.80 12.23 -28.81
N VAL C 2 -8.96 12.65 -27.85
CA VAL C 2 -8.96 12.09 -26.50
C VAL C 2 -10.15 12.65 -25.73
N GLN C 3 -11.22 11.87 -25.64
CA GLN C 3 -12.46 12.30 -24.99
C GLN C 3 -12.57 11.67 -23.60
N LEU C 4 -12.89 12.50 -22.61
CA LEU C 4 -13.02 12.08 -21.22
C LEU C 4 -14.49 12.06 -20.81
N GLN C 5 -14.76 11.37 -19.70
CA GLN C 5 -16.12 11.20 -19.22
C GLN C 5 -16.07 10.79 -17.76
N GLU C 6 -16.74 11.54 -16.88
CA GLU C 6 -16.69 11.30 -15.44
C GLU C 6 -18.02 10.73 -14.96
N SER C 7 -17.97 10.11 -13.78
CA SER C 7 -19.15 9.54 -13.15
C SER C 7 -18.84 9.33 -11.68
N GLY C 8 -19.85 8.87 -10.93
CA GLY C 8 -19.71 8.57 -9.53
C GLY C 8 -20.24 9.63 -8.59
N GLY C 9 -20.57 10.82 -9.11
CA GLY C 9 -21.04 11.88 -8.25
C GLY C 9 -22.46 11.65 -7.75
N GLY C 10 -22.82 12.43 -6.74
CA GLY C 10 -24.14 12.35 -6.15
C GLY C 10 -24.21 13.17 -4.88
N SER C 11 -25.37 13.12 -4.24
CA SER C 11 -25.60 13.81 -2.98
C SER C 11 -25.09 12.94 -1.84
N VAL C 12 -24.17 13.48 -1.04
CA VAL C 12 -23.47 12.73 -0.01
C VAL C 12 -23.56 13.50 1.30
N GLN C 13 -23.79 12.78 2.39
CA GLN C 13 -23.81 13.40 3.71
C GLN C 13 -22.43 13.92 4.08
N ALA C 14 -22.41 14.84 5.06
CA ALA C 14 -21.16 15.39 5.54
C ALA C 14 -20.33 14.34 6.26
N GLY C 15 -19.41 13.70 5.54
CA GLY C 15 -18.54 12.69 6.13
C GLY C 15 -18.56 11.36 5.39
N GLY C 16 -19.14 11.34 4.19
CA GLY C 16 -19.26 10.12 3.42
C GLY C 16 -18.01 9.82 2.58
N SER C 17 -18.11 8.75 1.82
CA SER C 17 -17.06 8.31 0.91
C SER C 17 -17.62 8.21 -0.51
N LEU C 18 -16.91 8.78 -1.47
CA LEU C 18 -17.35 8.75 -2.85
C LEU C 18 -16.17 8.39 -3.75
N ARG C 19 -16.49 7.82 -4.90
CA ARG C 19 -15.49 7.37 -5.88
C ARG C 19 -15.81 8.06 -7.19
N LEU C 20 -15.02 9.08 -7.54
CA LEU C 20 -15.17 9.79 -8.80
C LEU C 20 -14.26 9.14 -9.83
N ALA C 21 -14.85 8.34 -10.72
CA ALA C 21 -14.12 7.66 -11.77
C ALA C 21 -14.28 8.39 -13.09
N CYS C 22 -13.26 8.30 -13.94
CA CYS C 22 -13.29 8.94 -15.26
C CYS C 22 -12.59 8.01 -16.24
N VAL C 23 -13.35 7.48 -17.20
CA VAL C 23 -12.85 6.51 -18.16
C VAL C 23 -12.55 7.23 -19.46
N ALA C 24 -11.28 7.21 -19.86
CA ALA C 24 -10.88 7.83 -21.11
C ALA C 24 -11.25 6.94 -22.30
N SER C 25 -11.61 7.59 -23.41
CA SER C 25 -11.95 6.89 -24.64
C SER C 25 -11.42 7.69 -25.82
N GLY C 26 -11.08 6.98 -26.88
CA GLY C 26 -10.60 7.62 -28.09
C GLY C 26 -9.21 8.22 -27.93
N GLY C 27 -8.85 9.00 -28.94
CA GLY C 27 -7.55 9.64 -28.97
C GLY C 27 -6.44 8.68 -29.35
N ASP C 28 -5.22 9.14 -29.13
CA ASP C 28 -4.05 8.35 -29.45
C ASP C 28 -3.83 7.29 -28.38
N THR C 29 -3.87 6.01 -28.78
CA THR C 29 -3.84 4.89 -27.86
C THR C 29 -2.42 4.41 -27.56
N ARG C 30 -1.42 4.97 -28.23
CA ARG C 30 -0.06 4.47 -28.06
C ARG C 30 0.41 4.68 -26.62
N PRO C 31 1.16 3.73 -26.04
CA PRO C 31 1.43 3.80 -24.60
C PRO C 31 2.46 4.83 -24.20
N TYR C 32 3.37 5.19 -25.09
CA TYR C 32 4.41 6.17 -24.77
C TYR C 32 3.91 7.61 -24.85
N ILE C 33 2.60 7.81 -24.95
CA ILE C 33 1.99 9.13 -24.90
C ILE C 33 1.47 9.34 -23.48
N THR C 34 2.12 10.21 -22.73
CA THR C 34 1.76 10.45 -21.34
C THR C 34 1.00 11.77 -21.20
N TYR C 35 0.07 11.78 -20.24
CA TYR C 35 -0.72 12.95 -19.92
C TYR C 35 -0.55 13.28 -18.44
N TRP C 36 -1.09 14.44 -18.06
CA TRP C 36 -1.24 14.81 -16.66
C TRP C 36 -2.74 14.90 -16.44
N MET C 37 -3.31 13.89 -15.77
CA MET C 37 -4.75 13.79 -15.57
C MET C 37 -5.10 14.47 -14.25
N GLY C 38 -5.94 15.49 -14.29
CA GLY C 38 -6.31 16.22 -13.10
C GLY C 38 -7.80 16.32 -12.90
N TRP C 39 -8.22 16.31 -11.62
CA TRP C 39 -9.58 16.60 -11.22
C TRP C 39 -9.66 18.07 -10.82
N TYR C 40 -10.66 18.78 -11.34
CA TYR C 40 -10.83 20.20 -11.09
C TYR C 40 -12.21 20.46 -10.54
N ARG C 41 -12.29 21.44 -9.65
CA ARG C 41 -13.51 21.74 -8.90
C ARG C 41 -13.92 23.17 -9.19
N GLN C 42 -15.13 23.33 -9.75
CA GLN C 42 -15.69 24.65 -10.02
C GLN C 42 -16.93 24.82 -9.15
N ALA C 43 -16.92 25.84 -8.29
CA ALA C 43 -18.00 26.20 -7.39
C ALA C 43 -18.93 27.23 -8.05
N PRO C 44 -20.24 27.10 -7.84
CA PRO C 44 -21.18 28.03 -8.46
C PRO C 44 -20.92 29.47 -8.05
N GLY C 45 -20.33 30.25 -8.95
CA GLY C 45 -19.92 31.61 -8.65
C GLY C 45 -18.45 31.78 -8.36
N LYS C 46 -17.68 30.69 -8.32
CA LYS C 46 -16.23 30.74 -8.20
C LYS C 46 -15.60 30.19 -9.48
N GLU C 47 -14.29 30.04 -9.47
CA GLU C 47 -13.55 29.61 -10.64
C GLU C 47 -13.18 28.13 -10.51
N ARG C 48 -12.53 27.61 -11.55
CA ARG C 48 -12.06 26.22 -11.53
C ARG C 48 -10.83 26.12 -10.63
N GLU C 49 -10.93 25.32 -9.57
CA GLU C 49 -9.86 25.24 -8.56
C GLU C 49 -8.79 24.23 -8.97
N GLY C 50 -9.12 22.94 -8.90
CA GLY C 50 -8.16 21.88 -9.15
C GLY C 50 -7.70 21.23 -7.86
N VAL C 51 -8.08 19.97 -7.66
CA VAL C 51 -7.79 19.29 -6.40
C VAL C 51 -6.54 18.43 -6.52
N ALA C 52 -6.59 17.39 -7.36
CA ALA C 52 -5.50 16.43 -7.45
C ALA C 52 -5.14 16.19 -8.91
N THR C 53 -3.92 15.70 -9.11
CA THR C 53 -3.40 15.42 -10.44
C THR C 53 -2.50 14.19 -10.36
N ILE C 54 -2.39 13.48 -11.48
CA ILE C 54 -1.63 12.23 -11.53
C ILE C 54 -1.01 12.06 -12.90
N TYR C 55 0.15 11.40 -12.92
CA TYR C 55 0.91 11.18 -14.15
C TYR C 55 0.59 9.81 -14.72
N THR C 56 0.24 9.79 -16.02
CA THR C 56 -0.10 8.55 -16.70
C THR C 56 1.12 7.79 -17.21
N GLY C 57 2.32 8.31 -16.99
CA GLY C 57 3.53 7.61 -17.37
C GLY C 57 4.22 6.97 -16.19
N GLY C 58 3.81 7.35 -14.98
CA GLY C 58 4.41 6.85 -13.78
C GLY C 58 3.41 6.66 -12.66
N SER C 59 3.61 7.36 -11.54
CA SER C 59 2.74 7.23 -10.38
C SER C 59 2.85 8.45 -9.46
N GLY C 60 3.20 9.60 -10.03
CA GLY C 60 3.32 10.82 -9.25
C GLY C 60 1.98 11.48 -9.00
N THR C 61 1.65 11.68 -7.73
CA THR C 61 0.41 12.34 -7.35
C THR C 61 0.74 13.67 -6.67
N TYR C 62 -0.04 14.69 -7.00
CA TYR C 62 0.11 16.00 -6.38
C TYR C 62 -1.27 16.45 -5.93
N TYR C 63 -1.33 17.07 -4.75
CA TYR C 63 -2.59 17.57 -4.21
C TYR C 63 -2.44 19.05 -3.88
N SER C 64 -3.47 19.82 -4.19
CA SER C 64 -3.49 21.24 -3.85
C SER C 64 -3.48 21.41 -2.33
N ASP C 65 -3.34 22.65 -1.89
CA ASP C 65 -3.31 22.92 -0.47
C ASP C 65 -4.68 22.86 0.17
N SER C 66 -5.76 22.83 -0.64
CA SER C 66 -7.11 22.86 -0.09
C SER C 66 -7.58 21.49 0.38
N VAL C 67 -6.90 20.42 0.00
CA VAL C 67 -7.23 19.07 0.46
C VAL C 67 -5.97 18.41 0.99
N GLU C 68 -6.04 17.96 2.23
CA GLU C 68 -4.92 17.31 2.89
C GLU C 68 -4.92 15.82 2.55
N GLY C 69 -5.12 14.98 3.56
CA GLY C 69 -5.21 13.54 3.35
C GLY C 69 -6.65 13.09 3.28
N ARG C 70 -7.51 13.94 2.72
CA ARG C 70 -8.90 13.59 2.51
C ARG C 70 -9.13 12.97 1.14
N PHE C 71 -8.43 13.44 0.12
CA PHE C 71 -8.59 12.94 -1.23
C PHE C 71 -7.40 12.03 -1.57
N THR C 72 -7.63 11.13 -2.52
CA THR C 72 -6.57 10.25 -3.00
C THR C 72 -6.91 9.82 -4.42
N ILE C 73 -6.02 10.08 -5.35
CA ILE C 73 -6.25 9.83 -6.77
C ILE C 73 -5.33 8.71 -7.22
N SER C 74 -5.88 7.73 -7.93
CA SER C 74 -5.11 6.61 -8.45
C SER C 74 -5.48 6.39 -9.91
N GLN C 75 -4.79 5.46 -10.56
CA GLN C 75 -5.00 5.22 -11.98
C GLN C 75 -4.89 3.72 -12.29
N ASP C 76 -5.93 3.19 -12.94
CA ASP C 76 -5.85 1.90 -13.61
C ASP C 76 -5.43 2.19 -15.04
N LYS C 77 -4.14 1.97 -15.33
CA LYS C 77 -3.63 2.18 -16.68
C LYS C 77 -4.16 1.13 -17.65
N ALA C 78 -4.38 -0.09 -17.19
CA ALA C 78 -4.88 -1.16 -18.04
C ALA C 78 -6.31 -0.92 -18.49
N GLN C 79 -7.05 -0.07 -17.78
CA GLN C 79 -8.39 0.34 -18.19
C GLN C 79 -8.47 1.80 -18.59
N ARG C 80 -7.34 2.51 -18.60
CA ARG C 80 -7.28 3.94 -18.87
C ARG C 80 -8.38 4.67 -18.10
N THR C 81 -8.34 4.50 -16.78
CA THR C 81 -9.36 5.09 -15.90
C THR C 81 -8.69 5.68 -14.67
N VAL C 82 -9.09 6.89 -14.30
CA VAL C 82 -8.54 7.59 -13.15
C VAL C 82 -9.61 7.67 -12.07
N TYR C 83 -9.23 7.30 -10.84
CA TYR C 83 -10.14 7.27 -9.70
C TYR C 83 -9.75 8.35 -8.69
N LEU C 84 -10.77 8.90 -8.04
CA LEU C 84 -10.60 9.88 -6.97
C LEU C 84 -11.45 9.49 -5.77
N GLN C 85 -10.80 9.20 -4.65
CA GLN C 85 -11.49 8.82 -3.44
C GLN C 85 -11.74 10.08 -2.61
N MET C 86 -13.01 10.38 -2.34
CA MET C 86 -13.42 11.59 -1.63
C MET C 86 -14.08 11.16 -0.33
N ASN C 87 -13.32 11.18 0.76
CA ASN C 87 -13.82 10.81 2.08
C ASN C 87 -13.63 11.99 3.04
N ASP C 88 -14.28 11.90 4.19
CA ASP C 88 -14.28 12.99 5.18
C ASP C 88 -14.70 14.31 4.54
N LEU C 89 -15.72 14.22 3.68
CA LEU C 89 -16.15 15.37 2.91
C LEU C 89 -16.61 16.51 3.83
N LYS C 90 -16.46 17.73 3.33
CA LYS C 90 -16.91 18.92 4.03
C LYS C 90 -17.99 19.59 3.21
N PRO C 91 -18.90 20.35 3.86
CA PRO C 91 -20.00 20.97 3.10
C PRO C 91 -19.54 22.04 2.11
N GLU C 92 -18.26 22.41 2.11
CA GLU C 92 -17.74 23.37 1.14
C GLU C 92 -17.30 22.73 -0.15
N ASP C 93 -17.16 21.41 -0.21
CA ASP C 93 -16.78 20.72 -1.44
C ASP C 93 -17.95 20.56 -2.40
N THR C 94 -19.15 21.01 -2.03
CA THR C 94 -20.28 20.96 -2.95
C THR C 94 -19.98 21.83 -4.19
N ALA C 95 -19.64 21.19 -5.29
CA ALA C 95 -19.27 21.89 -6.51
C ALA C 95 -19.37 20.89 -7.66
N MET C 96 -19.01 21.34 -8.85
CA MET C 96 -18.98 20.47 -10.02
C MET C 96 -17.55 20.01 -10.25
N TYR C 97 -17.39 18.71 -10.50
CA TYR C 97 -16.10 18.07 -10.60
C TYR C 97 -15.87 17.64 -12.04
N TYR C 98 -14.91 18.29 -12.71
CA TYR C 98 -14.57 17.97 -14.09
C TYR C 98 -13.19 17.33 -14.13
N CYS C 99 -13.05 16.24 -14.89
CA CYS C 99 -11.74 15.62 -15.07
C CYS C 99 -11.19 16.01 -16.43
N ALA C 100 -9.90 16.34 -16.47
CA ALA C 100 -9.28 16.81 -17.69
C ALA C 100 -7.85 16.29 -17.79
N ALA C 101 -7.27 16.40 -18.98
CA ALA C 101 -5.93 15.90 -19.23
C ALA C 101 -5.09 16.94 -19.97
N GLY C 102 -3.85 17.11 -19.52
CA GLY C 102 -2.90 18.01 -20.16
C GLY C 102 -1.66 17.27 -20.61
N ASN C 103 -0.76 18.04 -21.24
CA ASN C 103 0.49 17.48 -21.72
C ASN C 103 1.32 16.92 -20.57
N GLY C 104 1.77 15.68 -20.73
CA GLY C 104 2.54 15.01 -19.69
C GLY C 104 3.88 15.66 -19.37
N ALA C 105 4.38 16.51 -20.28
CA ALA C 105 5.60 17.27 -20.04
C ALA C 105 5.31 18.64 -19.47
N LEU C 106 4.29 18.75 -18.63
CA LEU C 106 3.98 20.04 -18.02
C LEU C 106 4.96 20.34 -16.89
N PRO C 107 5.51 21.55 -16.83
CA PRO C 107 6.44 21.87 -15.74
C PRO C 107 5.73 21.87 -14.41
N PRO C 108 6.42 21.52 -13.32
CA PRO C 108 5.78 21.57 -12.00
C PRO C 108 5.25 22.96 -11.71
N GLY C 109 4.03 23.00 -11.17
CA GLY C 109 3.36 24.27 -10.95
C GLY C 109 2.26 24.51 -11.97
N ARG C 110 2.51 24.09 -13.21
CA ARG C 110 1.50 24.18 -14.26
C ARG C 110 0.70 22.89 -14.41
N ARG C 111 0.96 21.88 -13.58
CA ARG C 111 0.27 20.60 -13.70
C ARG C 111 -1.17 20.70 -13.19
N LEU C 112 -1.38 21.41 -12.09
CA LEU C 112 -2.70 21.60 -11.49
C LEU C 112 -3.28 22.97 -11.83
N SER C 113 -3.03 23.47 -13.03
CA SER C 113 -3.62 24.72 -13.47
C SER C 113 -4.58 24.46 -14.62
N PRO C 114 -5.80 25.02 -14.57
CA PRO C 114 -6.77 24.76 -15.65
C PRO C 114 -6.48 25.51 -16.93
N GLN C 115 -5.58 26.50 -16.92
CA GLN C 115 -5.23 27.19 -18.15
C GLN C 115 -4.33 26.34 -19.03
N ASN C 116 -3.44 25.56 -18.42
CA ASN C 116 -2.52 24.69 -19.16
C ASN C 116 -3.10 23.30 -19.37
N MET C 117 -4.43 23.17 -19.35
CA MET C 117 -5.12 21.89 -19.50
C MET C 117 -5.77 21.81 -20.88
N ASP C 118 -5.54 20.71 -21.58
CA ASP C 118 -6.10 20.51 -22.92
C ASP C 118 -7.57 20.09 -22.85
N THR C 119 -7.86 18.88 -23.31
CA THR C 119 -9.23 18.40 -23.39
C THR C 119 -9.87 18.36 -22.01
N TRP C 120 -11.18 18.63 -21.97
CA TRP C 120 -11.96 18.66 -20.74
C TRP C 120 -13.10 17.64 -20.81
N GLY C 121 -13.56 17.22 -19.64
CA GLY C 121 -14.64 16.28 -19.55
C GLY C 121 -16.00 16.94 -19.42
N PRO C 122 -17.08 16.15 -19.45
CA PRO C 122 -18.42 16.72 -19.30
C PRO C 122 -18.67 17.27 -17.90
N GLY C 123 -18.34 16.51 -16.88
CA GLY C 123 -18.48 16.99 -15.52
C GLY C 123 -19.69 16.38 -14.83
N THR C 124 -19.57 16.22 -13.50
CA THR C 124 -20.66 15.71 -12.68
C THR C 124 -20.70 16.49 -11.38
N GLN C 125 -21.89 16.57 -10.79
CA GLN C 125 -22.11 17.35 -9.58
C GLN C 125 -21.94 16.47 -8.36
N VAL C 126 -21.13 16.93 -7.41
CA VAL C 126 -20.93 16.25 -6.13
C VAL C 126 -21.26 17.27 -5.04
N THR C 127 -22.46 17.16 -4.49
CA THR C 127 -22.91 18.07 -3.44
C THR C 127 -22.75 17.42 -2.07
N VAL C 128 -22.30 18.20 -1.09
CA VAL C 128 -22.11 17.75 0.27
C VAL C 128 -22.97 18.60 1.18
N SER C 129 -23.91 17.96 1.88
CA SER C 129 -24.79 18.64 2.83
C SER C 129 -24.31 18.39 4.24
N SER C 130 -24.42 19.42 5.08
CA SER C 130 -24.06 19.29 6.49
C SER C 130 -25.30 19.03 7.34
N LEU D 4 47.38 1.03 -16.07
CA LEU D 4 47.34 1.58 -14.71
C LEU D 4 48.47 1.02 -13.88
N GLN D 5 49.62 1.68 -13.93
CA GLN D 5 50.78 1.24 -13.16
C GLN D 5 50.76 1.87 -11.78
N GLU D 6 51.05 1.07 -10.76
CA GLU D 6 51.04 1.55 -9.38
C GLU D 6 52.44 1.48 -8.79
N SER D 7 52.72 2.44 -7.89
CA SER D 7 54.02 2.59 -7.26
C SER D 7 53.83 3.07 -5.84
N GLY D 8 54.77 2.69 -4.97
CA GLY D 8 54.70 3.00 -3.56
C GLY D 8 54.00 1.91 -2.77
N GLY D 9 54.05 2.06 -1.46
CA GLY D 9 53.36 1.15 -0.57
C GLY D 9 54.33 0.27 0.22
N GLY D 10 53.75 -0.65 0.98
CA GLY D 10 54.53 -1.54 1.80
C GLY D 10 53.98 -1.66 3.20
N LEU D 11 54.81 -1.38 4.19
CA LEU D 11 54.45 -1.54 5.60
C LEU D 11 54.69 -0.24 6.35
N VAL D 12 53.89 -0.04 7.39
CA VAL D 12 54.04 1.12 8.27
C VAL D 12 53.50 0.76 9.65
N GLN D 13 53.80 1.60 10.64
CA GLN D 13 53.34 1.37 11.99
C GLN D 13 52.06 2.16 12.27
N ALA D 14 51.43 1.88 13.41
CA ALA D 14 50.21 2.58 13.80
C ALA D 14 50.47 4.07 13.99
N GLY D 15 50.13 4.86 12.99
CA GLY D 15 50.40 6.29 13.03
C GLY D 15 51.52 6.76 12.13
N GLY D 16 51.90 5.99 11.13
CA GLY D 16 52.90 6.38 10.17
C GLY D 16 52.30 7.08 8.97
N SER D 17 52.99 6.96 7.83
CA SER D 17 52.56 7.61 6.60
C SER D 17 52.93 6.75 5.40
N LEU D 18 52.36 7.10 4.25
CA LEU D 18 52.62 6.40 3.00
C LEU D 18 52.04 7.24 1.85
N ARG D 19 52.60 7.05 0.66
CA ARG D 19 52.14 7.77 -0.52
C ARG D 19 52.17 6.85 -1.74
N LEU D 20 50.99 6.60 -2.31
CA LEU D 20 50.85 5.76 -3.49
C LEU D 20 50.67 6.62 -4.74
N SER D 21 51.11 6.09 -5.88
CA SER D 21 51.02 6.79 -7.15
C SER D 21 50.56 5.83 -8.24
N CYS D 22 49.65 6.31 -9.10
CA CYS D 22 49.13 5.51 -10.20
C CYS D 22 49.21 6.32 -11.48
N ALA D 23 49.92 5.78 -12.48
CA ALA D 23 50.07 6.42 -13.78
C ALA D 23 49.23 5.65 -14.80
N ALA D 24 48.36 6.39 -15.50
CA ALA D 24 47.48 5.79 -16.50
C ALA D 24 48.27 5.49 -17.76
N SER D 25 48.36 4.22 -18.11
CA SER D 25 49.25 3.76 -19.17
C SER D 25 48.45 3.11 -20.29
N GLY D 26 48.72 3.53 -21.52
CA GLY D 26 48.11 2.90 -22.68
C GLY D 26 46.60 2.94 -22.68
N LEU D 27 46.02 4.05 -22.23
CA LEU D 27 44.56 4.12 -22.23
C LEU D 27 44.07 4.70 -23.55
N PRO D 28 43.08 4.08 -24.19
CA PRO D 28 42.59 4.62 -25.46
C PRO D 28 41.99 6.02 -25.35
N TYR D 29 41.21 6.27 -24.31
CA TYR D 29 40.53 7.54 -24.12
C TYR D 29 41.09 8.23 -22.87
N ARG D 30 40.65 9.46 -22.63
CA ARG D 30 41.11 10.21 -21.47
C ARG D 30 40.36 9.75 -20.21
N THR D 31 40.85 10.21 -19.07
CA THR D 31 40.32 9.79 -17.79
C THR D 31 39.10 10.61 -17.40
N VAL D 32 38.07 9.93 -16.89
CA VAL D 32 36.92 10.58 -16.29
C VAL D 32 37.00 10.59 -14.78
N PHE D 33 37.41 9.47 -14.16
CA PHE D 33 37.49 9.39 -12.71
C PHE D 33 38.57 8.38 -12.35
N MET D 34 39.66 8.86 -11.78
CA MET D 34 40.78 8.00 -11.40
C MET D 34 40.97 8.07 -9.90
N GLY D 35 41.31 6.94 -9.29
CA GLY D 35 41.44 6.92 -7.85
C GLY D 35 41.88 5.56 -7.35
N TRP D 36 41.56 5.33 -6.07
CA TRP D 36 42.05 4.17 -5.33
C TRP D 36 40.89 3.53 -4.56
N PHE D 37 40.80 2.21 -4.70
CA PHE D 37 39.99 1.33 -3.88
C PHE D 37 40.92 0.45 -3.04
N ARG D 38 40.34 -0.30 -2.11
CA ARG D 38 41.15 -1.16 -1.26
C ARG D 38 40.35 -2.38 -0.85
N GLN D 39 41.07 -3.48 -0.63
CA GLN D 39 40.49 -4.74 -0.18
C GLN D 39 41.21 -5.15 1.10
N GLY D 40 40.49 -5.14 2.22
CA GLY D 40 41.05 -5.53 3.49
C GLY D 40 41.20 -7.04 3.59
N PRO D 41 41.77 -7.52 4.69
CA PRO D 41 42.03 -8.96 4.81
C PRO D 41 40.74 -9.76 4.96
N GLY D 42 40.18 -10.20 3.83
CA GLY D 42 38.90 -10.87 3.85
C GLY D 42 37.70 -9.96 3.82
N LYS D 43 37.79 -8.82 3.13
CA LYS D 43 36.70 -7.86 3.03
C LYS D 43 36.46 -7.53 1.57
N GLU D 44 35.40 -6.75 1.31
CA GLU D 44 35.10 -6.37 -0.05
C GLU D 44 35.95 -5.18 -0.50
N ARG D 45 36.13 -5.06 -1.81
CA ARG D 45 36.86 -3.94 -2.41
C ARG D 45 36.05 -2.67 -2.16
N GLU D 46 36.48 -1.86 -1.19
CA GLU D 46 35.76 -0.66 -0.80
C GLU D 46 36.45 0.59 -1.30
N GLY D 47 35.65 1.58 -1.69
CA GLY D 47 36.19 2.78 -2.31
C GLY D 47 36.93 3.64 -1.31
N VAL D 48 38.16 4.00 -1.64
CA VAL D 48 38.99 4.81 -0.76
C VAL D 48 38.87 6.28 -1.13
N ALA D 49 39.39 6.65 -2.30
CA ALA D 49 39.42 8.06 -2.66
C ALA D 49 39.60 8.20 -4.16
N VAL D 50 38.72 8.96 -4.82
CA VAL D 50 38.76 9.15 -6.27
C VAL D 50 38.74 10.64 -6.58
N ILE D 51 39.10 10.96 -7.82
CA ILE D 51 39.20 12.35 -8.26
C ILE D 51 38.85 12.43 -9.75
N ASN D 52 38.21 13.55 -10.12
CA ASN D 52 37.73 13.81 -11.47
C ASN D 52 38.88 14.22 -12.39
N ALA D 53 38.54 14.48 -13.65
CA ALA D 53 39.53 14.98 -14.59
C ALA D 53 39.90 16.43 -14.30
N ASP D 54 39.04 17.19 -13.61
CA ASP D 54 39.31 18.60 -13.39
C ASP D 54 40.39 18.85 -12.33
N GLY D 55 40.68 17.86 -11.49
CA GLY D 55 41.72 18.00 -10.50
C GLY D 55 41.29 18.57 -9.17
N VAL D 56 39.99 18.81 -8.97
CA VAL D 56 39.51 19.37 -7.72
C VAL D 56 38.35 18.53 -7.20
N SER D 57 37.48 18.06 -8.10
CA SER D 57 36.39 17.20 -7.69
C SER D 57 36.93 15.90 -7.11
N THR D 58 36.82 15.73 -5.79
CA THR D 58 37.29 14.56 -5.10
C THR D 58 36.13 13.90 -4.37
N TYR D 59 36.31 12.62 -4.05
CA TYR D 59 35.30 11.87 -3.31
C TYR D 59 36.00 10.85 -2.42
N TYR D 60 35.73 10.91 -1.12
CA TYR D 60 36.41 10.10 -0.13
C TYR D 60 35.42 9.19 0.59
N ALA D 61 35.96 8.10 1.11
CA ALA D 61 35.19 7.25 2.00
C ALA D 61 35.08 7.89 3.38
N ASP D 62 34.06 7.46 4.13
CA ASP D 62 33.85 7.96 5.47
C ASP D 62 34.83 7.37 6.47
N SER D 63 35.39 6.19 6.18
CA SER D 63 36.44 5.61 7.01
C SER D 63 37.76 6.36 6.85
N VAL D 64 38.03 6.88 5.66
CA VAL D 64 39.27 7.60 5.36
C VAL D 64 39.03 9.09 5.27
N LYS D 65 37.83 9.57 5.60
CA LYS D 65 37.57 11.00 5.57
C LYS D 65 38.44 11.73 6.59
N GLY D 66 39.04 12.84 6.14
CA GLY D 66 39.93 13.62 6.97
C GLY D 66 41.34 13.11 7.01
N ARG D 67 41.52 11.80 6.80
CA ARG D 67 42.83 11.17 6.94
C ARG D 67 43.58 11.07 5.62
N PHE D 68 42.97 10.47 4.60
CA PHE D 68 43.64 10.28 3.33
C PHE D 68 43.50 11.54 2.49
N THR D 69 44.31 11.62 1.42
CA THR D 69 44.28 12.80 0.56
C THR D 69 44.68 12.41 -0.86
N ILE D 70 43.75 12.57 -1.81
CA ILE D 70 44.01 12.27 -3.21
C ILE D 70 44.34 13.56 -3.95
N SER D 71 45.27 13.46 -4.90
CA SER D 71 45.68 14.57 -5.74
C SER D 71 46.01 14.01 -7.12
N GLN D 72 46.18 14.90 -8.09
CA GLN D 72 46.49 14.51 -9.46
C GLN D 72 47.62 15.37 -10.00
N ASP D 73 48.54 14.74 -10.73
CA ASP D 73 49.65 15.47 -11.33
C ASP D 73 49.40 15.88 -12.77
N ASN D 74 48.51 15.19 -13.48
CA ASN D 74 48.07 15.60 -14.82
C ASN D 74 49.21 15.66 -15.83
N ALA D 75 50.34 16.26 -15.44
CA ALA D 75 51.54 16.23 -16.27
C ALA D 75 51.89 14.80 -16.68
N LYS D 76 51.93 13.90 -15.71
CA LYS D 76 52.16 12.48 -15.96
C LYS D 76 50.86 11.68 -15.80
N ASN D 77 49.72 12.34 -16.02
CA ASN D 77 48.38 11.85 -15.66
C ASN D 77 48.42 10.85 -14.51
N THR D 78 49.16 11.21 -13.47
CA THR D 78 49.36 10.39 -12.29
C THR D 78 48.48 10.90 -11.16
N VAL D 79 47.91 9.97 -10.40
CA VAL D 79 47.13 10.29 -9.22
C VAL D 79 47.88 9.78 -8.00
N TYR D 80 48.01 10.64 -6.98
CA TYR D 80 48.66 10.28 -5.73
C TYR D 80 47.63 10.19 -4.61
N LEU D 81 47.86 9.24 -3.71
CA LEU D 81 47.07 9.11 -2.49
C LEU D 81 48.03 9.14 -1.31
N GLN D 82 47.90 10.15 -0.47
CA GLN D 82 48.68 10.26 0.76
C GLN D 82 47.84 9.74 1.91
N MET D 83 48.30 8.67 2.54
CA MET D 83 47.60 8.03 3.65
C MET D 83 48.46 8.17 4.90
N ASN D 84 47.93 8.84 5.91
CA ASN D 84 48.66 9.14 7.13
C ASN D 84 47.92 8.58 8.34
N SER D 85 48.67 8.40 9.43
CA SER D 85 48.13 7.85 10.67
C SER D 85 47.36 6.55 10.39
N LEU D 86 47.94 5.71 9.53
CA LEU D 86 47.25 4.53 9.07
C LEU D 86 46.89 3.63 10.25
N LYS D 87 45.65 3.22 10.30
CA LYS D 87 45.19 2.31 11.34
C LYS D 87 45.34 0.86 10.88
N PRO D 88 45.33 -0.10 11.81
CA PRO D 88 45.39 -1.52 11.40
C PRO D 88 44.25 -1.94 10.49
N GLU D 89 43.17 -1.17 10.41
CA GLU D 89 42.12 -1.44 9.44
C GLU D 89 42.52 -1.05 8.04
N ASP D 90 43.56 -0.22 7.89
CA ASP D 90 44.07 0.20 6.59
C ASP D 90 44.93 -0.86 5.93
N THR D 91 45.05 -2.05 6.52
CA THR D 91 45.76 -3.16 5.89
C THR D 91 44.94 -3.64 4.71
N ALA D 92 45.42 -3.37 3.49
CA ALA D 92 44.61 -3.66 2.32
C ALA D 92 45.50 -3.76 1.09
N ILE D 93 45.08 -4.63 0.16
CA ILE D 93 45.56 -4.53 -1.21
C ILE D 93 44.85 -3.34 -1.84
N TYR D 94 45.62 -2.30 -2.17
CA TYR D 94 45.08 -1.10 -2.77
C TYR D 94 45.10 -1.24 -4.29
N HIS D 95 43.95 -1.04 -4.92
CA HIS D 95 43.78 -1.21 -6.35
C HIS D 95 43.51 0.14 -6.98
N CYS D 96 44.24 0.47 -8.05
CA CYS D 96 44.00 1.71 -8.77
C CYS D 96 42.83 1.51 -9.72
N ALA D 97 42.05 2.57 -9.92
CA ALA D 97 40.82 2.49 -10.69
C ALA D 97 40.72 3.68 -11.62
N ALA D 98 40.16 3.44 -12.81
CA ALA D 98 40.01 4.45 -13.85
C ALA D 98 38.61 4.36 -14.47
N ASN D 99 38.31 5.34 -15.32
CA ASN D 99 37.00 5.45 -15.96
C ASN D 99 37.12 6.24 -17.25
N HIS D 100 36.33 5.83 -18.25
CA HIS D 100 36.09 6.64 -19.44
C HIS D 100 34.65 7.12 -19.51
N PHE D 101 33.86 6.86 -18.48
CA PHE D 101 32.46 7.26 -18.42
C PHE D 101 32.03 7.25 -16.97
N PHE D 102 31.08 8.11 -16.62
CA PHE D 102 30.56 8.10 -15.27
C PHE D 102 29.18 8.77 -15.22
N ASP D 103 28.21 8.07 -14.64
CA ASP D 103 26.88 8.63 -14.39
C ASP D 103 26.90 9.27 -13.01
N TYR D 104 26.73 10.60 -12.97
CA TYR D 104 26.81 11.35 -11.73
C TYR D 104 25.68 11.02 -10.76
N SER D 105 24.60 10.38 -11.23
CA SER D 105 23.52 9.96 -10.35
C SER D 105 23.82 8.66 -9.62
N ARG D 106 25.04 8.14 -9.71
CA ARG D 106 25.47 6.91 -9.05
C ARG D 106 26.56 7.22 -8.04
N ASP D 107 27.10 6.16 -7.43
CA ASP D 107 28.11 6.30 -6.38
C ASP D 107 29.50 6.44 -7.01
N PRO D 108 30.25 7.51 -6.71
CA PRO D 108 31.62 7.60 -7.22
C PRO D 108 32.60 6.75 -6.44
N LEU D 109 32.10 5.77 -5.67
CA LEU D 109 32.97 4.93 -4.86
C LEU D 109 32.59 3.46 -4.93
N ALA D 110 31.92 3.03 -5.98
CA ALA D 110 31.52 1.63 -6.13
C ALA D 110 32.40 0.94 -7.15
N THR D 111 32.71 -0.34 -6.88
CA THR D 111 33.47 -1.12 -7.85
C THR D 111 32.68 -1.35 -9.13
N ALA D 112 31.35 -1.26 -9.07
CA ALA D 112 30.52 -1.45 -10.25
C ALA D 112 30.67 -0.32 -11.26
N GLU D 113 31.23 0.81 -10.85
CA GLU D 113 31.30 2.01 -11.68
C GLU D 113 32.61 2.14 -12.45
N TYR D 114 33.51 1.17 -12.37
CA TYR D 114 34.83 1.29 -12.97
C TYR D 114 35.20 -0.01 -13.67
N ASN D 115 35.76 0.10 -14.87
CA ASN D 115 36.15 -1.08 -15.65
C ASN D 115 37.66 -1.25 -15.80
N TYR D 116 38.44 -0.20 -15.62
CA TYR D 116 39.90 -0.27 -15.74
C TYR D 116 40.52 -0.39 -14.35
N TRP D 117 41.33 -1.43 -14.16
CA TRP D 117 41.95 -1.73 -12.88
C TRP D 117 43.43 -2.06 -13.07
N GLY D 118 44.20 -1.90 -12.00
CA GLY D 118 45.62 -2.11 -12.02
C GLY D 118 46.06 -3.34 -11.24
N GLN D 119 47.38 -3.53 -11.18
CA GLN D 119 47.95 -4.68 -10.51
C GLN D 119 47.54 -4.73 -9.03
N GLY D 120 47.70 -3.62 -8.33
CA GLY D 120 47.31 -3.56 -6.93
C GLY D 120 48.47 -3.75 -5.98
N THR D 121 48.82 -2.70 -5.22
CA THR D 121 49.89 -2.78 -4.24
C THR D 121 49.34 -3.24 -2.89
N GLN D 122 50.22 -3.34 -1.90
CA GLN D 122 49.85 -3.78 -0.56
C GLN D 122 50.27 -2.72 0.44
N VAL D 123 49.34 -2.30 1.30
CA VAL D 123 49.63 -1.32 2.35
C VAL D 123 49.17 -1.90 3.67
N THR D 124 50.13 -2.25 4.53
CA THR D 124 49.85 -2.94 5.77
C THR D 124 50.37 -2.09 6.94
N VAL D 125 49.67 -2.18 8.07
CA VAL D 125 49.92 -1.34 9.24
C VAL D 125 50.04 -2.25 10.45
N SER D 126 50.93 -1.91 11.38
CA SER D 126 51.17 -2.75 12.55
C SER D 126 50.19 -2.40 13.67
N SER D 127 50.36 -3.05 14.81
CA SER D 127 49.55 -2.81 16.01
C SER D 127 48.06 -3.06 15.75
N ALA E 1 34.01 15.06 -49.76
CA ALA E 1 32.61 15.38 -50.05
C ALA E 1 31.77 15.37 -48.78
N THR E 2 32.04 16.30 -47.87
CA THR E 2 31.21 16.43 -46.68
C THR E 2 29.86 17.02 -47.07
N LYS E 3 28.80 16.37 -46.60
CA LYS E 3 27.44 16.84 -46.84
C LYS E 3 26.80 17.23 -45.52
N ALA E 4 25.92 18.23 -45.58
CA ALA E 4 25.19 18.67 -44.40
C ALA E 4 23.79 19.07 -44.84
N VAL E 5 22.88 19.11 -43.88
CA VAL E 5 21.49 19.46 -44.14
C VAL E 5 21.02 20.37 -43.01
N CYS E 6 19.99 21.14 -43.28
CA CYS E 6 19.38 21.97 -42.26
C CYS E 6 17.89 22.11 -42.52
N VAL E 7 17.10 21.96 -41.47
CA VAL E 7 15.65 22.04 -41.52
C VAL E 7 15.26 23.34 -40.82
N LEU E 8 14.89 24.36 -41.59
CA LEU E 8 14.43 25.62 -41.02
C LEU E 8 12.96 25.49 -40.66
N LYS E 9 12.66 25.52 -39.36
CA LYS E 9 11.31 25.58 -38.86
C LYS E 9 11.14 26.87 -38.06
N GLY E 10 9.91 27.38 -38.05
CA GLY E 10 9.64 28.61 -37.34
C GLY E 10 8.22 28.64 -36.79
N ASP E 11 7.99 29.58 -35.87
CA ASP E 11 6.65 29.75 -35.33
C ASP E 11 5.64 30.03 -36.43
N GLY E 12 6.02 30.84 -37.42
CA GLY E 12 5.16 31.14 -38.54
C GLY E 12 5.17 30.04 -39.59
N PRO E 13 4.44 30.28 -40.67
CA PRO E 13 4.32 29.25 -41.71
C PRO E 13 5.62 28.95 -42.42
N VAL E 14 6.61 29.83 -42.29
CA VAL E 14 7.88 29.67 -42.99
C VAL E 14 8.52 28.36 -42.58
N GLN E 15 8.87 27.54 -43.57
CA GLN E 15 9.61 26.31 -43.31
C GLN E 15 10.34 25.90 -44.58
N GLY E 16 11.47 25.23 -44.40
CA GLY E 16 12.27 24.89 -45.57
C GLY E 16 13.39 23.92 -45.24
N ILE E 17 14.09 23.53 -46.29
CA ILE E 17 15.20 22.60 -46.23
C ILE E 17 16.35 23.20 -47.04
N ILE E 18 17.56 23.17 -46.48
CA ILE E 18 18.74 23.72 -47.15
C ILE E 18 19.88 22.73 -46.98
N ASN E 19 20.36 22.18 -48.10
CA ASN E 19 21.47 21.24 -48.13
C ASN E 19 22.77 21.98 -48.46
N PHE E 20 23.87 21.38 -47.99
CA PHE E 20 25.21 21.94 -48.11
C PHE E 20 26.13 20.83 -48.59
N GLU E 21 26.94 21.12 -49.60
CA GLU E 21 27.91 20.14 -50.09
C GLU E 21 29.29 20.78 -50.20
N GLN E 22 30.33 20.00 -49.89
CA GLN E 22 31.71 20.45 -50.07
C GLN E 22 32.54 19.28 -50.57
N LYS E 23 33.02 19.38 -51.81
CA LYS E 23 33.82 18.32 -52.42
C LYS E 23 35.24 18.28 -51.86
N GLU E 24 36.00 19.37 -52.04
CA GLU E 24 37.36 19.45 -51.54
C GLU E 24 37.41 20.21 -50.23
N SER E 25 38.29 19.77 -49.34
CA SER E 25 38.51 20.45 -48.06
C SER E 25 38.85 21.91 -48.30
N ASN E 26 38.22 22.79 -47.52
CA ASN E 26 38.47 24.23 -47.57
C ASN E 26 38.36 24.78 -49.00
N GLY E 27 37.39 24.22 -49.74
CA GLY E 27 37.07 24.70 -51.07
C GLY E 27 35.71 25.37 -51.10
N PRO E 28 35.09 25.41 -52.27
CA PRO E 28 33.73 25.95 -52.36
C PRO E 28 32.73 25.07 -51.65
N VAL E 29 31.64 25.69 -51.19
CA VAL E 29 30.51 25.02 -50.58
C VAL E 29 29.26 25.39 -51.36
N LYS E 30 28.52 24.38 -51.82
CA LYS E 30 27.25 24.58 -52.48
C LYS E 30 26.14 24.63 -51.42
N VAL E 31 25.25 25.59 -51.55
CA VAL E 31 24.14 25.82 -50.65
C VAL E 31 22.88 25.80 -51.51
N TRP E 32 22.11 24.71 -51.45
CA TRP E 32 20.93 24.63 -52.30
C TRP E 32 19.76 24.02 -51.53
N GLY E 33 18.57 24.51 -51.81
CA GLY E 33 17.38 24.01 -51.15
C GLY E 33 16.19 24.88 -51.50
N SER E 34 15.14 24.71 -50.70
CA SER E 34 13.92 25.49 -50.92
C SER E 34 13.29 25.85 -49.58
N ILE E 35 12.78 27.07 -49.51
CA ILE E 35 11.98 27.55 -48.39
C ILE E 35 10.61 27.92 -48.94
N LYS E 36 9.60 27.83 -48.07
CA LYS E 36 8.24 28.20 -48.46
C LYS E 36 7.54 28.82 -47.27
N GLY E 37 6.49 29.58 -47.56
CA GLY E 37 5.76 30.32 -46.55
C GLY E 37 6.18 31.75 -46.38
N LEU E 38 7.25 32.19 -47.06
CA LEU E 38 7.74 33.55 -46.93
C LEU E 38 6.80 34.51 -47.65
N THR E 39 7.00 35.80 -47.43
CA THR E 39 6.35 36.78 -48.28
C THR E 39 7.09 36.87 -49.60
N GLU E 40 6.39 37.38 -50.61
CA GLU E 40 7.02 37.60 -51.91
C GLU E 40 8.05 38.72 -51.79
N GLY E 41 9.29 38.42 -52.17
CA GLY E 41 10.34 39.41 -52.17
C GLY E 41 11.61 38.87 -51.54
N LEU E 42 12.44 39.79 -51.05
CA LEU E 42 13.71 39.42 -50.44
C LEU E 42 13.53 39.07 -48.96
N HIS E 43 14.40 38.18 -48.48
CA HIS E 43 14.43 37.80 -47.08
C HIS E 43 15.87 37.61 -46.65
N GLY E 44 16.12 37.80 -45.35
CA GLY E 44 17.47 37.72 -44.82
C GLY E 44 17.88 36.29 -44.51
N PHE E 45 19.11 35.95 -44.91
CA PHE E 45 19.59 34.57 -44.91
C PHE E 45 21.00 34.56 -44.30
N HIS E 46 21.14 34.04 -43.10
CA HIS E 46 22.42 34.16 -42.39
C HIS E 46 22.74 32.90 -41.60
N VAL E 47 24.02 32.73 -41.29
CA VAL E 47 24.50 31.66 -40.43
C VAL E 47 24.88 32.31 -39.11
N HIS E 48 23.97 32.23 -38.15
CA HIS E 48 24.24 32.69 -36.79
C HIS E 48 25.10 31.66 -36.08
N GLU E 49 26.00 32.17 -35.22
CA GLU E 49 27.01 31.34 -34.59
C GLU E 49 26.43 30.20 -33.76
N PHE E 50 25.71 30.54 -32.70
CA PHE E 50 25.27 29.54 -31.74
C PHE E 50 24.16 28.68 -32.32
N GLY E 51 24.33 27.36 -32.23
CA GLY E 51 23.31 26.41 -32.62
C GLY E 51 22.31 26.18 -31.50
N ASP E 52 21.96 27.26 -30.81
CA ASP E 52 21.02 27.19 -29.69
C ASP E 52 19.59 27.36 -30.20
N ASN E 53 18.68 26.62 -29.57
CA ASN E 53 17.28 26.71 -29.97
C ASN E 53 16.34 26.62 -28.77
N THR E 54 16.85 26.84 -27.55
CA THR E 54 16.01 26.72 -26.36
C THR E 54 14.92 27.77 -26.34
N ALA E 55 15.29 29.04 -26.55
CA ALA E 55 14.35 30.14 -26.63
C ALA E 55 14.11 30.57 -28.07
N GLY E 56 14.02 29.62 -29.00
CA GLY E 56 13.75 29.92 -30.39
C GLY E 56 14.98 30.41 -31.15
N CYS E 57 14.69 31.02 -32.31
CA CYS E 57 15.76 31.54 -33.15
C CYS E 57 16.57 32.62 -32.42
N THR E 58 15.96 33.28 -31.44
CA THR E 58 16.68 34.27 -30.64
C THR E 58 17.87 33.65 -29.91
N SER E 59 17.75 32.38 -29.52
CA SER E 59 18.87 31.68 -28.88
C SER E 59 20.07 31.55 -29.82
N ALA E 60 19.85 31.70 -31.13
CA ALA E 60 20.91 31.48 -32.12
C ALA E 60 22.05 32.47 -31.97
N GLY E 61 21.80 33.64 -31.37
CA GLY E 61 22.83 34.64 -31.18
C GLY E 61 23.05 35.48 -32.42
N PRO E 62 24.17 36.19 -32.46
CA PRO E 62 24.51 37.01 -33.64
C PRO E 62 25.11 36.15 -34.75
N HIS E 63 25.49 36.81 -35.84
CA HIS E 63 26.02 36.10 -36.99
C HIS E 63 27.39 35.51 -36.69
N PHE E 64 27.65 34.35 -37.29
CA PHE E 64 28.93 33.66 -37.15
C PHE E 64 30.06 34.56 -37.64
N ASN E 65 30.82 35.10 -36.70
CA ASN E 65 31.97 35.95 -37.01
C ASN E 65 33.16 35.47 -36.20
N PRO E 66 33.97 34.57 -36.76
CA PRO E 66 35.23 34.22 -36.11
C PRO E 66 36.36 35.18 -36.44
N LEU E 67 36.22 36.01 -37.47
CA LEU E 67 37.28 36.93 -37.86
C LEU E 67 37.08 38.35 -37.31
N SER E 68 36.05 38.59 -36.52
CA SER E 68 35.78 39.90 -35.92
C SER E 68 35.80 41.00 -36.99
N ARG E 69 34.82 40.89 -37.89
CA ARG E 69 34.60 41.87 -38.95
C ARG E 69 33.17 42.37 -38.89
N LYS E 70 32.91 43.48 -39.59
CA LYS E 70 31.59 44.08 -39.64
C LYS E 70 30.70 43.31 -40.61
N HIS E 71 29.47 43.80 -40.80
CA HIS E 71 28.56 43.15 -41.73
C HIS E 71 28.77 43.67 -43.16
N GLY E 72 28.42 42.83 -44.12
CA GLY E 72 28.46 43.22 -45.52
C GLY E 72 27.72 42.20 -46.35
N GLY E 73 27.65 42.48 -47.65
CA GLY E 73 27.13 41.53 -48.59
C GLY E 73 28.06 40.35 -48.72
N PRO E 74 27.55 39.23 -49.23
CA PRO E 74 28.39 38.02 -49.34
C PRO E 74 29.58 38.19 -50.25
N LYS E 75 29.46 39.03 -51.28
CA LYS E 75 30.53 39.25 -52.24
C LYS E 75 31.60 40.20 -51.75
N ASP E 76 31.36 40.94 -50.66
CA ASP E 76 32.34 41.89 -50.16
C ASP E 76 33.42 41.16 -49.37
N GLU E 77 34.45 41.91 -48.99
CA GLU E 77 35.52 41.33 -48.17
C GLU E 77 35.34 41.62 -46.69
N GLU E 78 34.75 42.75 -46.33
CA GLU E 78 34.41 43.04 -44.94
C GLU E 78 32.99 42.50 -44.71
N ARG E 79 32.92 41.34 -44.09
CA ARG E 79 31.65 40.66 -43.88
C ARG E 79 31.86 39.60 -42.81
N HIS E 80 30.76 39.08 -42.30
CA HIS E 80 30.82 37.94 -41.43
C HIS E 80 30.95 36.66 -42.26
N VAL E 81 31.54 35.64 -41.66
CA VAL E 81 31.69 34.36 -42.36
C VAL E 81 30.33 33.82 -42.75
N GLY E 82 29.35 33.93 -41.85
CA GLY E 82 28.01 33.44 -42.13
C GLY E 82 27.12 34.47 -42.79
N ASP E 83 27.70 35.40 -43.53
CA ASP E 83 26.95 36.38 -44.30
C ASP E 83 26.63 35.80 -45.67
N LEU E 84 25.36 35.43 -45.89
CA LEU E 84 24.94 34.89 -47.17
C LEU E 84 24.05 35.82 -47.97
N GLY E 85 23.56 36.89 -47.39
CA GLY E 85 22.82 37.89 -48.15
C GLY E 85 21.33 37.62 -48.09
N ASN E 86 20.70 37.56 -49.26
CA ASN E 86 19.25 37.56 -49.36
C ASN E 86 18.76 36.40 -50.23
N VAL E 87 17.59 35.88 -49.85
CA VAL E 87 16.89 34.86 -50.62
C VAL E 87 15.66 35.49 -51.25
N THR E 88 15.32 35.05 -52.45
CA THR E 88 14.23 35.61 -53.23
C THR E 88 13.07 34.61 -53.24
N ALA E 89 11.92 35.04 -52.74
CA ALA E 89 10.70 34.24 -52.73
C ALA E 89 9.74 34.81 -53.75
N ASP E 90 9.19 33.93 -54.60
CA ASP E 90 8.40 34.37 -55.74
C ASP E 90 6.99 34.78 -55.29
N LYS E 91 6.09 34.94 -56.27
CA LYS E 91 4.69 35.23 -55.98
C LYS E 91 4.09 34.16 -55.07
N ASP E 92 4.47 32.91 -55.29
CA ASP E 92 4.07 31.78 -54.47
C ASP E 92 4.86 31.69 -53.17
N GLY E 93 5.76 32.64 -52.90
CA GLY E 93 6.55 32.58 -51.69
C GLY E 93 7.45 31.37 -51.60
N VAL E 94 7.84 30.80 -52.74
CA VAL E 94 8.73 29.65 -52.78
C VAL E 94 10.12 30.20 -53.13
N ALA E 95 11.00 30.25 -52.13
CA ALA E 95 12.37 30.69 -52.32
C ALA E 95 13.23 29.47 -52.68
N ASP E 96 13.61 29.38 -53.95
CA ASP E 96 14.52 28.32 -54.40
C ASP E 96 15.93 28.85 -54.27
N VAL E 97 16.64 28.38 -53.25
CA VAL E 97 17.97 28.89 -52.93
C VAL E 97 19.01 28.03 -53.65
N SER E 98 19.82 28.68 -54.49
CA SER E 98 20.95 28.02 -55.16
C SER E 98 22.13 28.98 -55.13
N ILE E 99 23.19 28.61 -54.40
CA ILE E 99 24.30 29.50 -54.09
C ILE E 99 25.58 28.69 -53.98
N GLU E 100 26.72 29.34 -54.20
CA GLU E 100 28.05 28.74 -54.02
C GLU E 100 28.94 29.75 -53.33
N ASP E 101 29.36 29.43 -52.10
CA ASP E 101 30.19 30.34 -51.30
C ASP E 101 31.48 29.66 -50.86
N SER E 102 32.55 30.44 -50.77
CA SER E 102 33.85 29.94 -50.36
C SER E 102 34.32 30.51 -49.03
N VAL E 103 33.48 31.27 -48.34
CA VAL E 103 33.83 31.75 -47.00
C VAL E 103 33.44 30.73 -45.94
N ILE E 104 32.21 30.20 -46.01
CA ILE E 104 31.79 29.17 -45.08
C ILE E 104 32.53 27.87 -45.39
N SER E 105 32.53 26.97 -44.40
CA SER E 105 33.17 25.67 -44.59
C SER E 105 32.50 24.64 -43.70
N LEU E 106 32.60 23.38 -44.10
CA LEU E 106 32.20 22.26 -43.28
C LEU E 106 33.37 21.70 -42.47
N SER E 107 34.52 22.37 -42.52
CA SER E 107 35.71 21.90 -41.81
C SER E 107 36.64 23.08 -41.59
N GLY E 108 37.54 22.91 -40.64
CA GLY E 108 38.46 23.98 -40.29
C GLY E 108 37.83 24.99 -39.35
N ASP E 109 38.38 26.20 -39.36
CA ASP E 109 37.92 27.22 -38.43
C ASP E 109 36.55 27.78 -38.83
N HIS E 110 36.25 27.81 -40.13
CA HIS E 110 34.96 28.30 -40.60
C HIS E 110 33.90 27.20 -40.65
N CYS E 111 33.97 26.27 -39.71
CA CYS E 111 32.96 25.22 -39.58
C CYS E 111 31.60 25.84 -39.31
N ILE E 112 30.64 25.59 -40.20
CA ILE E 112 29.26 26.05 -40.00
C ILE E 112 28.34 24.93 -39.54
N ILE E 113 28.79 23.67 -39.59
CA ILE E 113 28.00 22.59 -39.03
C ILE E 113 27.77 22.85 -37.54
N GLY E 114 26.52 22.69 -37.10
CA GLY E 114 26.16 22.96 -35.73
C GLY E 114 25.78 24.40 -35.45
N ARG E 115 26.01 25.30 -36.40
CA ARG E 115 25.59 26.68 -36.27
C ARG E 115 24.21 26.86 -36.88
N THR E 116 23.50 27.91 -36.45
CA THR E 116 22.10 28.06 -36.78
C THR E 116 21.94 28.77 -38.12
N LEU E 117 21.33 28.09 -39.09
CA LEU E 117 20.85 28.78 -40.27
C LEU E 117 19.55 29.50 -39.91
N VAL E 118 19.46 30.79 -40.26
CA VAL E 118 18.31 31.61 -39.93
C VAL E 118 17.86 32.35 -41.18
N VAL E 119 16.56 32.25 -41.49
CA VAL E 119 15.93 33.07 -42.51
C VAL E 119 15.08 34.13 -41.82
N HIS E 120 15.35 35.39 -42.19
CA HIS E 120 14.86 36.60 -41.54
C HIS E 120 13.59 37.11 -42.22
N GLU E 121 13.10 38.25 -41.74
CA GLU E 121 11.80 38.76 -42.16
C GLU E 121 11.89 39.79 -43.27
N LYS E 122 12.81 40.75 -43.18
CA LYS E 122 12.97 41.77 -44.21
C LYS E 122 14.19 41.44 -45.09
N ALA E 123 14.75 42.45 -45.73
CA ALA E 123 15.86 42.27 -46.67
C ALA E 123 17.12 42.85 -46.08
N ASP E 124 18.17 42.04 -46.00
CA ASP E 124 19.48 42.51 -45.58
C ASP E 124 19.97 43.61 -46.50
N ASP E 125 20.46 44.70 -45.92
CA ASP E 125 21.00 45.81 -46.72
C ASP E 125 22.46 45.62 -47.07
N LEU E 126 23.04 44.46 -46.77
CA LEU E 126 24.44 44.14 -47.08
C LEU E 126 25.40 45.17 -46.46
N GLY E 127 25.07 45.71 -45.29
CA GLY E 127 25.93 46.64 -44.61
C GLY E 127 25.86 48.08 -45.10
N LYS E 128 25.18 48.34 -46.22
CA LYS E 128 25.15 49.67 -46.81
C LYS E 128 23.93 50.48 -46.35
N GLY E 129 23.27 50.07 -45.28
CA GLY E 129 22.08 50.76 -44.82
C GLY E 129 22.36 52.17 -44.33
N GLY E 130 23.51 52.39 -43.73
CA GLY E 130 23.85 53.71 -43.21
C GLY E 130 23.48 53.96 -41.77
N ASN E 131 23.47 52.93 -40.94
CA ASN E 131 23.22 53.08 -39.51
C ASN E 131 24.06 52.06 -38.76
N GLU E 132 24.01 52.13 -37.43
CA GLU E 132 24.77 51.20 -36.61
C GLU E 132 24.27 49.76 -36.80
N GLU E 133 22.96 49.60 -36.99
CA GLU E 133 22.40 48.26 -37.13
C GLU E 133 22.82 47.62 -38.44
N SER E 134 23.03 48.42 -39.49
CA SER E 134 23.40 47.86 -40.78
C SER E 134 24.79 47.24 -40.75
N THR E 135 25.67 47.75 -39.90
CA THR E 135 27.00 47.15 -39.72
C THR E 135 27.01 46.00 -38.73
N LYS E 136 25.87 45.70 -38.10
CA LYS E 136 25.77 44.51 -37.26
C LYS E 136 24.93 43.44 -37.92
N THR E 137 23.60 43.60 -37.91
CA THR E 137 22.70 42.60 -38.47
C THR E 137 22.26 42.90 -39.89
N GLY E 138 22.39 44.13 -40.36
CA GLY E 138 21.97 44.48 -41.70
C GLY E 138 20.51 44.85 -41.84
N ASN E 139 19.82 45.14 -40.73
CA ASN E 139 18.41 45.56 -40.75
C ASN E 139 17.53 44.50 -41.39
N ALA E 140 17.81 43.24 -41.08
CA ALA E 140 17.05 42.14 -41.69
C ALA E 140 15.68 41.94 -41.04
N GLY E 141 15.42 42.59 -39.92
CA GLY E 141 14.16 42.39 -39.23
C GLY E 141 14.21 41.23 -38.25
N SER E 142 13.07 40.56 -38.07
CA SER E 142 12.97 39.48 -37.10
C SER E 142 13.35 38.14 -37.71
N ARG E 143 13.54 37.16 -36.83
CA ARG E 143 13.90 35.80 -37.25
C ARG E 143 12.64 34.98 -37.42
N LEU E 144 12.30 34.67 -38.66
CA LEU E 144 11.10 33.88 -38.94
C LEU E 144 11.36 32.39 -38.78
N ALA E 145 12.45 31.88 -39.36
CA ALA E 145 12.72 30.45 -39.21
C ALA E 145 14.21 30.20 -39.04
N CYS E 146 14.53 29.03 -38.52
CA CYS E 146 15.90 28.68 -38.22
C CYS E 146 16.01 27.20 -37.94
N GLY E 147 17.25 26.71 -37.99
CA GLY E 147 17.52 25.31 -37.76
C GLY E 147 19.00 25.08 -37.56
N VAL E 148 19.31 24.02 -36.83
CA VAL E 148 20.70 23.63 -36.57
C VAL E 148 21.19 22.78 -37.73
N ILE E 149 22.34 23.14 -38.29
CA ILE E 149 22.87 22.46 -39.46
C ILE E 149 23.46 21.13 -39.04
N GLY E 150 22.87 20.03 -39.55
CA GLY E 150 23.31 18.69 -39.21
C GLY E 150 24.02 18.03 -40.37
N ILE E 151 24.93 17.11 -40.04
CA ILE E 151 25.67 16.38 -41.05
C ILE E 151 24.72 15.44 -41.79
N ALA E 152 24.96 15.25 -43.09
CA ALA E 152 24.12 14.39 -43.91
C ALA E 152 24.85 13.20 -44.51
N GLN E 153 26.17 13.20 -44.54
CA GLN E 153 26.93 12.12 -45.13
C GLN E 153 28.38 12.13 -44.63
N GLN F 3 12.85 51.71 -66.59
CA GLN F 3 12.71 50.74 -65.52
C GLN F 3 12.37 51.42 -64.20
N LEU F 4 13.10 52.49 -63.89
CA LEU F 4 12.85 53.32 -62.73
C LEU F 4 12.55 54.73 -63.20
N GLN F 5 11.53 55.35 -62.62
CA GLN F 5 11.05 56.65 -63.11
C GLN F 5 10.75 57.51 -61.89
N GLU F 6 11.67 58.41 -61.56
CA GLU F 6 11.58 59.25 -60.38
C GLU F 6 11.01 60.62 -60.72
N SER F 7 10.41 61.25 -59.72
CA SER F 7 9.77 62.56 -59.90
C SER F 7 9.56 63.18 -58.53
N GLY F 8 9.23 64.47 -58.53
CA GLY F 8 8.79 65.17 -57.34
C GLY F 8 9.74 66.26 -56.87
N GLY F 9 11.04 66.13 -57.15
CA GLY F 9 12.01 67.06 -56.62
C GLY F 9 11.86 68.46 -57.18
N GLY F 10 12.66 69.38 -56.62
CA GLY F 10 12.63 70.75 -57.09
C GLY F 10 13.40 71.67 -56.15
N LEU F 11 13.13 72.97 -56.31
CA LEU F 11 13.70 74.02 -55.49
C LEU F 11 12.83 74.25 -54.26
N VAL F 12 13.43 74.16 -53.07
CA VAL F 12 12.71 74.32 -51.81
C VAL F 12 13.59 75.08 -50.83
N GLN F 13 13.05 76.13 -50.24
CA GLN F 13 13.77 76.90 -49.24
C GLN F 13 14.10 76.01 -48.04
N PRO F 14 15.16 76.33 -47.30
CA PRO F 14 15.50 75.52 -46.11
C PRO F 14 14.37 75.47 -45.11
N GLY F 15 13.87 74.26 -44.85
CA GLY F 15 12.84 74.04 -43.85
C GLY F 15 11.56 73.40 -44.37
N GLY F 16 11.39 73.22 -45.68
CA GLY F 16 10.16 72.74 -46.26
C GLY F 16 10.08 71.23 -46.35
N SER F 17 9.26 70.77 -47.29
CA SER F 17 9.02 69.35 -47.49
C SER F 17 8.96 69.05 -48.97
N LEU F 18 9.14 67.78 -49.30
CA LEU F 18 8.95 67.29 -50.67
C LEU F 18 8.44 65.87 -50.62
N ARG F 19 7.82 65.45 -51.73
CA ARG F 19 7.33 64.09 -51.88
C ARG F 19 7.87 63.53 -53.18
N LEU F 20 8.95 62.76 -53.10
CA LEU F 20 9.51 62.11 -54.27
C LEU F 20 8.74 60.83 -54.55
N SER F 21 8.23 60.73 -55.77
CA SER F 21 7.52 59.55 -56.23
C SER F 21 8.40 58.77 -57.20
N CYS F 22 8.19 57.46 -57.27
CA CYS F 22 8.94 56.66 -58.22
C CYS F 22 8.05 55.51 -58.71
N ARG F 23 7.93 55.41 -60.03
CA ARG F 23 7.31 54.24 -60.67
C ARG F 23 8.41 53.25 -61.01
N ALA F 24 8.29 52.03 -60.50
CA ALA F 24 9.25 50.97 -60.77
C ALA F 24 8.53 49.82 -61.46
N SER F 25 9.23 49.17 -62.39
CA SER F 25 8.65 48.06 -63.14
C SER F 25 8.20 46.96 -62.19
N GLU F 26 7.27 46.13 -62.68
CA GLU F 26 6.76 45.04 -61.86
C GLU F 26 7.88 44.08 -61.47
N THR F 27 8.83 43.84 -62.38
CA THR F 27 9.89 42.88 -62.13
C THR F 27 10.92 43.41 -61.13
N LEU F 28 11.11 44.73 -61.05
CA LEU F 28 11.97 45.29 -60.01
C LEU F 28 11.23 45.48 -58.69
N PHE F 29 9.92 45.72 -58.74
CA PHE F 29 9.16 45.95 -57.51
C PHE F 29 8.75 44.66 -56.82
N SER F 30 8.64 43.55 -57.55
CA SER F 30 8.33 42.27 -56.92
C SER F 30 9.41 41.80 -55.96
N LEU F 31 10.57 42.48 -55.91
CA LEU F 31 11.58 42.18 -54.91
C LEU F 31 11.20 42.72 -53.54
N TYR F 32 10.38 43.78 -53.51
CA TYR F 32 9.83 44.32 -52.28
C TYR F 32 10.93 44.70 -51.29
N ALA F 33 12.05 45.17 -51.84
CA ALA F 33 13.18 45.68 -51.08
C ALA F 33 13.72 46.89 -51.85
N MET F 34 12.99 47.99 -51.77
CA MET F 34 13.32 49.19 -52.52
C MET F 34 14.10 50.16 -51.65
N GLY F 35 14.72 51.14 -52.31
CA GLY F 35 15.52 52.09 -51.56
C GLY F 35 15.72 53.42 -52.26
N TRP F 36 15.54 54.48 -51.49
CA TRP F 36 15.85 55.84 -51.94
C TRP F 36 17.29 56.15 -51.60
N TYR F 37 18.07 56.46 -52.64
CA TYR F 37 19.46 56.86 -52.54
C TYR F 37 19.59 58.34 -52.85
N ARG F 38 20.41 59.04 -52.07
CA ARG F 38 20.80 60.41 -52.35
C ARG F 38 22.19 60.45 -52.95
N GLN F 39 22.45 61.48 -53.75
CA GLN F 39 23.62 61.51 -54.62
C GLN F 39 24.15 62.94 -54.68
N ALA F 40 25.27 63.17 -54.01
CA ALA F 40 25.93 64.46 -54.17
C ALA F 40 26.93 64.40 -55.32
N PRO F 41 27.08 65.48 -56.08
CA PRO F 41 28.06 65.49 -57.16
C PRO F 41 29.47 65.29 -56.61
N GLY F 42 30.24 64.46 -57.30
CA GLY F 42 31.56 64.09 -56.83
C GLY F 42 31.58 63.09 -55.71
N LYS F 43 30.43 62.55 -55.34
CA LYS F 43 30.32 61.65 -54.21
C LYS F 43 29.55 60.40 -54.61
N GLN F 44 29.57 59.42 -53.72
CA GLN F 44 28.95 58.13 -53.94
C GLN F 44 27.44 58.23 -53.78
N PRO F 45 26.68 57.49 -54.58
CA PRO F 45 25.24 57.41 -54.34
C PRO F 45 24.94 56.60 -53.09
N GLU F 46 25.01 57.24 -51.93
CA GLU F 46 24.80 56.54 -50.68
C GLU F 46 23.32 56.20 -50.50
N LEU F 47 23.07 55.17 -49.69
CA LEU F 47 21.71 54.71 -49.44
C LEU F 47 21.13 55.43 -48.22
N ILE F 48 19.94 55.98 -48.39
CA ILE F 48 19.28 56.78 -47.35
C ILE F 48 18.13 56.03 -46.71
N ALA F 49 17.13 55.65 -47.50
CA ALA F 49 15.93 55.02 -46.95
C ALA F 49 15.69 53.68 -47.63
N THR F 50 15.29 52.68 -46.84
CA THR F 50 15.02 51.35 -47.36
C THR F 50 13.63 50.90 -46.93
N ILE F 51 12.98 50.11 -47.78
CA ILE F 51 11.63 49.60 -47.53
C ILE F 51 11.60 48.14 -47.93
N SER F 52 11.39 47.26 -46.95
CA SER F 52 11.34 45.83 -47.21
C SER F 52 10.43 45.15 -46.19
N GLY F 53 9.86 44.02 -46.59
CA GLY F 53 8.92 43.31 -45.75
C GLY F 53 7.53 43.25 -46.36
N GLY F 54 6.80 42.18 -46.07
CA GLY F 54 5.47 42.02 -46.59
C GLY F 54 4.52 43.07 -46.06
N GLY F 55 3.27 42.96 -46.49
CA GLY F 55 2.25 43.92 -46.07
C GLY F 55 2.50 45.25 -46.73
N GLU F 56 2.40 46.31 -45.94
CA GLU F 56 2.76 47.64 -46.41
C GLU F 56 4.27 47.89 -46.38
N GLY F 57 5.03 47.02 -45.73
CA GLY F 57 6.47 47.13 -45.71
C GLY F 57 7.01 47.81 -44.45
N THR F 58 8.24 47.47 -44.10
CA THR F 58 8.96 48.10 -42.99
C THR F 58 10.02 49.03 -43.54
N GLY F 59 10.07 50.24 -43.01
CA GLY F 59 11.00 51.26 -43.47
C GLY F 59 12.11 51.47 -42.47
N ASN F 60 13.34 51.54 -42.98
CA ASN F 60 14.53 51.86 -42.20
C ASN F 60 15.21 53.08 -42.80
N TYR F 61 15.69 53.96 -41.94
CA TYR F 61 16.30 55.21 -42.38
C TYR F 61 17.73 55.32 -41.87
N ALA F 62 18.55 56.05 -42.61
CA ALA F 62 19.93 56.28 -42.24
C ALA F 62 19.99 57.29 -41.09
N ASP F 63 21.19 57.68 -40.69
CA ASP F 63 21.35 58.59 -39.56
C ASP F 63 21.12 60.06 -39.93
N PRO F 64 21.71 60.59 -41.01
CA PRO F 64 21.45 62.00 -41.34
C PRO F 64 20.00 62.30 -41.65
N VAL F 65 19.18 61.28 -41.92
CA VAL F 65 17.78 61.46 -42.28
C VAL F 65 16.83 60.87 -41.26
N LYS F 66 17.35 60.23 -40.21
CA LYS F 66 16.47 59.62 -39.20
C LYS F 66 15.66 60.70 -38.51
N GLY F 67 14.34 60.49 -38.45
CA GLY F 67 13.42 61.45 -37.86
C GLY F 67 13.00 62.59 -38.76
N ARG F 68 13.23 62.51 -40.06
CA ARG F 68 12.82 63.59 -40.95
C ARG F 68 12.18 63.01 -42.21
N PHE F 69 12.66 61.84 -42.64
CA PHE F 69 12.20 61.23 -43.86
C PHE F 69 11.32 60.03 -43.54
N THR F 70 10.30 59.81 -44.35
CA THR F 70 9.46 58.61 -44.23
C THR F 70 9.26 57.99 -45.61
N ILE F 71 9.60 56.71 -45.73
CA ILE F 71 9.47 55.98 -46.98
C ILE F 71 8.20 55.13 -46.90
N SER F 72 7.58 54.90 -48.06
CA SER F 72 6.38 54.06 -48.13
C SER F 72 6.24 53.55 -49.55
N ARG F 73 5.22 52.72 -49.77
CA ARG F 73 5.04 52.10 -51.07
C ARG F 73 3.56 51.86 -51.34
N ASN F 74 3.27 51.53 -52.60
CA ASN F 74 1.94 51.19 -53.08
C ASN F 74 2.10 49.96 -53.97
N ASN F 75 1.57 48.83 -53.52
CA ASN F 75 1.80 47.56 -54.21
C ASN F 75 0.97 47.41 -55.47
N ALA F 76 -0.22 48.02 -55.51
CA ALA F 76 -1.04 47.94 -56.70
C ALA F 76 -0.52 48.83 -57.82
N ASP F 77 0.08 49.97 -57.47
CA ASP F 77 0.71 50.85 -58.44
C ASP F 77 2.17 50.52 -58.68
N ASN F 78 2.73 49.57 -57.92
CA ASN F 78 4.16 49.28 -57.97
C ASN F 78 4.99 50.54 -57.83
N MET F 79 4.57 51.43 -56.91
CA MET F 79 5.24 52.71 -56.74
C MET F 79 5.86 52.83 -55.35
N VAL F 80 6.89 53.66 -55.26
CA VAL F 80 7.53 53.98 -53.98
C VAL F 80 7.43 55.49 -53.77
N PHE F 81 7.36 55.90 -52.50
CA PHE F 81 7.24 57.29 -52.12
C PHE F 81 8.23 57.59 -51.01
N LEU F 82 8.80 58.79 -51.04
CA LEU F 82 9.66 59.28 -49.98
C LEU F 82 9.25 60.70 -49.63
N GLN F 83 8.76 60.88 -48.41
CA GLN F 83 8.35 62.19 -47.91
C GLN F 83 9.47 62.77 -47.04
N MET F 84 10.03 63.89 -47.47
CA MET F 84 11.10 64.56 -46.75
C MET F 84 10.53 65.79 -46.05
N ASN F 85 10.62 65.81 -44.72
CA ASN F 85 10.16 66.91 -43.90
C ASN F 85 11.34 67.56 -43.19
N ASN F 86 11.28 68.87 -43.03
CA ASN F 86 12.35 69.67 -42.43
C ASN F 86 13.66 69.50 -43.21
N LEU F 87 13.63 70.04 -44.43
CA LEU F 87 14.77 69.91 -45.32
C LEU F 87 15.90 70.84 -44.90
N LYS F 88 17.14 70.37 -45.11
CA LYS F 88 18.35 71.10 -44.80
C LYS F 88 19.21 71.25 -46.05
N PRO F 89 20.08 72.26 -46.10
CA PRO F 89 20.96 72.41 -47.27
C PRO F 89 21.88 71.22 -47.52
N GLU F 90 22.00 70.28 -46.57
CA GLU F 90 22.80 69.09 -46.80
C GLU F 90 22.09 68.05 -47.65
N ASP F 91 20.79 68.21 -47.90
CA ASP F 91 20.03 67.27 -48.71
C ASP F 91 19.96 67.67 -50.18
N THR F 92 20.56 68.80 -50.56
CA THR F 92 20.59 69.21 -51.96
C THR F 92 21.38 68.19 -52.77
N ALA F 93 20.66 67.33 -53.50
CA ALA F 93 21.30 66.22 -54.19
C ALA F 93 20.34 65.67 -55.24
N VAL F 94 20.85 64.74 -56.03
CA VAL F 94 20.02 64.00 -56.97
C VAL F 94 19.56 62.74 -56.26
N TYR F 95 18.27 62.46 -56.32
CA TYR F 95 17.68 61.32 -55.63
C TYR F 95 17.23 60.27 -56.64
N TYR F 96 17.66 59.04 -56.40
CA TYR F 96 17.24 57.91 -57.22
C TYR F 96 16.54 56.88 -56.34
N CYS F 97 15.90 55.93 -57.00
CA CYS F 97 15.11 54.90 -56.34
C CYS F 97 15.45 53.58 -57.01
N ASN F 98 16.14 52.69 -56.29
CA ASN F 98 16.59 51.44 -56.88
C ASN F 98 16.45 50.32 -55.86
N VAL F 99 16.49 49.10 -56.35
CA VAL F 99 16.46 47.94 -55.46
C VAL F 99 17.72 47.92 -54.60
N TYR F 100 17.60 47.36 -53.40
CA TYR F 100 18.77 47.15 -52.55
C TYR F 100 18.78 45.70 -52.09
N GLY F 101 19.89 45.30 -51.47
CA GLY F 101 20.08 43.92 -51.07
C GLY F 101 20.61 43.02 -52.17
N THR F 102 20.22 43.27 -53.40
CA THR F 102 20.68 42.50 -54.55
C THR F 102 21.55 43.38 -55.45
N ASN F 103 21.77 42.93 -56.69
CA ASN F 103 22.50 43.76 -57.63
C ASN F 103 21.64 44.93 -58.09
N LEU F 104 22.25 46.10 -58.14
CA LEU F 104 21.52 47.32 -58.44
C LEU F 104 21.09 47.33 -59.90
N ALA F 105 19.86 47.75 -60.15
CA ALA F 105 19.37 47.89 -61.51
C ALA F 105 19.90 49.18 -62.13
N PRO F 106 20.03 49.25 -63.45
CA PRO F 106 20.49 50.48 -64.10
C PRO F 106 19.67 51.68 -63.65
N TRP F 107 20.38 52.73 -63.25
CA TRP F 107 19.75 53.89 -62.62
C TRP F 107 18.75 54.55 -63.56
N GLY F 108 17.82 55.28 -62.95
CA GLY F 108 16.88 56.08 -63.69
C GLY F 108 17.45 57.46 -63.95
N GLN F 109 16.55 58.40 -64.28
CA GLN F 109 16.94 59.78 -64.46
C GLN F 109 17.03 60.54 -63.14
N GLY F 110 16.48 59.99 -62.06
CA GLY F 110 16.54 60.65 -60.78
C GLY F 110 15.78 61.97 -60.77
N THR F 111 15.86 62.64 -59.63
CA THR F 111 15.23 63.94 -59.46
C THR F 111 16.11 64.85 -58.61
N GLN F 112 16.26 66.09 -59.06
CA GLN F 112 17.08 67.06 -58.34
C GLN F 112 16.28 67.67 -57.21
N VAL F 113 16.93 67.85 -56.06
CA VAL F 113 16.35 68.56 -54.93
C VAL F 113 17.37 69.58 -54.45
N THR F 114 17.01 70.86 -54.50
CA THR F 114 17.91 71.96 -54.19
C THR F 114 17.34 72.78 -53.03
N VAL F 115 18.06 72.79 -51.90
CA VAL F 115 17.60 73.42 -50.67
C VAL F 115 18.39 74.71 -50.48
N SER F 116 17.79 75.84 -50.84
CA SER F 116 18.42 77.14 -50.74
C SER F 116 17.34 78.21 -50.78
N SER F 117 17.50 79.24 -49.95
CA SER F 117 16.51 80.31 -49.87
C SER F 117 16.97 81.56 -50.60
N GLN G 1 -8.53 32.80 -32.95
CA GLN G 1 -8.74 31.94 -34.11
C GLN G 1 -9.02 32.76 -35.37
N VAL G 2 -8.46 32.31 -36.48
CA VAL G 2 -8.69 32.94 -37.78
C VAL G 2 -10.08 32.56 -38.27
N GLN G 3 -11.07 33.42 -38.01
CA GLN G 3 -12.44 33.16 -38.40
C GLN G 3 -12.75 33.84 -39.73
N LEU G 4 -13.36 33.10 -40.64
CA LEU G 4 -13.71 33.60 -41.96
C LEU G 4 -15.22 33.77 -42.06
N GLN G 5 -15.63 34.53 -43.07
CA GLN G 5 -17.05 34.84 -43.26
C GLN G 5 -17.23 35.34 -44.69
N GLU G 6 -18.12 34.69 -45.44
CA GLU G 6 -18.38 35.03 -46.83
C GLU G 6 -19.72 35.75 -46.94
N SER G 7 -19.93 36.36 -48.12
CA SER G 7 -21.16 37.07 -48.44
C SER G 7 -21.15 37.31 -49.95
N GLY G 8 -22.17 38.03 -50.42
CA GLY G 8 -22.28 38.36 -51.83
C GLY G 8 -22.79 37.26 -52.73
N GLY G 9 -23.05 36.06 -52.19
CA GLY G 9 -23.61 35.00 -52.99
C GLY G 9 -25.09 35.18 -53.24
N GLY G 10 -25.64 34.31 -54.06
CA GLY G 10 -27.06 34.37 -54.38
C GLY G 10 -27.40 33.84 -55.75
N GLN G 13 -29.08 35.23 -62.82
CA GLN G 13 -29.53 34.56 -64.04
C GLN G 13 -28.34 33.93 -64.77
N ALA G 14 -28.61 33.19 -65.84
CA ALA G 14 -27.55 32.55 -66.62
C ALA G 14 -26.78 33.60 -67.41
N GLY G 15 -25.64 34.02 -66.87
CA GLY G 15 -24.80 35.00 -67.54
C GLY G 15 -24.70 36.33 -66.83
N GLY G 16 -24.62 36.28 -65.50
CA GLY G 16 -24.52 37.47 -64.68
C GLY G 16 -23.15 37.58 -64.00
N SER G 17 -23.00 38.68 -63.26
CA SER G 17 -21.77 39.00 -62.55
C SER G 17 -22.02 38.94 -61.05
N LEU G 18 -21.08 38.33 -60.33
CA LEU G 18 -21.16 38.24 -58.87
C LEU G 18 -19.79 38.47 -58.26
N ARG G 19 -19.77 39.10 -57.08
CA ARG G 19 -18.54 39.41 -56.37
C ARG G 19 -18.60 38.74 -55.01
N LEU G 20 -18.05 37.53 -54.93
CA LEU G 20 -17.99 36.77 -53.68
C LEU G 20 -16.83 37.29 -52.84
N ALA G 21 -17.14 38.12 -51.86
CA ALA G 21 -16.14 38.66 -50.95
C ALA G 21 -16.12 37.86 -49.66
N CYS G 22 -14.93 37.77 -49.04
CA CYS G 22 -14.77 37.12 -47.75
C CYS G 22 -13.77 37.91 -46.93
N VAL G 23 -14.24 38.53 -45.85
CA VAL G 23 -13.39 39.32 -44.96
C VAL G 23 -12.96 38.44 -43.79
N ALA G 24 -11.67 38.48 -43.47
CA ALA G 24 -11.12 37.69 -42.38
C ALA G 24 -11.11 38.49 -41.09
N SER G 25 -11.50 37.84 -40.00
CA SER G 25 -11.55 38.47 -38.69
C SER G 25 -10.84 37.59 -37.67
N GLY G 26 -10.21 38.24 -36.69
CA GLY G 26 -9.52 37.52 -35.65
C GLY G 26 -8.27 36.83 -36.17
N GLY G 27 -7.73 35.96 -35.32
CA GLY G 27 -6.52 35.25 -35.65
C GLY G 27 -5.29 36.12 -35.49
N ASP G 28 -4.15 35.55 -35.88
CA ASP G 28 -2.87 36.24 -35.78
C ASP G 28 -2.76 37.26 -36.91
N THR G 29 -2.52 38.53 -36.57
CA THR G 29 -2.53 39.61 -37.53
C THR G 29 -1.14 40.03 -37.99
N ARG G 30 -0.09 39.48 -37.39
CA ARG G 30 1.27 39.84 -37.80
C ARG G 30 1.43 39.63 -39.30
N PRO G 31 2.09 40.54 -40.00
CA PRO G 31 2.07 40.48 -41.47
C PRO G 31 2.84 39.30 -42.04
N TYR G 32 3.81 38.77 -41.31
CA TYR G 32 4.61 37.68 -41.85
C TYR G 32 3.92 36.33 -41.76
N ILE G 33 2.65 36.28 -41.36
CA ILE G 33 1.90 35.04 -41.25
C ILE G 33 1.00 34.93 -42.47
N THR G 34 1.30 33.99 -43.34
CA THR G 34 0.67 33.86 -44.64
C THR G 34 -0.26 32.65 -44.68
N TYR G 35 -1.29 32.77 -45.50
CA TYR G 35 -2.25 31.70 -45.74
C TYR G 35 -2.35 31.45 -47.24
N TRP G 36 -2.98 30.33 -47.59
CA TRP G 36 -3.43 30.07 -48.96
C TRP G 36 -4.95 30.12 -48.90
N MET G 37 -5.53 31.18 -49.47
CA MET G 37 -6.94 31.51 -49.35
C MET G 37 -7.67 31.02 -50.60
N GLY G 38 -8.47 29.96 -50.45
CA GLY G 38 -9.14 29.35 -51.59
C GLY G 38 -10.64 29.28 -51.44
N TRP G 39 -11.33 29.48 -52.57
CA TRP G 39 -12.77 29.26 -52.65
C TRP G 39 -13.04 27.81 -53.01
N TYR G 40 -14.10 27.26 -52.43
CA TYR G 40 -14.47 25.87 -52.66
C TYR G 40 -15.96 25.78 -52.94
N ARG G 41 -16.32 24.86 -53.83
CA ARG G 41 -17.69 24.69 -54.28
C ARG G 41 -18.17 23.30 -53.90
N GLN G 42 -19.29 23.22 -53.19
CA GLN G 42 -19.90 21.96 -52.78
C GLN G 42 -21.31 21.90 -53.34
N ALA G 43 -21.53 20.96 -54.28
CA ALA G 43 -22.84 20.75 -54.90
C ALA G 43 -23.69 19.80 -54.06
N PRO G 44 -25.00 20.04 -54.03
CA PRO G 44 -25.89 19.15 -53.25
C PRO G 44 -25.79 17.71 -53.73
N GLY G 45 -25.29 16.84 -52.84
CA GLY G 45 -25.06 15.45 -53.18
C GLY G 45 -23.67 15.15 -53.70
N LYS G 46 -22.82 16.16 -53.84
CA LYS G 46 -21.46 15.97 -54.33
C LYS G 46 -20.48 16.40 -53.23
N GLU G 47 -19.19 16.41 -53.57
CA GLU G 47 -18.14 16.72 -52.61
C GLU G 47 -17.69 18.18 -52.78
N ARG G 48 -16.75 18.59 -51.94
CA ARG G 48 -16.16 19.92 -52.05
C ARG G 48 -15.15 19.94 -53.18
N GLU G 49 -15.27 20.92 -54.08
CA GLU G 49 -14.47 20.97 -55.29
C GLU G 49 -13.25 21.87 -55.11
N GLY G 50 -13.42 23.16 -55.37
CA GLY G 50 -12.32 24.10 -55.26
C GLY G 50 -12.01 24.79 -56.57
N VAL G 51 -12.48 26.02 -56.71
CA VAL G 51 -12.36 26.74 -57.98
C VAL G 51 -11.04 27.49 -58.07
N ALA G 52 -10.64 28.19 -57.01
CA ALA G 52 -9.49 29.08 -57.10
C ALA G 52 -8.87 29.24 -55.73
N THR G 53 -7.66 29.81 -55.71
CA THR G 53 -6.93 30.09 -54.49
C THR G 53 -5.94 31.22 -54.77
N ILE G 54 -5.48 31.85 -53.70
CA ILE G 54 -4.58 33.00 -53.81
C ILE G 54 -3.67 33.02 -52.58
N TYR G 55 -2.52 33.67 -52.74
CA TYR G 55 -1.48 33.66 -51.71
C TYR G 55 -1.44 35.04 -51.04
N THR G 56 -1.60 35.06 -49.72
CA THR G 56 -1.73 36.31 -48.98
C THR G 56 -0.40 36.98 -48.68
N GLY G 57 0.70 36.47 -49.23
CA GLY G 57 2.00 37.10 -49.04
C GLY G 57 2.58 37.53 -50.37
N GLY G 58 1.75 37.44 -51.41
CA GLY G 58 2.15 37.80 -52.76
C GLY G 58 0.97 37.95 -53.69
N SER G 59 0.94 37.15 -54.77
CA SER G 59 -0.15 37.26 -55.73
C SER G 59 -0.27 36.00 -56.60
N GLY G 60 0.11 34.85 -56.07
CA GLY G 60 0.03 33.61 -56.82
C GLY G 60 -1.38 33.06 -56.90
N THR G 61 -2.01 33.14 -58.07
CA THR G 61 -3.38 32.70 -58.27
C THR G 61 -3.37 31.36 -59.01
N TYR G 62 -4.19 30.42 -58.53
CA TYR G 62 -4.28 29.09 -59.09
C TYR G 62 -5.74 28.70 -59.21
N TYR G 63 -6.17 28.32 -60.40
CA TYR G 63 -7.56 27.96 -60.65
C TYR G 63 -7.69 26.46 -60.93
N SER G 64 -8.93 26.00 -61.00
CA SER G 64 -9.25 24.62 -61.33
C SER G 64 -9.53 24.49 -62.83
N ASP G 65 -9.55 23.25 -63.29
CA ASP G 65 -9.75 23.00 -64.71
C ASP G 65 -11.21 23.14 -65.13
N SER G 66 -12.15 23.09 -64.18
CA SER G 66 -13.56 23.25 -64.53
C SER G 66 -13.91 24.69 -64.91
N VAL G 67 -13.13 25.66 -64.44
CA VAL G 67 -13.35 27.06 -64.75
C VAL G 67 -12.13 27.57 -65.50
N GLU G 68 -12.36 28.13 -66.70
CA GLU G 68 -11.25 28.67 -67.47
C GLU G 68 -11.01 30.12 -67.06
N GLY G 69 -11.38 31.06 -67.93
CA GLY G 69 -11.20 32.46 -67.63
C GLY G 69 -12.45 33.09 -67.05
N ARG G 70 -13.29 32.29 -66.42
CA ARG G 70 -14.54 32.79 -65.87
C ARG G 70 -14.37 33.33 -64.45
N PHE G 71 -13.59 32.65 -63.62
CA PHE G 71 -13.45 33.03 -62.21
C PHE G 71 -12.12 33.76 -62.04
N THR G 72 -12.15 34.87 -61.33
CA THR G 72 -10.95 35.65 -61.03
C THR G 72 -10.96 35.97 -59.54
N ILE G 73 -9.92 35.55 -58.84
CA ILE G 73 -9.78 35.77 -57.40
C ILE G 73 -8.72 36.84 -57.19
N SER G 74 -9.05 37.85 -56.38
CA SER G 74 -8.12 38.92 -56.05
C SER G 74 -8.10 39.09 -54.54
N GLN G 75 -7.28 40.02 -54.06
CA GLN G 75 -7.08 40.17 -52.63
C GLN G 75 -6.81 41.63 -52.28
N ASP G 76 -7.38 42.07 -51.16
CA ASP G 76 -7.03 43.33 -50.52
C ASP G 76 -6.36 42.96 -49.19
N LYS G 77 -5.03 43.03 -49.18
CA LYS G 77 -4.27 42.70 -47.97
C LYS G 77 -4.47 43.74 -46.88
N ALA G 78 -4.64 45.01 -47.25
CA ALA G 78 -4.86 46.06 -46.24
C ALA G 78 -6.15 45.84 -45.48
N GLN G 79 -7.23 45.52 -46.20
CA GLN G 79 -8.50 45.22 -45.57
C GLN G 79 -8.60 43.78 -45.10
N ARG G 80 -7.65 42.94 -45.49
CA ARG G 80 -7.67 41.50 -45.21
C ARG G 80 -8.95 40.86 -45.72
N THR G 81 -9.15 40.98 -47.03
CA THR G 81 -10.33 40.45 -47.70
C THR G 81 -9.93 39.80 -49.01
N VAL G 82 -10.67 38.78 -49.40
CA VAL G 82 -10.45 38.07 -50.66
C VAL G 82 -11.71 38.19 -51.50
N TYR G 83 -11.53 38.50 -52.78
CA TYR G 83 -12.63 38.67 -53.72
C TYR G 83 -12.60 37.57 -54.76
N LEU G 84 -13.79 37.20 -55.25
CA LEU G 84 -13.94 36.20 -56.30
C LEU G 84 -14.97 36.71 -57.30
N GLN G 85 -14.51 37.03 -58.51
CA GLN G 85 -15.41 37.52 -59.56
C GLN G 85 -15.94 36.34 -60.37
N MET G 86 -17.27 36.28 -60.48
CA MET G 86 -17.97 35.17 -61.13
C MET G 86 -18.82 35.75 -62.25
N ASN G 87 -18.31 35.71 -63.47
CA ASN G 87 -19.04 36.17 -64.65
C ASN G 87 -19.15 35.03 -65.66
N ASP G 88 -20.10 35.18 -66.59
CA ASP G 88 -20.44 34.14 -67.55
C ASP G 88 -20.77 32.83 -66.83
N LEU G 89 -21.82 32.89 -66.01
CA LEU G 89 -22.17 31.77 -65.16
C LEU G 89 -23.01 30.74 -65.91
N LYS G 90 -22.69 29.47 -65.68
CA LYS G 90 -23.40 28.34 -66.24
C LYS G 90 -24.36 27.75 -65.21
N PRO G 91 -25.43 27.07 -65.64
CA PRO G 91 -26.37 26.48 -64.68
C PRO G 91 -25.89 25.21 -63.99
N GLU G 92 -24.60 24.87 -64.10
CA GLU G 92 -24.01 23.77 -63.34
C GLU G 92 -23.16 24.23 -62.17
N ASP G 93 -22.93 25.54 -62.03
CA ASP G 93 -22.19 26.10 -60.91
C ASP G 93 -23.05 26.27 -59.66
N THR G 94 -24.34 25.96 -59.74
CA THR G 94 -25.24 26.14 -58.60
C THR G 94 -24.83 25.19 -57.48
N ALA G 95 -24.37 25.77 -56.37
CA ALA G 95 -23.84 25.01 -55.25
C ALA G 95 -23.62 25.97 -54.09
N MET G 96 -22.94 25.48 -53.06
CA MET G 96 -22.60 26.28 -51.89
C MET G 96 -21.11 26.61 -51.94
N TYR G 97 -20.76 27.87 -51.67
CA TYR G 97 -19.39 28.33 -51.76
C TYR G 97 -18.85 28.61 -50.37
N TYR G 98 -17.77 27.92 -50.00
CA TYR G 98 -17.08 28.15 -48.74
C TYR G 98 -15.67 28.67 -49.02
N CYS G 99 -15.33 29.80 -48.41
CA CYS G 99 -13.97 30.31 -48.45
C CYS G 99 -13.19 29.78 -47.27
N ALA G 100 -11.96 29.33 -47.53
CA ALA G 100 -11.15 28.75 -46.46
C ALA G 100 -9.69 29.13 -46.69
N ALA G 101 -8.86 28.84 -45.68
CA ALA G 101 -7.45 29.18 -45.73
C ALA G 101 -6.62 28.08 -45.10
N GLY G 102 -5.59 27.63 -45.81
CA GLY G 102 -4.62 26.72 -45.28
C GLY G 102 -3.30 27.42 -45.02
N ASN G 103 -2.35 26.63 -44.50
CA ASN G 103 -1.01 27.14 -44.26
C ASN G 103 -0.43 27.72 -45.54
N GLY G 104 0.30 28.84 -45.41
CA GLY G 104 0.93 29.46 -46.56
C GLY G 104 2.02 28.62 -47.21
N ALA G 105 2.58 27.68 -46.47
CA ALA G 105 3.64 26.80 -46.99
C ALA G 105 3.10 25.51 -47.55
N LEU G 106 1.97 25.55 -48.26
CA LEU G 106 1.39 24.34 -48.82
C LEU G 106 2.08 24.00 -50.13
N PRO G 107 2.47 22.74 -50.34
CA PRO G 107 3.18 22.37 -51.57
C PRO G 107 2.28 22.50 -52.79
N PRO G 108 2.86 22.60 -53.99
CA PRO G 108 2.02 22.65 -55.20
C PRO G 108 1.17 21.39 -55.33
N GLY G 109 -0.10 21.59 -55.65
CA GLY G 109 -1.03 20.49 -55.76
C GLY G 109 -1.94 20.37 -54.54
N ARG G 110 -1.37 20.58 -53.36
CA ARG G 110 -2.14 20.52 -52.12
C ARG G 110 -2.75 21.87 -51.76
N ARG G 111 -2.62 22.87 -52.62
CA ARG G 111 -3.15 24.21 -52.33
C ARG G 111 -4.65 24.28 -52.57
N LEU G 112 -5.15 23.51 -53.54
CA LEU G 112 -6.58 23.49 -53.84
C LEU G 112 -7.21 22.15 -53.49
N SER G 113 -6.98 21.67 -52.28
CA SER G 113 -7.57 20.42 -51.82
C SER G 113 -8.26 20.68 -50.48
N PRO G 114 -9.50 20.21 -50.27
CA PRO G 114 -10.20 20.52 -49.02
C PRO G 114 -9.70 19.70 -47.83
N GLN G 115 -8.82 18.72 -48.06
CA GLN G 115 -8.34 17.87 -46.98
C GLN G 115 -7.13 18.46 -46.25
N ASN G 116 -6.45 19.44 -46.85
CA ASN G 116 -5.29 20.07 -46.26
C ASN G 116 -5.59 21.50 -45.82
N MET G 117 -6.82 21.74 -45.37
CA MET G 117 -7.29 23.07 -45.02
C MET G 117 -7.56 23.11 -43.52
N ASP G 118 -7.28 24.26 -42.90
CA ASP G 118 -7.47 24.39 -41.46
C ASP G 118 -8.84 24.97 -41.12
N THR G 119 -8.95 26.29 -41.08
CA THR G 119 -10.20 26.96 -40.73
C THR G 119 -11.08 27.12 -41.97
N TRP G 120 -12.39 26.94 -41.77
CA TRP G 120 -13.37 27.03 -42.84
C TRP G 120 -14.35 28.17 -42.57
N GLY G 121 -15.00 28.64 -43.64
CA GLY G 121 -15.98 29.68 -43.52
C GLY G 121 -17.39 29.12 -43.46
N PRO G 122 -18.35 29.92 -42.98
CA PRO G 122 -19.74 29.43 -42.94
C PRO G 122 -20.26 29.03 -44.30
N GLY G 123 -20.03 29.84 -45.32
CA GLY G 123 -20.44 29.49 -46.67
C GLY G 123 -21.69 30.23 -47.09
N THR G 124 -21.77 30.54 -48.38
CA THR G 124 -22.93 31.16 -48.97
C THR G 124 -23.36 30.37 -50.20
N GLN G 125 -24.66 30.46 -50.51
CA GLN G 125 -25.24 29.72 -51.62
C GLN G 125 -25.25 30.58 -52.87
N VAL G 126 -24.72 30.05 -53.96
CA VAL G 126 -24.69 30.73 -55.25
C VAL G 126 -25.32 29.79 -56.27
N THR G 127 -26.41 30.23 -56.90
CA THR G 127 -27.12 29.42 -57.88
C THR G 127 -27.35 30.23 -59.14
N VAL G 128 -27.43 29.51 -60.27
CA VAL G 128 -27.58 30.11 -61.59
C VAL G 128 -28.81 29.49 -62.24
N SER G 129 -29.67 30.35 -62.79
CA SER G 129 -30.90 29.91 -63.45
C SER G 129 -30.73 30.01 -64.96
N SER G 130 -30.93 28.90 -65.66
CA SER G 130 -30.78 28.85 -67.11
C SER G 130 -31.88 29.62 -67.82
N LEU H 4 45.52 38.76 -58.79
CA LEU H 4 45.11 38.25 -60.10
C LEU H 4 46.11 38.66 -61.17
N GLN H 5 47.03 37.76 -61.51
CA GLN H 5 48.11 38.06 -62.43
C GLN H 5 47.77 37.45 -63.78
N GLU H 6 47.79 38.26 -64.83
CA GLU H 6 47.47 37.80 -66.18
C GLU H 6 48.71 37.71 -67.04
N SER H 7 48.66 36.84 -68.05
CA SER H 7 49.77 36.67 -68.98
C SER H 7 49.24 36.28 -70.35
N GLY H 8 49.87 36.82 -71.39
CA GLY H 8 49.49 36.57 -72.76
C GLY H 8 48.85 37.81 -73.40
N GLY H 9 48.47 37.64 -74.66
CA GLY H 9 47.81 38.68 -75.41
C GLY H 9 48.72 39.30 -76.46
N GLY H 10 48.27 40.45 -76.98
CA GLY H 10 49.00 41.15 -78.02
C GLY H 10 48.15 41.40 -79.24
N LEU H 11 48.71 41.11 -80.42
CA LEU H 11 48.01 41.30 -81.68
C LEU H 11 47.99 40.00 -82.47
N VAL H 12 46.97 39.88 -83.32
CA VAL H 12 46.86 38.73 -84.22
C VAL H 12 46.08 39.18 -85.46
N GLN H 13 45.92 38.28 -86.42
CA GLN H 13 45.25 38.58 -87.67
C GLN H 13 43.90 37.88 -87.75
N ALA H 14 43.11 38.27 -88.75
CA ALA H 14 41.81 37.66 -89.01
C ALA H 14 41.98 36.17 -89.27
N GLY H 15 41.76 35.35 -88.25
CA GLY H 15 41.91 33.92 -88.37
C GLY H 15 43.18 33.38 -87.76
N GLY H 16 43.55 33.89 -86.59
CA GLY H 16 44.76 33.44 -85.91
C GLY H 16 44.49 32.79 -84.56
N SER H 17 45.54 32.68 -83.75
CA SER H 17 45.46 32.02 -82.45
C SER H 17 46.03 32.90 -81.36
N LEU H 18 45.51 32.71 -80.15
CA LEU H 18 46.02 33.36 -78.94
C LEU H 18 45.59 32.54 -77.74
N ARG H 19 46.32 32.72 -76.64
CA ARG H 19 45.98 32.02 -75.41
C ARG H 19 46.38 32.88 -74.22
N LEU H 20 45.41 33.18 -73.36
CA LEU H 20 45.60 33.94 -72.14
C LEU H 20 45.62 33.00 -70.95
N SER H 21 46.35 33.37 -69.90
CA SER H 21 46.35 32.63 -68.66
C SER H 21 46.26 33.61 -67.50
N CYS H 22 45.64 33.17 -66.40
CA CYS H 22 45.50 34.01 -65.23
C CYS H 22 45.63 33.17 -63.98
N ALA H 23 46.43 33.65 -63.03
CA ALA H 23 46.74 32.94 -61.80
C ALA H 23 46.28 33.75 -60.59
N ALA H 24 45.74 33.03 -59.61
CA ALA H 24 45.14 33.66 -58.43
C ALA H 24 46.23 33.98 -57.42
N SER H 25 46.54 35.26 -57.27
CA SER H 25 47.69 35.72 -56.50
C SER H 25 47.23 36.24 -55.13
N GLY H 26 47.39 35.41 -54.11
CA GLY H 26 47.13 35.83 -52.73
C GLY H 26 45.69 36.16 -52.41
N LEU H 27 44.75 35.35 -52.87
CA LEU H 27 43.35 35.58 -52.56
C LEU H 27 43.02 35.00 -51.19
N PRO H 28 42.30 35.75 -50.34
CA PRO H 28 42.06 35.26 -48.96
C PRO H 28 41.19 34.01 -48.89
N TYR H 29 40.52 33.63 -49.97
CA TYR H 29 39.69 32.43 -50.01
C TYR H 29 39.91 31.73 -51.35
N ARG H 30 39.12 30.67 -51.58
CA ARG H 30 39.21 29.93 -52.83
C ARG H 30 38.25 30.50 -53.87
N THR H 31 38.58 30.27 -55.14
CA THR H 31 37.85 30.85 -56.25
C THR H 31 36.54 30.09 -56.48
N VAL H 32 35.42 30.79 -56.34
CA VAL H 32 34.13 30.21 -56.71
C VAL H 32 34.01 30.14 -58.24
N PHE H 33 34.19 31.28 -58.90
CA PHE H 33 34.11 31.36 -60.35
C PHE H 33 35.26 32.21 -60.86
N MET H 34 35.95 31.74 -61.89
CA MET H 34 37.09 32.44 -62.47
C MET H 34 36.91 32.50 -63.97
N GLY H 35 37.12 33.67 -64.56
CA GLY H 35 36.85 33.80 -65.98
C GLY H 35 37.42 35.06 -66.56
N TRP H 36 37.15 35.25 -67.85
CA TRP H 36 37.62 36.40 -68.59
C TRP H 36 36.44 37.22 -69.09
N PHE H 37 36.54 38.53 -68.90
CA PHE H 37 35.70 39.55 -69.53
C PHE H 37 36.54 40.31 -70.55
N ARG H 38 35.86 41.09 -71.40
CA ARG H 38 36.56 41.89 -72.40
C ARG H 38 35.86 43.24 -72.57
N GLN H 39 36.68 44.27 -72.80
CA GLN H 39 36.20 45.64 -72.99
C GLN H 39 36.68 46.10 -74.36
N GLY H 40 35.74 46.27 -75.30
CA GLY H 40 36.07 46.70 -76.63
C GLY H 40 36.27 48.20 -76.71
N PRO H 41 36.60 48.67 -77.92
CA PRO H 41 36.80 50.10 -78.13
C PRO H 41 35.48 50.82 -78.26
N GLY H 42 35.03 51.47 -77.18
CA GLY H 42 33.72 52.06 -77.15
C GLY H 42 32.61 51.12 -76.78
N LYS H 43 32.93 49.97 -76.17
CA LYS H 43 31.95 48.99 -75.76
C LYS H 43 32.17 48.64 -74.30
N GLU H 44 31.15 48.07 -73.67
CA GLU H 44 31.19 47.78 -72.25
C GLU H 44 31.99 46.50 -71.98
N ARG H 45 32.35 46.31 -70.72
CA ARG H 45 33.03 45.09 -70.28
C ARG H 45 32.03 43.95 -70.36
N GLU H 46 32.06 43.19 -71.46
CA GLU H 46 31.11 42.11 -71.65
C GLU H 46 31.73 40.78 -71.22
N GLY H 47 30.87 39.85 -70.81
CA GLY H 47 31.34 38.55 -70.40
C GLY H 47 31.84 37.75 -71.58
N VAL H 48 33.04 37.16 -71.45
CA VAL H 48 33.61 36.32 -72.48
C VAL H 48 33.37 34.87 -72.10
N ALA H 49 34.06 34.40 -71.06
CA ALA H 49 33.92 32.99 -70.68
C ALA H 49 34.43 32.73 -69.26
N VAL H 50 33.60 32.10 -68.43
CA VAL H 50 33.95 31.81 -67.04
C VAL H 50 33.87 30.30 -66.80
N ILE H 51 34.42 29.89 -65.66
CA ILE H 51 34.47 28.48 -65.27
C ILE H 51 34.35 28.39 -63.76
N ASN H 52 33.73 27.31 -63.29
CA ASN H 52 33.52 27.05 -61.89
C ASN H 52 34.80 26.49 -61.26
N ALA H 53 34.74 26.17 -59.98
CA ALA H 53 35.88 25.59 -59.28
C ALA H 53 36.00 24.09 -59.48
N ASP H 54 35.01 23.45 -60.09
CA ASP H 54 35.06 22.01 -60.34
C ASP H 54 35.80 21.66 -61.62
N GLY H 55 35.99 22.61 -62.53
CA GLY H 55 36.74 22.37 -63.74
C GLY H 55 35.98 21.76 -64.89
N VAL H 56 34.65 21.87 -64.90
CA VAL H 56 33.84 21.33 -65.98
C VAL H 56 32.71 22.30 -66.32
N SER H 57 32.14 22.94 -65.30
CA SER H 57 31.07 23.91 -65.50
C SER H 57 31.65 25.17 -66.13
N THR H 58 31.33 25.39 -67.40
CA THR H 58 31.79 26.54 -68.15
C THR H 58 30.61 27.37 -68.62
N TYR H 59 30.84 28.67 -68.80
CA TYR H 59 29.82 29.57 -69.33
C TYR H 59 30.45 30.45 -70.40
N TYR H 60 29.85 30.45 -71.58
CA TYR H 60 30.36 31.17 -72.74
C TYR H 60 29.33 32.16 -73.25
N ALA H 61 29.83 33.32 -73.71
CA ALA H 61 28.96 34.27 -74.39
C ALA H 61 28.52 33.70 -75.74
N ASP H 62 27.49 34.32 -76.30
CA ASP H 62 27.01 33.91 -77.63
C ASP H 62 27.94 34.40 -78.73
N SER H 63 28.57 35.55 -78.54
CA SER H 63 29.49 36.08 -79.54
C SER H 63 30.77 35.27 -79.63
N VAL H 64 31.15 34.59 -78.55
CA VAL H 64 32.36 33.77 -78.52
C VAL H 64 32.04 32.30 -78.43
N LYS H 65 30.77 31.91 -78.45
CA LYS H 65 30.40 30.51 -78.31
C LYS H 65 30.88 29.72 -79.52
N GLY H 66 31.55 28.61 -79.25
CA GLY H 66 32.15 27.83 -80.31
C GLY H 66 33.38 28.45 -80.94
N ARG H 67 34.00 29.42 -80.30
CA ARG H 67 35.26 29.97 -80.79
C ARG H 67 36.33 29.97 -79.72
N PHE H 68 35.98 30.25 -78.47
CA PHE H 68 36.92 30.33 -77.37
C PHE H 68 36.82 29.04 -76.55
N THR H 69 37.86 28.75 -75.78
CA THR H 69 37.85 27.57 -74.91
C THR H 69 38.50 27.93 -73.58
N ILE H 70 37.69 27.96 -72.51
CA ILE H 70 38.21 28.17 -71.17
C ILE H 70 38.46 26.81 -70.54
N SER H 71 39.61 26.68 -69.88
CA SER H 71 39.97 25.49 -69.13
C SER H 71 40.64 25.93 -67.84
N GLN H 72 40.82 24.99 -66.92
CA GLN H 72 41.50 25.29 -65.67
C GLN H 72 42.45 24.14 -65.35
N ASP H 73 43.64 24.48 -64.90
CA ASP H 73 44.63 23.46 -64.55
C ASP H 73 44.50 22.97 -63.12
N ASN H 74 43.83 23.74 -62.26
CA ASN H 74 43.55 23.36 -60.88
C ASN H 74 44.80 23.26 -60.01
N ALA H 75 45.80 22.52 -60.49
CA ALA H 75 47.06 22.38 -59.76
C ALA H 75 47.64 23.75 -59.41
N LYS H 76 47.91 24.57 -60.43
CA LYS H 76 48.40 25.92 -60.23
C LYS H 76 47.27 26.94 -60.09
N ASN H 77 46.06 26.49 -59.74
CA ASN H 77 44.85 27.30 -59.70
C ASN H 77 44.82 28.33 -60.83
N THR H 78 45.25 27.91 -62.01
CA THR H 78 45.35 28.77 -63.19
C THR H 78 44.17 28.52 -64.10
N VAL H 79 43.66 29.59 -64.72
CA VAL H 79 42.60 29.48 -65.71
C VAL H 79 43.16 29.96 -67.05
N TYR H 80 42.98 29.15 -68.09
CA TYR H 80 43.44 29.45 -69.43
C TYR H 80 42.26 29.70 -70.35
N LEU H 81 42.47 30.56 -71.33
CA LEU H 81 41.46 30.88 -72.34
C LEU H 81 42.13 30.86 -73.70
N GLN H 82 41.74 29.90 -74.54
CA GLN H 82 42.27 29.74 -75.88
C GLN H 82 41.31 30.41 -76.86
N MET H 83 41.74 31.53 -77.44
CA MET H 83 40.94 32.28 -78.40
C MET H 83 41.48 32.01 -79.80
N ASN H 84 40.58 31.65 -80.72
CA ASN H 84 40.98 31.14 -82.02
C ASN H 84 40.16 31.76 -83.13
N SER H 85 40.82 32.02 -84.27
CA SER H 85 40.20 32.61 -85.45
C SER H 85 39.61 33.98 -85.11
N LEU H 86 40.37 34.76 -84.36
CA LEU H 86 39.86 36.00 -83.79
C LEU H 86 39.42 36.96 -84.89
N LYS H 87 38.29 37.62 -84.67
CA LYS H 87 37.76 38.61 -85.59
C LYS H 87 38.12 40.01 -85.11
N PRO H 88 38.13 40.99 -86.02
CA PRO H 88 38.38 42.38 -85.60
C PRO H 88 37.46 42.86 -84.49
N GLU H 89 36.25 42.28 -84.38
CA GLU H 89 35.36 42.61 -83.29
C GLU H 89 35.86 42.10 -81.94
N ASP H 90 36.88 41.24 -81.91
CA ASP H 90 37.46 40.77 -80.66
C ASP H 90 38.58 41.67 -80.15
N THR H 91 38.74 42.86 -80.71
CA THR H 91 39.71 43.81 -80.17
C THR H 91 39.21 44.33 -78.83
N ALA H 92 39.88 43.94 -77.76
CA ALA H 92 39.41 44.31 -76.43
C ALA H 92 40.54 44.17 -75.43
N ILE H 93 40.47 44.96 -74.36
CA ILE H 93 41.27 44.72 -73.18
C ILE H 93 40.56 43.61 -72.42
N TYR H 94 41.20 42.45 -72.31
CA TYR H 94 40.66 41.33 -71.55
C TYR H 94 41.05 41.48 -70.08
N HIS H 95 40.06 41.37 -69.22
CA HIS H 95 40.24 41.46 -67.77
C HIS H 95 39.94 40.10 -67.16
N CYS H 96 40.71 39.75 -66.12
CA CYS H 96 40.55 38.50 -65.41
C CYS H 96 39.72 38.74 -64.15
N ALA H 97 38.65 37.96 -63.99
CA ALA H 97 37.73 38.15 -62.88
C ALA H 97 37.61 36.86 -62.05
N ALA H 98 37.60 37.02 -60.73
CA ALA H 98 37.48 35.91 -59.80
C ALA H 98 36.25 36.08 -58.93
N ASN H 99 35.93 35.03 -58.18
CA ASN H 99 34.75 35.01 -57.33
C ASN H 99 35.00 34.16 -56.09
N HIS H 100 34.49 34.64 -54.95
CA HIS H 100 34.42 33.85 -53.73
C HIS H 100 32.99 33.54 -53.33
N PHE H 101 32.01 33.94 -54.14
CA PHE H 101 30.60 33.73 -53.87
C PHE H 101 29.86 33.93 -55.19
N PHE H 102 28.78 33.17 -55.39
CA PHE H 102 28.00 33.33 -56.61
C PHE H 102 26.60 32.81 -56.38
N ASP H 103 25.61 33.54 -56.88
CA ASP H 103 24.21 33.15 -56.83
C ASP H 103 23.84 32.56 -58.19
N TYR H 104 23.48 31.28 -58.20
CA TYR H 104 23.15 30.60 -59.46
C TYR H 104 21.83 31.05 -60.05
N SER H 105 21.22 32.09 -59.49
CA SER H 105 20.00 32.69 -60.01
C SER H 105 20.26 34.01 -60.73
N ARG H 106 21.51 34.35 -60.97
CA ARG H 106 21.90 35.56 -61.68
C ARG H 106 22.74 35.18 -62.89
N ASP H 107 23.14 36.21 -63.63
CA ASP H 107 23.95 36.03 -64.83
C ASP H 107 25.36 35.59 -64.45
N PRO H 108 25.83 34.42 -64.89
CA PRO H 108 27.23 34.06 -64.63
C PRO H 108 28.20 34.77 -65.56
N LEU H 109 27.74 35.87 -66.17
CA LEU H 109 28.57 36.61 -67.12
C LEU H 109 28.47 38.11 -66.92
N ALA H 110 27.79 38.58 -65.88
CA ALA H 110 27.69 40.00 -65.61
C ALA H 110 28.92 40.48 -64.83
N THR H 111 29.25 41.76 -65.03
CA THR H 111 30.38 42.34 -64.31
C THR H 111 30.08 42.50 -62.83
N ALA H 112 28.82 42.76 -62.48
CA ALA H 112 28.45 43.00 -61.09
C ALA H 112 28.62 41.77 -60.21
N GLU H 113 28.68 40.58 -60.80
CA GLU H 113 28.84 39.35 -60.02
C GLU H 113 30.28 39.05 -59.66
N TYR H 114 31.22 39.94 -59.98
CA TYR H 114 32.64 39.71 -59.74
C TYR H 114 33.25 40.94 -59.10
N ASN H 115 34.00 40.73 -58.02
CA ASN H 115 34.69 41.81 -57.33
C ASN H 115 36.19 41.79 -57.56
N TYR H 116 36.79 40.62 -57.75
CA TYR H 116 38.23 40.50 -57.95
C TYR H 116 38.56 40.68 -59.43
N TRP H 117 39.55 41.53 -59.72
CA TRP H 117 39.94 41.83 -61.09
C TRP H 117 41.45 41.90 -61.20
N GLY H 118 41.95 41.65 -62.40
CA GLY H 118 43.36 41.76 -62.72
C GLY H 118 43.68 43.06 -63.45
N GLN H 119 44.90 43.10 -63.99
CA GLN H 119 45.35 44.31 -64.68
C GLN H 119 44.68 44.46 -66.04
N GLY H 120 44.44 43.34 -66.73
CA GLY H 120 43.92 43.40 -68.08
C GLY H 120 45.03 43.49 -69.10
N THR H 121 44.95 42.67 -70.15
CA THR H 121 45.91 42.72 -71.25
C THR H 121 45.17 42.97 -72.55
N GLN H 122 45.81 43.69 -73.47
CA GLN H 122 45.18 44.04 -74.73
C GLN H 122 45.28 42.87 -75.70
N VAL H 123 44.19 42.56 -76.37
CA VAL H 123 44.16 41.57 -77.45
C VAL H 123 43.46 42.23 -78.63
N THR H 124 44.22 42.51 -79.68
CA THR H 124 43.71 43.22 -80.84
C THR H 124 43.94 42.37 -82.09
N VAL H 125 42.99 42.44 -83.01
CA VAL H 125 43.00 41.63 -84.22
C VAL H 125 43.08 42.57 -85.42
N SER H 126 43.80 42.14 -86.46
CA SER H 126 43.96 42.93 -87.67
C SER H 126 42.92 42.52 -88.71
N SER H 127 42.97 43.18 -89.87
CA SER H 127 42.08 42.90 -91.00
C SER H 127 40.61 43.10 -90.62
N ALA I 1 2.61 -35.70 38.75
CA ALA I 1 2.34 -34.93 37.56
C ALA I 1 0.91 -34.37 37.57
N THR I 2 0.69 -33.36 38.40
CA THR I 2 -0.62 -32.74 38.48
C THR I 2 -0.91 -31.94 37.22
N LYS I 3 -2.19 -31.91 36.84
CA LYS I 3 -2.62 -31.25 35.61
C LYS I 3 -3.86 -30.42 35.88
N ALA I 4 -3.84 -29.17 35.42
CA ALA I 4 -4.93 -28.24 35.56
C ALA I 4 -5.34 -27.70 34.20
N VAL I 5 -6.51 -27.05 34.15
CA VAL I 5 -7.04 -26.46 32.93
C VAL I 5 -7.87 -25.24 33.31
N CYS I 6 -8.05 -24.33 32.35
CA CYS I 6 -8.91 -23.18 32.58
C CYS I 6 -9.52 -22.71 31.28
N VAL I 7 -10.83 -22.47 31.30
CA VAL I 7 -11.57 -21.96 30.14
C VAL I 7 -11.89 -20.50 30.41
N LEU I 8 -11.21 -19.60 29.70
CA LEU I 8 -11.47 -18.17 29.83
C LEU I 8 -12.61 -17.78 28.90
N LYS I 9 -13.62 -17.12 29.47
CA LYS I 9 -14.76 -16.60 28.74
C LYS I 9 -14.93 -15.13 29.10
N GLY I 10 -15.71 -14.42 28.29
CA GLY I 10 -15.95 -13.01 28.52
C GLY I 10 -17.35 -12.62 28.14
N ASP I 11 -17.72 -11.39 28.55
CA ASP I 11 -18.93 -10.77 28.02
C ASP I 11 -18.76 -10.39 26.56
N GLY I 12 -17.54 -10.10 26.14
CA GLY I 12 -17.24 -9.85 24.75
C GLY I 12 -17.01 -11.15 24.00
N PRO I 13 -16.19 -11.11 22.94
CA PRO I 13 -15.90 -12.32 22.17
C PRO I 13 -14.65 -13.07 22.59
N VAL I 14 -13.83 -12.49 23.47
CA VAL I 14 -12.56 -13.11 23.85
C VAL I 14 -12.85 -14.40 24.60
N GLN I 15 -12.27 -15.51 24.12
CA GLN I 15 -12.41 -16.78 24.81
C GLN I 15 -11.20 -17.66 24.51
N GLY I 16 -10.87 -18.53 25.45
CA GLY I 16 -9.69 -19.35 25.28
C GLY I 16 -9.65 -20.50 26.26
N ILE I 17 -8.61 -21.32 26.10
CA ILE I 17 -8.38 -22.51 26.92
C ILE I 17 -6.90 -22.62 27.20
N ILE I 18 -6.53 -22.81 28.46
CA ILE I 18 -5.14 -22.77 28.90
C ILE I 18 -4.93 -23.93 29.88
N ASN I 19 -4.05 -24.86 29.52
CA ASN I 19 -3.74 -25.99 30.38
C ASN I 19 -2.41 -25.77 31.11
N PHE I 20 -2.36 -26.31 32.33
CA PHE I 20 -1.22 -26.17 33.24
C PHE I 20 -0.73 -27.57 33.61
N GLU I 21 0.58 -27.74 33.71
CA GLU I 21 1.13 -29.03 34.11
C GLU I 21 2.31 -28.84 35.06
N GLN I 22 2.35 -29.67 36.10
CA GLN I 22 3.43 -29.66 37.09
C GLN I 22 3.88 -31.09 37.31
N LYS I 23 5.11 -31.40 36.89
CA LYS I 23 5.63 -32.75 37.07
C LYS I 23 5.98 -33.03 38.53
N GLU I 24 6.92 -32.27 39.08
CA GLU I 24 7.36 -32.44 40.45
C GLU I 24 6.73 -31.37 41.34
N SER I 25 6.40 -31.77 42.57
CA SER I 25 5.89 -30.83 43.56
C SER I 25 6.85 -29.66 43.72
N ASN I 26 6.27 -28.46 43.85
CA ASN I 26 7.05 -27.23 44.02
C ASN I 26 8.15 -27.13 42.96
N GLY I 27 7.82 -27.53 41.74
CA GLY I 27 8.72 -27.43 40.62
C GLY I 27 8.23 -26.41 39.60
N PRO I 28 8.71 -26.54 38.37
CA PRO I 28 8.24 -25.64 37.31
C PRO I 28 6.85 -26.02 36.83
N VAL I 29 6.15 -25.02 36.30
CA VAL I 29 4.78 -25.18 35.81
C VAL I 29 4.77 -24.77 34.35
N LYS I 30 4.34 -25.68 33.46
CA LYS I 30 4.10 -25.36 32.07
C LYS I 30 2.68 -24.83 31.91
N VAL I 31 2.55 -23.76 31.13
CA VAL I 31 1.30 -23.04 30.93
C VAL I 31 1.15 -22.86 29.43
N TRP I 32 0.39 -23.74 28.79
CA TRP I 32 0.28 -23.70 27.34
C TRP I 32 -1.18 -23.78 26.92
N GLY I 33 -1.49 -23.13 25.82
CA GLY I 33 -2.86 -23.10 25.35
C GLY I 33 -3.04 -21.99 24.34
N SER I 34 -4.31 -21.63 24.11
CA SER I 34 -4.60 -20.63 23.10
C SER I 34 -5.82 -19.81 23.50
N ILE I 35 -5.78 -18.53 23.15
CA ILE I 35 -6.90 -17.62 23.32
C ILE I 35 -7.20 -16.99 21.95
N LYS I 36 -8.47 -16.66 21.73
CA LYS I 36 -8.93 -16.16 20.45
C LYS I 36 -9.99 -15.08 20.67
N GLY I 37 -9.93 -14.02 19.88
CA GLY I 37 -10.85 -12.91 19.98
C GLY I 37 -10.28 -11.64 20.57
N LEU I 38 -9.00 -11.64 20.95
CA LEU I 38 -8.38 -10.43 21.48
C LEU I 38 -7.90 -9.54 20.33
N THR I 39 -7.57 -8.30 20.67
CA THR I 39 -7.01 -7.37 19.71
C THR I 39 -5.53 -7.65 19.53
N GLU I 40 -5.06 -7.49 18.29
CA GLU I 40 -3.67 -7.79 17.96
C GLU I 40 -2.72 -6.99 18.83
N GLY I 41 -1.79 -7.68 19.50
CA GLY I 41 -0.85 -7.01 20.36
C GLY I 41 -0.74 -7.69 21.71
N LEU I 42 -0.30 -6.93 22.71
CA LEU I 42 -0.03 -7.48 24.03
C LEU I 42 -1.26 -7.32 24.92
N HIS I 43 -1.57 -8.39 25.66
CA HIS I 43 -2.69 -8.42 26.60
C HIS I 43 -2.18 -8.92 27.94
N GLY I 44 -2.66 -8.30 29.02
CA GLY I 44 -2.31 -8.73 30.35
C GLY I 44 -2.70 -10.16 30.60
N PHE I 45 -2.04 -10.77 31.58
CA PHE I 45 -2.22 -12.21 31.82
C PHE I 45 -1.83 -12.46 33.28
N HIS I 46 -2.84 -12.59 34.15
CA HIS I 46 -2.58 -12.67 35.58
C HIS I 46 -3.42 -13.78 36.20
N VAL I 47 -3.12 -14.10 37.45
CA VAL I 47 -3.89 -15.05 38.23
C VAL I 47 -4.40 -14.30 39.46
N HIS I 48 -5.64 -13.86 39.41
CA HIS I 48 -6.26 -13.20 40.55
C HIS I 48 -6.68 -14.22 41.59
N GLU I 49 -6.63 -13.79 42.86
CA GLU I 49 -6.71 -14.67 44.01
C GLU I 49 -8.04 -15.41 44.12
N PHE I 50 -9.14 -14.69 44.35
CA PHE I 50 -10.41 -15.36 44.58
C PHE I 50 -10.90 -16.05 43.31
N GLY I 51 -11.53 -17.22 43.49
CA GLY I 51 -12.12 -17.94 42.39
C GLY I 51 -13.59 -17.62 42.22
N ASP I 52 -13.97 -16.39 42.58
CA ASP I 52 -15.36 -15.96 42.57
C ASP I 52 -15.73 -15.45 41.18
N ASN I 53 -16.89 -15.90 40.68
CA ASN I 53 -17.39 -15.49 39.38
C ASN I 53 -18.87 -15.10 39.46
N THR I 54 -19.29 -14.55 40.59
CA THR I 54 -20.69 -14.16 40.75
C THR I 54 -21.01 -12.88 39.99
N ALA I 55 -20.15 -11.86 40.13
CA ALA I 55 -20.34 -10.57 39.49
C ALA I 55 -19.41 -10.37 38.29
N GLY I 56 -19.01 -11.46 37.65
CA GLY I 56 -18.08 -11.41 36.53
C GLY I 56 -16.63 -11.51 36.96
N CYS I 57 -15.75 -11.14 36.02
CA CYS I 57 -14.32 -11.09 36.30
C CYS I 57 -13.99 -10.16 37.46
N THR I 58 -14.83 -9.17 37.72
CA THR I 58 -14.61 -8.26 38.84
C THR I 58 -14.63 -9.00 40.17
N SER I 59 -15.33 -10.14 40.23
CA SER I 59 -15.35 -10.97 41.43
C SER I 59 -14.02 -11.65 41.69
N ALA I 60 -13.16 -11.74 40.67
CA ALA I 60 -11.89 -12.44 40.83
C ALA I 60 -11.03 -11.80 41.91
N GLY I 61 -11.02 -10.47 41.97
CA GLY I 61 -10.24 -9.77 42.96
C GLY I 61 -8.88 -9.35 42.44
N PRO I 62 -8.00 -8.91 43.34
CA PRO I 62 -6.64 -8.51 42.92
C PRO I 62 -5.79 -9.72 42.57
N HIS I 63 -4.56 -9.48 42.13
CA HIS I 63 -3.67 -10.57 41.77
C HIS I 63 -3.26 -11.36 43.02
N PHE I 64 -3.02 -12.65 42.82
CA PHE I 64 -2.59 -13.55 43.88
C PHE I 64 -1.28 -13.09 44.50
N ASN I 65 -1.36 -12.46 45.67
CA ASN I 65 -0.20 -11.87 46.34
C ASN I 65 -0.07 -12.47 47.74
N PRO I 66 0.29 -13.76 47.84
CA PRO I 66 0.44 -14.37 49.17
C PRO I 66 1.63 -13.85 49.94
N LEU I 67 2.60 -13.23 49.27
CA LEU I 67 3.82 -12.75 49.91
C LEU I 67 3.83 -11.23 50.11
N SER I 68 2.73 -10.55 49.75
CA SER I 68 2.58 -9.12 49.95
C SER I 68 3.76 -8.35 49.36
N ARG I 69 3.84 -8.37 48.03
CA ARG I 69 4.90 -7.69 47.31
C ARG I 69 4.32 -6.80 46.23
N LYS I 70 5.13 -5.85 45.78
CA LYS I 70 4.74 -4.95 44.71
C LYS I 70 4.62 -5.70 43.40
N HIS I 71 4.21 -4.99 42.35
CA HIS I 71 3.88 -5.62 41.07
C HIS I 71 5.08 -5.52 40.14
N GLY I 72 5.25 -6.54 39.30
CA GLY I 72 6.42 -6.55 38.46
C GLY I 72 6.30 -7.53 37.32
N GLY I 73 7.32 -7.53 36.46
CA GLY I 73 7.40 -8.45 35.36
C GLY I 73 7.62 -9.86 35.88
N PRO I 74 7.26 -10.86 35.07
CA PRO I 74 7.37 -12.26 35.52
C PRO I 74 8.78 -12.66 35.90
N LYS I 75 9.78 -12.12 35.22
CA LYS I 75 11.18 -12.44 35.49
C LYS I 75 11.76 -11.68 36.65
N ASP I 76 11.01 -10.72 37.22
CA ASP I 76 11.51 -9.89 38.30
C ASP I 76 11.19 -10.52 39.65
N GLU I 77 12.09 -10.30 40.61
CA GLU I 77 11.91 -10.89 41.93
C GLU I 77 10.73 -10.26 42.67
N GLU I 78 10.65 -8.94 42.65
CA GLU I 78 9.49 -8.26 43.22
C GLU I 78 8.29 -8.46 42.29
N ARG I 79 7.46 -9.44 42.59
CA ARG I 79 6.27 -9.65 41.78
C ARG I 79 5.25 -10.51 42.51
N HIS I 80 3.99 -10.20 42.23
CA HIS I 80 2.82 -11.07 42.40
C HIS I 80 3.14 -12.51 42.03
N VAL I 81 2.60 -13.46 42.79
CA VAL I 81 2.75 -14.86 42.43
C VAL I 81 1.98 -15.17 41.16
N GLY I 82 0.80 -14.57 41.00
CA GLY I 82 -0.02 -14.75 39.82
C GLY I 82 0.35 -13.88 38.65
N ASP I 83 1.48 -13.18 38.71
CA ASP I 83 1.94 -12.40 37.56
C ASP I 83 2.56 -13.30 36.51
N LEU I 84 1.97 -13.35 35.34
CA LEU I 84 2.53 -14.09 34.22
C LEU I 84 2.99 -13.18 33.09
N GLY I 85 2.78 -11.88 33.20
CA GLY I 85 3.24 -10.94 32.20
C GLY I 85 2.24 -10.66 31.11
N ASN I 86 2.71 -10.62 29.87
CA ASN I 86 1.89 -10.29 28.72
C ASN I 86 1.84 -11.45 27.75
N VAL I 87 0.76 -11.50 26.97
CA VAL I 87 0.58 -12.47 25.90
C VAL I 87 0.45 -11.70 24.59
N THR I 88 0.87 -12.32 23.50
CA THR I 88 0.90 -11.67 22.19
C THR I 88 -0.13 -12.31 21.27
N ALA I 89 -1.01 -11.51 20.70
CA ALA I 89 -2.08 -11.96 19.82
C ALA I 89 -1.80 -11.50 18.41
N ASP I 90 -1.80 -12.44 17.47
CA ASP I 90 -1.35 -12.20 16.10
C ASP I 90 -2.41 -11.40 15.34
N LYS I 91 -2.20 -11.29 14.01
CA LYS I 91 -3.13 -10.54 13.17
C LYS I 91 -4.55 -11.07 13.30
N ASP I 92 -4.71 -12.38 13.39
CA ASP I 92 -6.01 -13.01 13.58
C ASP I 92 -6.47 -13.01 15.04
N GLY I 93 -5.77 -12.30 15.91
CA GLY I 93 -6.10 -12.27 17.33
C GLY I 93 -5.94 -13.59 18.05
N VAL I 94 -5.21 -14.54 17.48
CA VAL I 94 -5.03 -15.85 18.10
C VAL I 94 -3.71 -15.79 18.87
N ALA I 95 -3.80 -15.81 20.20
CA ALA I 95 -2.64 -15.83 21.08
C ALA I 95 -2.31 -17.27 21.43
N ASP I 96 -1.11 -17.72 21.08
CA ASP I 96 -0.64 -19.08 21.36
C ASP I 96 0.28 -19.00 22.57
N VAL I 97 -0.29 -19.17 23.76
CA VAL I 97 0.44 -18.98 25.00
C VAL I 97 1.27 -20.22 25.29
N SER I 98 2.56 -20.01 25.53
CA SER I 98 3.44 -21.07 26.03
C SER I 98 4.43 -20.43 26.99
N ILE I 99 4.35 -20.81 28.26
CA ILE I 99 5.06 -20.14 29.35
C ILE I 99 5.54 -21.22 30.32
N GLU I 100 6.66 -20.96 30.99
CA GLU I 100 7.14 -21.83 32.07
C GLU I 100 7.45 -20.96 33.27
N ASP I 101 6.71 -21.18 34.37
CA ASP I 101 6.81 -20.35 35.55
C ASP I 101 7.12 -21.21 36.77
N SER I 102 8.14 -20.82 37.53
CA SER I 102 8.48 -21.49 38.78
C SER I 102 7.75 -20.91 39.97
N VAL I 103 7.28 -19.68 39.89
CA VAL I 103 6.66 -19.04 41.05
C VAL I 103 5.31 -19.66 41.34
N ILE I 104 4.50 -19.92 40.31
CA ILE I 104 3.20 -20.54 40.53
C ILE I 104 3.40 -22.03 40.83
N SER I 105 2.34 -22.68 41.27
CA SER I 105 2.38 -24.07 41.66
C SER I 105 0.94 -24.57 41.75
N LEU I 106 0.78 -25.88 41.63
CA LEU I 106 -0.52 -26.53 41.75
C LEU I 106 -0.72 -27.15 43.13
N SER I 107 0.04 -26.69 44.13
CA SER I 107 0.10 -27.33 45.43
C SER I 107 0.88 -26.43 46.37
N GLY I 108 0.71 -26.67 47.68
CA GLY I 108 1.42 -25.89 48.67
C GLY I 108 0.82 -24.50 48.85
N ASP I 109 1.64 -23.59 49.39
CA ASP I 109 1.17 -22.24 49.63
C ASP I 109 0.85 -21.51 48.33
N HIS I 110 1.66 -21.76 47.30
CA HIS I 110 1.49 -21.10 46.00
C HIS I 110 0.57 -21.88 45.06
N CYS I 111 -0.37 -22.66 45.61
CA CYS I 111 -1.34 -23.36 44.76
C CYS I 111 -2.21 -22.35 44.02
N ILE I 112 -2.39 -22.57 42.72
CA ILE I 112 -3.25 -21.71 41.91
C ILE I 112 -4.51 -22.44 41.44
N ILE I 113 -4.65 -23.72 41.76
CA ILE I 113 -5.90 -24.41 41.47
C ILE I 113 -7.02 -23.74 42.26
N GLY I 114 -8.05 -23.30 41.54
CA GLY I 114 -9.19 -22.64 42.16
C GLY I 114 -9.16 -21.12 42.07
N ARG I 115 -8.02 -20.53 41.74
CA ARG I 115 -7.97 -19.10 41.53
C ARG I 115 -8.38 -18.78 40.10
N THR I 116 -8.45 -17.51 39.76
CA THR I 116 -9.05 -17.09 38.49
C THR I 116 -7.98 -16.52 37.56
N LEU I 117 -7.70 -17.24 36.47
CA LEU I 117 -6.89 -16.68 35.40
C LEU I 117 -7.64 -15.57 34.71
N VAL I 118 -6.97 -14.43 34.48
CA VAL I 118 -7.59 -13.23 33.93
C VAL I 118 -6.70 -12.66 32.84
N VAL I 119 -7.22 -12.61 31.61
CA VAL I 119 -6.60 -11.88 30.50
C VAL I 119 -7.27 -10.52 30.38
N HIS I 120 -6.45 -9.47 30.32
CA HIS I 120 -6.87 -8.08 30.38
C HIS I 120 -6.99 -7.50 28.97
N GLU I 121 -7.20 -6.19 28.91
CA GLU I 121 -7.45 -5.49 27.65
C GLU I 121 -6.17 -4.91 27.04
N LYS I 122 -5.38 -4.19 27.83
CA LYS I 122 -4.14 -3.63 27.35
C LYS I 122 -2.95 -4.46 27.84
N ALA I 123 -1.76 -3.87 27.77
CA ALA I 123 -0.52 -4.57 28.09
C ALA I 123 -0.03 -4.21 29.48
N ASP I 124 0.64 -5.16 30.12
CA ASP I 124 1.19 -4.96 31.45
C ASP I 124 2.58 -4.33 31.33
N ASP I 125 2.77 -3.17 31.95
CA ASP I 125 4.06 -2.49 31.93
C ASP I 125 5.11 -3.16 32.79
N LEU I 126 4.79 -4.32 33.37
CA LEU I 126 5.71 -5.07 34.22
C LEU I 126 6.14 -4.28 35.45
N GLY I 127 5.37 -3.27 35.82
CA GLY I 127 5.67 -2.48 37.00
C GLY I 127 6.58 -1.29 36.76
N LYS I 128 6.98 -1.04 35.52
CA LYS I 128 7.85 0.08 35.19
C LYS I 128 7.09 1.25 34.57
N GLY I 129 5.81 1.43 34.93
CA GLY I 129 5.02 2.53 34.38
C GLY I 129 5.28 3.86 35.03
N GLY I 130 5.70 3.86 36.29
CA GLY I 130 6.00 5.10 36.98
C GLY I 130 4.81 5.77 37.63
N ASN I 131 3.88 4.99 38.18
CA ASN I 131 2.74 5.55 38.90
C ASN I 131 2.27 4.51 39.92
N GLU I 132 1.26 4.89 40.71
CA GLU I 132 0.78 4.00 41.77
C GLU I 132 0.01 2.82 41.20
N GLU I 133 -0.60 2.99 40.01
CA GLU I 133 -1.36 1.91 39.39
C GLU I 133 -0.44 0.86 38.77
N SER I 134 0.78 1.25 38.39
CA SER I 134 1.71 0.27 37.85
C SER I 134 2.21 -0.67 38.94
N THR I 135 2.38 -0.16 40.16
CA THR I 135 2.85 -0.98 41.28
C THR I 135 1.77 -1.92 41.81
N LYS I 136 0.54 -1.82 41.31
CA LYS I 136 -0.53 -2.73 41.71
C LYS I 136 -0.97 -3.61 40.54
N THR I 137 -1.71 -3.08 39.58
CA THR I 137 -2.26 -3.87 38.49
C THR I 137 -1.39 -3.88 37.24
N GLY I 138 -0.39 -3.00 37.16
CA GLY I 138 0.39 -2.88 35.95
C GLY I 138 -0.31 -2.22 34.79
N ASN I 139 -1.33 -1.40 35.05
CA ASN I 139 -2.02 -0.61 34.03
C ASN I 139 -2.47 -1.49 32.86
N ALA I 140 -2.98 -2.67 33.17
CA ALA I 140 -3.35 -3.64 32.15
C ALA I 140 -4.68 -3.31 31.48
N GLY I 141 -5.49 -2.44 32.07
CA GLY I 141 -6.81 -2.15 31.56
C GLY I 141 -7.87 -3.00 32.22
N SER I 142 -9.04 -3.05 31.58
CA SER I 142 -10.13 -3.86 32.13
C SER I 142 -9.88 -5.33 31.84
N ARG I 143 -10.63 -6.18 32.54
CA ARG I 143 -10.51 -7.63 32.39
C ARG I 143 -11.42 -8.11 31.27
N LEU I 144 -10.82 -8.65 30.21
CA LEU I 144 -11.61 -9.16 29.10
C LEU I 144 -12.15 -10.55 29.38
N ALA I 145 -11.30 -11.48 29.82
CA ALA I 145 -11.76 -12.84 30.08
C ALA I 145 -11.15 -13.37 31.37
N CYS I 146 -11.84 -14.33 31.97
CA CYS I 146 -11.46 -14.87 33.27
C CYS I 146 -12.09 -16.24 33.47
N GLY I 147 -11.37 -17.11 34.15
CA GLY I 147 -11.85 -18.46 34.41
C GLY I 147 -11.21 -19.08 35.64
N VAL I 148 -11.99 -19.84 36.39
CA VAL I 148 -11.46 -20.54 37.55
C VAL I 148 -10.54 -21.66 37.08
N ILE I 149 -9.42 -21.83 37.77
CA ILE I 149 -8.50 -22.92 37.46
C ILE I 149 -8.99 -24.19 38.15
N GLY I 150 -9.23 -25.24 37.37
CA GLY I 150 -9.67 -26.51 37.89
C GLY I 150 -8.63 -27.59 37.65
N ILE I 151 -8.83 -28.74 38.31
CA ILE I 151 -7.91 -29.85 38.20
C ILE I 151 -8.24 -30.65 36.93
N ALA I 152 -7.22 -30.95 36.14
CA ALA I 152 -7.40 -31.73 34.92
C ALA I 152 -6.91 -33.16 35.04
N GLN I 153 -6.22 -33.51 36.12
CA GLN I 153 -5.81 -34.90 36.34
C GLN I 153 -5.50 -35.19 37.81
N GLN J 3 15.30 -0.08 12.43
CA GLN J 3 14.21 -0.62 13.23
C GLN J 3 13.38 0.51 13.86
N LEU J 4 14.00 1.28 14.76
CA LEU J 4 13.38 2.46 15.35
C LEU J 4 13.98 3.72 14.75
N GLN J 5 13.16 4.77 14.69
CA GLN J 5 13.56 5.99 13.99
C GLN J 5 12.91 7.19 14.72
N GLU J 6 13.67 7.79 15.63
CA GLU J 6 13.18 8.89 16.45
C GLU J 6 13.60 10.22 15.84
N SER J 7 12.76 11.24 16.05
CA SER J 7 13.02 12.56 15.50
C SER J 7 12.06 13.56 16.14
N GLY J 8 12.31 14.84 15.86
CA GLY J 8 11.38 15.90 16.21
C GLY J 8 11.74 16.72 17.43
N GLY J 9 12.85 16.43 18.09
CA GLY J 9 13.24 17.13 19.30
C GLY J 9 14.42 18.07 19.09
N GLY J 10 14.66 18.87 20.11
CA GLY J 10 15.80 19.77 20.13
C GLY J 10 15.80 20.73 21.30
N LEU J 11 16.18 21.98 21.02
CA LEU J 11 16.21 23.03 22.03
C LEU J 11 14.84 23.69 22.11
N VAL J 12 14.38 23.96 23.33
CA VAL J 12 13.10 24.61 23.58
C VAL J 12 13.24 25.44 24.86
N GLN J 13 12.61 26.60 24.88
CA GLN J 13 12.61 27.44 26.07
C GLN J 13 11.54 26.97 27.05
N PRO J 14 11.74 27.17 28.35
CA PRO J 14 10.75 26.71 29.34
C PRO J 14 9.36 27.25 29.05
N GLY J 15 8.37 26.36 29.13
CA GLY J 15 7.01 26.69 28.78
C GLY J 15 6.62 26.37 27.35
N GLY J 16 7.51 25.77 26.57
CA GLY J 16 7.26 25.47 25.19
C GLY J 16 6.62 24.11 24.99
N SER J 17 6.69 23.63 23.74
CA SER J 17 6.11 22.35 23.38
C SER J 17 6.96 21.71 22.30
N LEU J 18 6.92 20.38 22.24
CA LEU J 18 7.56 19.63 21.17
C LEU J 18 6.65 18.48 20.76
N ARG J 19 6.92 17.93 19.59
CA ARG J 19 6.19 16.77 19.08
C ARG J 19 7.24 15.77 18.57
N LEU J 20 7.50 14.75 19.38
CA LEU J 20 8.49 13.74 19.05
C LEU J 20 7.83 12.63 18.23
N SER J 21 8.38 12.35 17.06
CA SER J 21 7.89 11.28 16.20
C SER J 21 8.85 10.10 16.26
N CYS J 22 8.29 8.91 16.08
CA CYS J 22 9.10 7.70 15.96
C CYS J 22 8.44 6.75 14.97
N ARG J 23 9.18 6.37 13.94
CA ARG J 23 8.76 5.33 13.01
C ARG J 23 9.36 4.00 13.44
N ALA J 24 8.50 3.00 13.57
CA ALA J 24 8.93 1.66 13.92
C ALA J 24 8.69 0.71 12.75
N SER J 25 9.45 -0.37 12.72
CA SER J 25 9.19 -1.42 11.75
C SER J 25 7.82 -2.06 12.03
N GLU J 26 7.27 -2.70 11.00
CA GLU J 26 5.97 -3.35 11.15
C GLU J 26 6.02 -4.41 12.25
N THR J 27 7.15 -5.11 12.37
CA THR J 27 7.26 -6.22 13.32
C THR J 27 7.29 -5.74 14.76
N LEU J 28 7.80 -4.52 15.01
CA LEU J 28 7.78 -4.00 16.37
C LEU J 28 6.44 -3.35 16.70
N PHE J 29 5.83 -2.66 15.74
CA PHE J 29 4.58 -1.96 16.03
C PHE J 29 3.37 -2.88 16.06
N SER J 30 3.44 -4.05 15.42
CA SER J 30 2.33 -5.00 15.54
C SER J 30 2.12 -5.46 16.98
N LEU J 31 3.06 -5.18 17.88
CA LEU J 31 2.88 -5.46 19.29
C LEU J 31 1.93 -4.49 19.97
N TYR J 32 1.76 -3.28 19.42
CA TYR J 32 0.76 -2.33 19.90
C TYR J 32 0.90 -2.03 21.39
N ALA J 33 2.13 -2.09 21.91
CA ALA J 33 2.44 -1.71 23.28
C ALA J 33 3.74 -0.93 23.21
N MET J 34 3.64 0.31 22.77
CA MET J 34 4.81 1.15 22.54
C MET J 34 4.96 2.14 23.68
N GLY J 35 6.13 2.78 23.75
CA GLY J 35 6.42 3.63 24.87
C GLY J 35 7.60 4.55 24.68
N TRP J 36 7.45 5.76 25.18
CA TRP J 36 8.48 6.78 25.13
C TRP J 36 9.20 6.81 26.46
N TYR J 37 10.52 6.59 26.41
CA TYR J 37 11.40 6.63 27.58
C TYR J 37 12.30 7.85 27.49
N ARG J 38 12.60 8.44 28.64
CA ARG J 38 13.57 9.52 28.74
C ARG J 38 14.80 9.00 29.47
N GLN J 39 15.95 9.59 29.16
CA GLN J 39 17.20 9.18 29.77
C GLN J 39 18.04 10.41 30.05
N ALA J 40 18.39 10.61 31.33
CA ALA J 40 19.32 11.65 31.73
C ALA J 40 20.73 11.08 31.82
N PRO J 41 21.74 11.85 31.43
CA PRO J 41 23.12 11.35 31.52
C PRO J 41 23.49 10.90 32.93
N GLY J 42 23.64 9.59 33.13
CA GLY J 42 23.90 9.02 34.43
C GLY J 42 22.73 8.32 35.08
N LYS J 43 21.63 8.10 34.35
CA LYS J 43 20.48 7.40 34.88
C LYS J 43 19.94 6.43 33.83
N GLN J 44 19.18 5.44 34.29
CA GLN J 44 18.66 4.39 33.44
C GLN J 44 17.42 4.87 32.71
N PRO J 45 17.26 4.50 31.42
CA PRO J 45 16.13 5.02 30.64
C PRO J 45 14.79 4.69 31.25
N GLU J 46 14.29 5.60 32.08
CA GLU J 46 13.02 5.42 32.75
C GLU J 46 11.85 5.50 31.76
N LEU J 47 10.85 4.66 31.98
CA LEU J 47 9.65 4.69 31.14
C LEU J 47 8.82 5.93 31.48
N ILE J 48 8.51 6.73 30.45
CA ILE J 48 7.74 7.95 30.61
C ILE J 48 6.28 7.75 30.24
N ALA J 49 6.02 7.27 29.02
CA ALA J 49 4.64 7.15 28.54
C ALA J 49 4.47 5.82 27.81
N THR J 50 3.25 5.28 27.89
CA THR J 50 2.89 4.01 27.27
C THR J 50 1.64 4.20 26.41
N ILE J 51 1.56 3.42 25.34
CA ILE J 51 0.39 3.38 24.46
C ILE J 51 0.13 1.94 24.10
N SER J 52 -1.04 1.44 24.48
CA SER J 52 -1.41 0.06 24.18
C SER J 52 -2.92 -0.05 24.13
N GLY J 53 -3.39 -1.04 23.40
CA GLY J 53 -4.81 -1.29 23.27
C GLY J 53 -5.26 -1.26 21.82
N GLY J 54 -6.51 -1.66 21.63
CA GLY J 54 -7.06 -1.78 20.30
C GLY J 54 -7.48 -0.45 19.72
N GLY J 55 -7.63 -0.44 18.39
CA GLY J 55 -8.04 0.78 17.72
C GLY J 55 -6.96 1.84 17.79
N GLU J 56 -7.36 3.02 18.24
CA GLU J 56 -6.43 4.14 18.36
C GLU J 56 -5.44 3.96 19.51
N GLY J 57 -5.78 3.13 20.49
CA GLY J 57 -4.86 2.85 21.58
C GLY J 57 -5.03 3.78 22.77
N THR J 58 -4.91 3.24 23.97
CA THR J 58 -5.02 4.00 25.20
C THR J 58 -3.64 4.39 25.70
N GLY J 59 -3.51 5.61 26.19
CA GLY J 59 -2.24 6.17 26.64
C GLY J 59 -2.20 6.34 28.14
N ASN J 60 -1.06 5.95 28.72
CA ASN J 60 -0.77 6.13 30.13
C ASN J 60 0.50 6.94 30.31
N TYR J 61 0.57 7.70 31.40
CA TYR J 61 1.68 8.59 31.67
C TYR J 61 2.17 8.37 33.10
N ALA J 62 3.46 8.63 33.31
CA ALA J 62 4.04 8.57 34.64
C ALA J 62 3.71 9.84 35.42
N ASP J 63 4.16 9.89 36.67
CA ASP J 63 3.82 11.03 37.52
C ASP J 63 4.38 12.36 37.02
N PRO J 64 5.69 12.50 36.75
CA PRO J 64 6.21 13.85 36.42
C PRO J 64 5.61 14.46 35.18
N VAL J 65 4.90 13.68 34.35
CA VAL J 65 4.41 14.15 33.06
C VAL J 65 2.90 14.08 32.94
N LYS J 66 2.20 13.58 33.96
CA LYS J 66 0.75 13.45 33.88
C LYS J 66 0.10 14.81 33.66
N GLY J 67 -0.88 14.85 32.76
CA GLY J 67 -1.56 16.08 32.43
C GLY J 67 -0.75 17.08 31.63
N ARG J 68 0.46 16.73 31.21
CA ARG J 68 1.28 17.59 30.37
C ARG J 68 1.69 16.94 29.06
N PHE J 69 2.00 15.64 29.07
CA PHE J 69 2.37 14.92 27.87
C PHE J 69 1.15 14.16 27.34
N THR J 70 1.10 14.01 26.02
CA THR J 70 0.00 13.30 25.36
C THR J 70 0.58 12.36 24.33
N ILE J 71 0.32 11.06 24.49
CA ILE J 71 0.87 10.01 23.63
C ILE J 71 -0.18 9.58 22.63
N SER J 72 0.26 9.24 21.42
CA SER J 72 -0.67 8.78 20.39
C SER J 72 0.10 7.94 19.38
N ARG J 73 -0.65 7.32 18.47
CA ARG J 73 -0.06 6.44 17.48
C ARG J 73 -0.80 6.58 16.17
N ASN J 74 -0.23 5.97 15.12
CA ASN J 74 -0.85 5.89 13.81
C ASN J 74 -0.54 4.50 13.27
N ASN J 75 -1.59 3.68 13.16
CA ASN J 75 -1.44 2.27 12.80
C ASN J 75 -1.15 2.07 11.33
N ALA J 76 -1.65 2.96 10.46
CA ALA J 76 -1.40 2.84 9.03
C ALA J 76 0.02 3.21 8.68
N ASP J 77 0.64 4.10 9.44
CA ASP J 77 2.03 4.49 9.25
C ASP J 77 2.98 3.81 10.22
N ASN J 78 2.45 3.00 11.14
CA ASN J 78 3.26 2.34 12.16
C ASN J 78 4.15 3.35 12.88
N MET J 79 3.54 4.43 13.36
CA MET J 79 4.29 5.53 13.96
C MET J 79 3.73 5.87 15.33
N VAL J 80 4.58 6.46 16.18
CA VAL J 80 4.21 6.92 17.50
C VAL J 80 4.54 8.39 17.61
N PHE J 81 3.70 9.12 18.37
CA PHE J 81 3.86 10.54 18.57
C PHE J 81 3.75 10.86 20.06
N LEU J 82 4.60 11.78 20.51
CA LEU J 82 4.61 12.25 21.89
C LEU J 82 4.58 13.77 21.88
N GLN J 83 3.46 14.36 22.31
CA GLN J 83 3.31 15.81 22.37
C GLN J 83 3.61 16.26 23.79
N MET J 84 4.55 17.21 23.91
CA MET J 84 5.05 17.69 25.20
C MET J 84 4.73 19.18 25.31
N ASN J 85 3.73 19.51 26.12
CA ASN J 85 3.36 20.91 26.34
C ASN J 85 3.78 21.33 27.74
N ASN J 86 4.01 22.63 27.90
CA ASN J 86 4.42 23.20 29.19
C ASN J 86 5.72 22.57 29.68
N LEU J 87 6.76 22.70 28.85
CA LEU J 87 8.02 22.01 29.07
C LEU J 87 8.83 22.70 30.17
N LYS J 88 9.30 21.90 31.14
CA LYS J 88 10.12 22.34 32.26
C LYS J 88 11.56 21.92 32.07
N PRO J 89 12.51 22.59 32.74
CA PRO J 89 13.93 22.24 32.56
C PRO J 89 14.32 20.87 33.09
N GLU J 90 13.44 20.18 33.81
CA GLU J 90 13.75 18.83 34.26
C GLU J 90 13.55 17.78 33.17
N ASP J 91 12.77 18.10 32.15
CA ASP J 91 12.54 17.16 31.04
C ASP J 91 13.73 17.06 30.10
N THR J 92 14.75 17.91 30.26
CA THR J 92 15.92 17.86 29.39
C THR J 92 16.57 16.49 29.48
N ALA J 93 16.53 15.74 28.38
CA ALA J 93 16.99 14.36 28.36
C ALA J 93 17.03 13.88 26.92
N VAL J 94 17.52 12.66 26.73
CA VAL J 94 17.46 11.98 25.45
C VAL J 94 16.24 11.08 25.45
N TYR J 95 15.33 11.29 24.52
CA TYR J 95 14.10 10.54 24.44
C TYR J 95 14.23 9.46 23.38
N TYR J 96 13.87 8.23 23.75
CA TYR J 96 13.82 7.08 22.86
C TYR J 96 12.39 6.55 22.84
N CYS J 97 12.09 5.76 21.82
CA CYS J 97 10.78 5.13 21.68
C CYS J 97 10.98 3.65 21.36
N ASN J 98 10.35 2.79 22.14
CA ASN J 98 10.56 1.35 22.00
C ASN J 98 9.36 0.62 22.58
N VAL J 99 9.40 -0.70 22.53
CA VAL J 99 8.31 -1.52 23.04
C VAL J 99 8.47 -1.70 24.55
N TYR J 100 7.35 -1.82 25.25
CA TYR J 100 7.33 -2.06 26.69
C TYR J 100 6.55 -3.33 27.00
N GLY J 101 6.71 -3.81 28.23
CA GLY J 101 6.08 -5.04 28.67
C GLY J 101 6.75 -6.30 28.17
N THR J 102 7.50 -6.23 27.08
CA THR J 102 8.27 -7.36 26.59
C THR J 102 9.77 -7.12 26.67
N ASN J 103 10.56 -7.82 25.87
CA ASN J 103 11.98 -7.54 25.82
C ASN J 103 12.25 -6.29 24.99
N LEU J 104 13.17 -5.46 25.47
CA LEU J 104 13.42 -4.19 24.80
C LEU J 104 14.20 -4.40 23.51
N ALA J 105 13.66 -3.87 22.41
CA ALA J 105 14.34 -3.93 21.13
C ALA J 105 15.61 -3.11 21.19
N PRO J 106 16.53 -3.32 20.25
CA PRO J 106 17.75 -2.49 20.21
C PRO J 106 17.41 -1.02 20.12
N TRP J 107 17.98 -0.24 21.05
CA TRP J 107 17.66 1.19 21.16
C TRP J 107 18.02 1.94 19.88
N GLY J 108 17.26 3.01 19.63
CA GLY J 108 17.50 3.87 18.48
C GLY J 108 18.43 5.01 18.81
N GLN J 109 18.50 5.96 17.87
CA GLN J 109 19.31 7.15 18.11
C GLN J 109 18.65 8.11 19.08
N GLY J 110 17.32 8.04 19.22
CA GLY J 110 16.59 8.97 20.06
C GLY J 110 16.71 10.41 19.55
N THR J 111 16.23 11.32 20.38
CA THR J 111 16.32 12.74 20.07
C THR J 111 16.54 13.53 21.35
N GLN J 112 17.38 14.55 21.27
CA GLN J 112 17.76 15.34 22.43
C GLN J 112 16.74 16.45 22.66
N VAL J 113 16.31 16.62 23.91
CA VAL J 113 15.36 17.65 24.28
C VAL J 113 15.98 18.46 25.41
N THR J 114 16.31 19.71 25.12
CA THR J 114 16.98 20.60 26.07
C THR J 114 16.09 21.80 26.35
N VAL J 115 15.67 21.96 27.60
CA VAL J 115 14.76 23.02 28.01
C VAL J 115 15.59 24.08 28.73
N SER J 116 15.88 25.18 28.03
CA SER J 116 16.63 26.28 28.60
C SER J 116 16.34 27.53 27.77
N SER J 117 16.40 28.69 28.43
CA SER J 117 16.15 29.97 27.76
C SER J 117 17.42 30.80 27.70
N GLN K 1 -28.38 -3.24 18.47
CA GLN K 1 -27.94 -4.29 17.54
C GLN K 1 -26.97 -3.74 16.49
N VAL K 2 -25.96 -4.55 16.15
CA VAL K 2 -24.98 -4.17 15.13
C VAL K 2 -25.64 -4.27 13.77
N GLN K 3 -26.00 -3.12 13.19
CA GLN K 3 -26.68 -3.07 11.90
C GLN K 3 -25.70 -2.66 10.81
N LEU K 4 -25.59 -3.49 9.78
CA LEU K 4 -24.67 -3.29 8.66
C LEU K 4 -25.41 -2.74 7.45
N GLN K 5 -24.66 -2.08 6.56
CA GLN K 5 -25.23 -1.47 5.37
C GLN K 5 -24.15 -1.34 4.32
N GLU K 6 -24.38 -1.88 3.12
CA GLU K 6 -23.39 -1.94 2.06
C GLU K 6 -23.80 -1.06 0.89
N SER K 7 -22.80 -0.62 0.13
CA SER K 7 -23.03 0.20 -1.05
C SER K 7 -21.92 -0.08 -2.07
N GLY K 8 -22.00 0.58 -3.21
CA GLY K 8 -21.00 0.50 -4.24
C GLY K 8 -21.35 -0.40 -5.41
N GLY K 9 -22.42 -1.18 -5.31
CA GLY K 9 -22.79 -2.07 -6.39
C GLY K 9 -23.33 -1.34 -7.60
N GLY K 10 -23.32 -2.04 -8.71
CA GLY K 10 -23.76 -1.47 -9.98
C GLY K 10 -23.23 -2.28 -11.14
N SER K 11 -23.57 -1.81 -12.34
CA SER K 11 -23.17 -2.47 -13.57
C SER K 11 -21.79 -2.02 -14.00
N VAL K 12 -20.89 -2.98 -14.20
CA VAL K 12 -19.50 -2.73 -14.54
C VAL K 12 -19.14 -3.60 -15.73
N GLN K 13 -18.39 -3.04 -16.67
CA GLN K 13 -17.95 -3.82 -17.83
C GLN K 13 -17.02 -4.96 -17.39
N ALA K 14 -16.84 -5.93 -18.27
CA ALA K 14 -16.00 -7.08 -17.98
C ALA K 14 -14.56 -6.66 -17.73
N GLY K 15 -14.18 -6.56 -16.45
CA GLY K 15 -12.82 -6.20 -16.09
C GLY K 15 -12.70 -4.88 -15.33
N GLY K 16 -13.80 -4.18 -15.09
CA GLY K 16 -13.74 -2.91 -14.40
C GLY K 16 -13.49 -3.06 -12.92
N SER K 17 -13.28 -1.92 -12.27
CA SER K 17 -12.98 -1.86 -10.85
C SER K 17 -14.18 -1.31 -10.09
N LEU K 18 -14.39 -1.85 -8.89
CA LEU K 18 -15.48 -1.44 -8.02
C LEU K 18 -15.01 -1.46 -6.57
N ARG K 19 -15.56 -0.56 -5.76
CA ARG K 19 -15.20 -0.43 -4.35
C ARG K 19 -16.46 -0.66 -3.53
N LEU K 20 -16.63 -1.88 -3.04
CA LEU K 20 -17.78 -2.26 -2.22
C LEU K 20 -17.49 -1.89 -0.77
N ALA K 21 -18.06 -0.78 -0.31
CA ALA K 21 -17.91 -0.33 1.07
C ALA K 21 -19.16 -0.68 1.88
N CYS K 22 -18.95 -0.95 3.16
CA CYS K 22 -20.05 -1.22 4.09
C CYS K 22 -19.75 -0.54 5.41
N VAL K 23 -20.67 0.32 5.85
CA VAL K 23 -20.51 1.06 7.10
C VAL K 23 -21.36 0.39 8.16
N ALA K 24 -20.72 0.01 9.27
CA ALA K 24 -21.44 -0.52 10.42
C ALA K 24 -22.01 0.61 11.26
N SER K 25 -23.26 0.46 11.68
CA SER K 25 -23.92 1.46 12.50
C SER K 25 -24.66 0.76 13.64
N GLY K 26 -24.69 1.42 14.79
CA GLY K 26 -25.29 0.77 15.95
C GLY K 26 -24.37 -0.30 16.53
N GLY K 27 -24.93 -1.03 17.49
CA GLY K 27 -24.21 -2.11 18.12
C GLY K 27 -23.26 -1.65 19.20
N ASP K 28 -22.54 -2.63 19.76
CA ASP K 28 -21.62 -2.39 20.86
C ASP K 28 -20.35 -1.77 20.30
N THR K 29 -20.18 -0.46 20.50
CA THR K 29 -19.08 0.27 19.92
C THR K 29 -17.78 0.13 20.70
N ARG K 30 -17.79 -0.55 21.85
CA ARG K 30 -16.58 -0.69 22.65
C ARG K 30 -15.45 -1.23 21.79
N PRO K 31 -14.21 -0.75 21.96
CA PRO K 31 -13.13 -1.11 21.03
C PRO K 31 -12.64 -2.53 21.19
N TYR K 32 -12.65 -3.07 22.41
CA TYR K 32 -12.16 -4.43 22.63
C TYR K 32 -13.15 -5.48 22.15
N ILE K 33 -14.22 -5.07 21.47
CA ILE K 33 -15.12 -6.00 20.78
C ILE K 33 -14.68 -6.08 19.33
N THR K 34 -14.31 -7.28 18.90
CA THR K 34 -13.85 -7.52 17.55
C THR K 34 -14.80 -8.45 16.82
N TYR K 35 -14.81 -8.34 15.50
CA TYR K 35 -15.64 -9.16 14.63
C TYR K 35 -14.79 -9.74 13.50
N TRP K 36 -15.33 -10.74 12.83
CA TRP K 36 -14.77 -11.25 11.58
C TRP K 36 -15.73 -10.77 10.50
N MET K 37 -15.36 -9.70 9.81
CA MET K 37 -16.22 -9.08 8.81
C MET K 37 -15.97 -9.72 7.46
N GLY K 38 -16.99 -10.33 6.88
CA GLY K 38 -16.83 -11.08 5.64
C GLY K 38 -17.82 -10.67 4.57
N TRP K 39 -17.34 -10.61 3.33
CA TRP K 39 -18.18 -10.39 2.16
C TRP K 39 -18.59 -11.76 1.60
N TYR K 40 -19.89 -11.92 1.29
CA TYR K 40 -20.42 -13.18 0.80
C TYR K 40 -21.16 -12.93 -0.52
N ARG K 41 -20.87 -13.75 -1.51
CA ARG K 41 -21.38 -13.58 -2.87
C ARG K 41 -22.42 -14.67 -3.13
N GLN K 42 -23.69 -14.27 -3.18
CA GLN K 42 -24.80 -15.16 -3.45
C GLN K 42 -25.20 -15.02 -4.92
N ALA K 43 -25.02 -16.10 -5.68
CA ALA K 43 -25.29 -16.08 -7.12
C ALA K 43 -26.76 -16.39 -7.42
N GLY K 45 -29.46 -17.84 -7.49
CA GLY K 45 -29.91 -19.18 -7.14
C GLY K 45 -28.93 -19.99 -6.32
N LYS K 46 -27.64 -19.71 -6.51
CA LYS K 46 -26.61 -20.47 -5.83
C LYS K 46 -26.55 -20.09 -4.35
N GLU K 47 -25.86 -20.92 -3.57
CA GLU K 47 -25.77 -20.72 -2.13
C GLU K 47 -24.84 -19.56 -1.80
N ARG K 48 -24.78 -19.19 -0.52
CA ARG K 48 -23.94 -18.07 -0.09
C ARG K 48 -22.48 -18.53 0.00
N GLU K 49 -21.65 -17.95 -0.87
CA GLU K 49 -20.25 -18.34 -0.99
C GLU K 49 -19.41 -17.67 0.10
N GLY K 50 -18.83 -16.51 -0.23
CA GLY K 50 -17.89 -15.86 0.66
C GLY K 50 -16.57 -15.58 -0.02
N VAL K 51 -16.32 -14.32 -0.37
CA VAL K 51 -15.14 -13.99 -1.15
C VAL K 51 -13.96 -13.62 -0.25
N ALA K 52 -14.17 -12.74 0.73
CA ALA K 52 -13.08 -12.26 1.57
C ALA K 52 -13.58 -12.05 2.99
N THR K 53 -12.63 -11.99 3.91
CA THR K 53 -12.93 -11.67 5.30
C THR K 53 -11.74 -10.94 5.90
N ILE K 54 -12.01 -10.14 6.94
CA ILE K 54 -10.99 -9.38 7.63
C ILE K 54 -11.34 -9.32 9.11
N TYR K 55 -10.37 -8.92 9.91
CA TYR K 55 -10.48 -8.94 11.37
C TYR K 55 -10.46 -7.49 11.87
N THR K 56 -11.49 -7.11 12.62
CA THR K 56 -11.60 -5.74 13.11
C THR K 56 -10.73 -5.48 14.33
N GLY K 57 -10.12 -6.51 14.90
CA GLY K 57 -9.18 -6.33 16.00
C GLY K 57 -7.76 -6.25 15.49
N GLY K 58 -7.54 -6.75 14.27
CA GLY K 58 -6.23 -6.72 13.67
C GLY K 58 -6.20 -6.47 12.17
N SER K 59 -5.48 -7.33 11.45
CA SER K 59 -5.31 -7.12 10.00
C SER K 59 -5.38 -8.39 9.19
N GLY K 60 -5.49 -9.57 9.80
CA GLY K 60 -5.54 -10.82 9.07
C GLY K 60 -6.64 -10.86 8.04
N THR K 61 -6.24 -10.98 6.77
CA THR K 61 -7.17 -11.08 5.66
C THR K 61 -7.14 -12.49 5.10
N TYR K 62 -8.31 -13.01 4.77
CA TYR K 62 -8.44 -14.35 4.22
C TYR K 62 -9.34 -14.29 2.99
N TYR K 63 -8.90 -14.92 1.90
CA TYR K 63 -9.62 -14.90 0.63
C TYR K 63 -9.92 -16.32 0.18
N SER K 64 -10.98 -16.46 -0.60
CA SER K 64 -11.41 -17.78 -1.07
C SER K 64 -10.53 -18.26 -2.22
N ASP K 65 -10.81 -19.47 -2.70
CA ASP K 65 -10.07 -20.02 -3.82
C ASP K 65 -10.58 -19.50 -5.16
N SER K 66 -11.86 -19.13 -5.22
CA SER K 66 -12.47 -18.63 -6.45
C SER K 66 -11.86 -17.32 -6.92
N VAL K 67 -11.15 -16.62 -6.05
CA VAL K 67 -10.55 -15.33 -6.38
C VAL K 67 -9.07 -15.38 -6.00
N GLU K 68 -8.21 -15.06 -6.97
CA GLU K 68 -6.77 -15.10 -6.74
C GLU K 68 -6.34 -13.76 -6.15
N GLY K 69 -5.56 -12.99 -6.90
CA GLY K 69 -5.20 -11.65 -6.48
C GLY K 69 -6.10 -10.61 -7.09
N ARG K 70 -7.38 -10.95 -7.27
CA ARG K 70 -8.33 -10.04 -7.87
C ARG K 70 -9.08 -9.21 -6.84
N PHE K 71 -9.40 -9.78 -5.69
CA PHE K 71 -10.16 -9.10 -4.65
C PHE K 71 -9.23 -8.76 -3.49
N THR K 72 -9.46 -7.59 -2.90
CA THR K 72 -8.69 -7.12 -1.77
C THR K 72 -9.63 -6.44 -0.79
N ILE K 73 -9.60 -6.88 0.47
CA ILE K 73 -10.47 -6.35 1.51
C ILE K 73 -9.62 -5.58 2.51
N SER K 74 -10.08 -4.40 2.89
CA SER K 74 -9.41 -3.56 3.86
C SER K 74 -10.46 -3.00 4.82
N GLN K 75 -10.02 -2.16 5.75
CA GLN K 75 -10.91 -1.67 6.78
C GLN K 75 -10.37 -0.37 7.36
N ASP K 76 -11.28 0.54 7.68
CA ASP K 76 -11.00 1.78 8.40
C ASP K 76 -11.71 1.65 9.74
N LYS K 77 -10.94 1.39 10.80
CA LYS K 77 -11.52 1.09 12.10
C LYS K 77 -12.04 2.35 12.79
N ALA K 78 -11.45 3.51 12.48
CA ALA K 78 -11.94 4.75 13.04
C ALA K 78 -13.31 5.11 12.46
N GLN K 79 -13.55 4.79 11.20
CA GLN K 79 -14.84 4.97 10.56
C GLN K 79 -15.71 3.72 10.66
N ARG K 80 -15.19 2.64 11.23
CA ARG K 80 -15.87 1.34 11.29
C ARG K 80 -16.50 0.98 9.95
N THR K 81 -15.64 0.92 8.93
CA THR K 81 -16.08 0.64 7.57
C THR K 81 -15.15 -0.39 6.94
N VAL K 82 -15.71 -1.30 6.16
CA VAL K 82 -14.93 -2.35 5.49
C VAL K 82 -15.04 -2.15 3.99
N TYR K 83 -13.90 -2.18 3.31
CA TYR K 83 -13.81 -1.95 1.87
C TYR K 83 -13.45 -3.24 1.17
N LEU K 84 -14.00 -3.43 -0.02
CA LEU K 84 -13.76 -4.62 -0.83
C LEU K 84 -13.48 -4.19 -2.26
N GLN K 85 -12.24 -4.37 -2.71
CA GLN K 85 -11.85 -3.96 -4.05
C GLN K 85 -12.14 -5.10 -5.02
N MET K 86 -12.74 -4.76 -6.16
CA MET K 86 -13.19 -5.74 -7.14
C MET K 86 -12.72 -5.27 -8.52
N ASN K 87 -11.49 -5.64 -8.88
CA ASN K 87 -10.93 -5.34 -10.20
C ASN K 87 -10.78 -6.63 -10.98
N ASP K 88 -10.49 -6.47 -12.28
CA ASP K 88 -10.41 -7.59 -13.21
C ASP K 88 -11.57 -8.56 -13.01
N LEU K 89 -12.77 -7.98 -13.10
CA LEU K 89 -14.00 -8.72 -12.82
C LEU K 89 -14.32 -9.68 -13.96
N LYS K 90 -14.68 -10.87 -13.60
CA LYS K 90 -15.14 -11.83 -14.59
C LYS K 90 -16.66 -11.79 -14.69
N PRO K 91 -17.23 -12.14 -15.85
CA PRO K 91 -18.69 -12.12 -15.98
C PRO K 91 -19.41 -13.17 -15.13
N GLU K 92 -18.67 -14.08 -14.48
CA GLU K 92 -19.32 -15.08 -13.63
C GLU K 92 -19.56 -14.55 -12.22
N ASP K 93 -18.88 -13.48 -11.81
CA ASP K 93 -19.07 -12.93 -10.48
C ASP K 93 -20.41 -12.24 -10.31
N THR K 94 -21.16 -12.04 -11.41
CA THR K 94 -22.46 -11.38 -11.34
C THR K 94 -23.35 -12.06 -10.32
N ALA K 95 -23.71 -11.32 -9.26
CA ALA K 95 -24.41 -11.89 -8.13
C ALA K 95 -24.89 -10.80 -7.18
N MET K 96 -25.13 -11.16 -5.92
CA MET K 96 -25.52 -10.22 -4.88
C MET K 96 -24.54 -10.34 -3.72
N TYR K 97 -23.96 -9.21 -3.31
CA TYR K 97 -22.88 -9.20 -2.35
C TYR K 97 -23.41 -8.68 -1.01
N TYR K 98 -23.31 -9.51 0.03
CA TYR K 98 -23.74 -9.15 1.38
C TYR K 98 -22.53 -9.11 2.30
N CYS K 99 -22.36 -8.00 3.02
CA CYS K 99 -21.36 -7.92 4.07
C CYS K 99 -22.00 -8.30 5.40
N ALA K 100 -21.34 -9.20 6.13
CA ALA K 100 -21.85 -9.66 7.42
C ALA K 100 -20.70 -9.76 8.40
N ALA K 101 -21.03 -10.04 9.65
CA ALA K 101 -20.02 -10.07 10.71
C ALA K 101 -20.26 -11.25 11.62
N GLY K 102 -19.21 -12.04 11.86
CA GLY K 102 -19.26 -13.15 12.79
C GLY K 102 -18.42 -12.87 14.03
N ASN K 103 -18.58 -13.76 15.01
CA ASN K 103 -17.85 -13.64 16.26
C ASN K 103 -16.35 -13.60 16.00
N GLY K 104 -15.65 -12.78 16.80
CA GLY K 104 -14.24 -12.51 16.53
C GLY K 104 -13.33 -13.68 16.80
N ALA K 105 -13.76 -14.59 17.67
CA ALA K 105 -12.98 -15.78 18.01
C ALA K 105 -13.29 -16.96 17.11
N LEU K 106 -13.62 -16.70 15.85
CA LEU K 106 -13.96 -17.78 14.94
C LEU K 106 -12.71 -18.59 14.59
N PRO K 107 -12.75 -19.92 14.74
CA PRO K 107 -11.57 -20.73 14.39
C PRO K 107 -11.29 -20.63 12.89
N PRO K 108 -10.05 -20.85 12.48
CA PRO K 108 -9.75 -20.85 11.04
C PRO K 108 -10.56 -21.91 10.30
N GLY K 109 -11.06 -21.54 9.13
CA GLY K 109 -11.90 -22.44 8.36
C GLY K 109 -13.39 -22.10 8.46
N ARG K 110 -13.84 -21.71 9.65
CA ARG K 110 -15.20 -21.25 9.86
C ARG K 110 -15.34 -19.75 9.65
N ARG K 111 -14.26 -19.04 9.31
CA ARG K 111 -14.32 -17.59 9.17
C ARG K 111 -15.06 -17.18 7.91
N LEU K 112 -15.00 -18.00 6.86
CA LEU K 112 -15.62 -17.68 5.58
C LEU K 112 -16.82 -18.58 5.29
N SER K 113 -17.55 -18.96 6.34
CA SER K 113 -18.72 -19.81 6.26
C SER K 113 -19.97 -19.01 6.60
N PRO K 114 -21.04 -19.13 5.82
CA PRO K 114 -22.24 -18.31 6.10
C PRO K 114 -23.03 -18.78 7.30
N GLN K 115 -22.91 -20.06 7.67
CA GLN K 115 -23.67 -20.58 8.80
C GLN K 115 -23.17 -20.00 10.12
N ASN K 116 -21.86 -19.80 10.24
CA ASN K 116 -21.27 -19.24 11.47
C ASN K 116 -21.21 -17.72 11.46
N MET K 117 -22.20 -17.07 10.86
CA MET K 117 -22.28 -15.63 10.77
C MET K 117 -23.50 -15.14 11.54
N ASP K 118 -23.33 -14.09 12.35
CA ASP K 118 -24.41 -13.60 13.19
C ASP K 118 -25.34 -12.66 12.45
N THR K 119 -24.97 -11.38 12.37
CA THR K 119 -25.82 -10.37 11.73
C THR K 119 -25.45 -10.21 10.27
N TRP K 120 -26.46 -9.99 9.43
CA TRP K 120 -26.31 -9.89 7.99
C TRP K 120 -26.81 -8.54 7.50
N GLY K 121 -26.21 -8.07 6.41
CA GLY K 121 -26.58 -6.81 5.82
C GLY K 121 -27.67 -6.96 4.79
N PRO K 122 -28.25 -5.83 4.35
CA PRO K 122 -29.25 -5.89 3.27
C PRO K 122 -28.64 -6.42 1.98
N GLY K 123 -27.64 -5.72 1.47
CA GLY K 123 -26.91 -6.17 0.30
C GLY K 123 -27.09 -5.29 -0.91
N THR K 124 -26.18 -5.42 -1.87
CA THR K 124 -26.27 -4.73 -3.15
C THR K 124 -25.90 -5.71 -4.26
N GLN K 125 -26.45 -5.49 -5.44
CA GLN K 125 -26.23 -6.38 -6.57
C GLN K 125 -25.08 -5.88 -7.42
N VAL K 126 -24.19 -6.79 -7.80
CA VAL K 126 -23.05 -6.50 -8.66
C VAL K 126 -23.15 -7.41 -9.87
N THR K 127 -23.28 -6.81 -11.05
CA THR K 127 -23.43 -7.54 -12.30
C THR K 127 -22.30 -7.17 -13.24
N VAL K 128 -21.70 -8.18 -13.88
CA VAL K 128 -20.62 -8.01 -14.85
C VAL K 128 -21.15 -8.36 -16.23
N SER K 129 -20.88 -7.49 -17.20
CA SER K 129 -21.28 -7.69 -18.59
C SER K 129 -20.04 -7.95 -19.44
N SER K 130 -20.09 -9.01 -20.24
CA SER K 130 -18.96 -9.39 -21.07
C SER K 130 -19.02 -8.71 -22.44
N LEU L 4 24.61 -18.81 42.63
CA LEU L 4 25.16 -19.47 41.45
C LEU L 4 26.67 -19.58 41.55
N GLN L 5 27.17 -20.65 42.15
CA GLN L 5 28.60 -20.84 42.32
C GLN L 5 29.15 -21.66 41.15
N GLU L 6 30.25 -21.19 40.57
CA GLU L 6 30.83 -21.78 39.38
C GLU L 6 32.20 -22.38 39.71
N SER L 7 32.60 -23.36 38.88
CA SER L 7 33.84 -24.08 39.09
C SER L 7 34.36 -24.61 37.76
N GLY L 8 35.65 -24.45 37.53
CA GLY L 8 36.30 -24.89 36.31
C GLY L 8 36.93 -23.73 35.55
N GLY L 9 37.54 -24.09 34.43
CA GLY L 9 38.11 -23.10 33.54
C GLY L 9 39.58 -22.83 33.80
N GLY L 10 40.16 -21.98 32.96
CA GLY L 10 41.56 -21.64 33.05
C GLY L 10 42.25 -21.60 31.70
N LEU L 11 43.49 -22.10 31.66
CA LEU L 11 44.30 -22.05 30.45
C LEU L 11 44.32 -23.42 29.78
N VAL L 12 44.14 -23.44 28.46
CA VAL L 12 44.18 -24.67 27.68
C VAL L 12 44.75 -24.33 26.31
N GLN L 13 45.24 -25.34 25.61
CA GLN L 13 45.77 -25.14 24.27
C GLN L 13 44.68 -25.39 23.21
N ALA L 14 45.01 -25.05 21.96
CA ALA L 14 44.04 -25.09 20.87
C ALA L 14 43.46 -26.48 20.66
N GLY L 15 42.22 -26.69 21.09
CA GLY L 15 41.55 -27.97 20.99
C GLY L 15 41.37 -28.68 22.32
N GLY L 16 42.13 -28.30 23.33
CA GLY L 16 42.07 -28.99 24.61
C GLY L 16 40.68 -28.89 25.22
N SER L 17 40.20 -30.00 25.77
CA SER L 17 38.89 -30.05 26.36
C SER L 17 38.90 -29.44 27.76
N LEU L 18 37.70 -29.25 28.30
CA LEU L 18 37.49 -28.67 29.62
C LEU L 18 36.06 -28.95 30.03
N ARG L 19 35.76 -28.68 31.30
CA ARG L 19 34.42 -28.93 31.81
C ARG L 19 34.12 -27.92 32.92
N LEU L 20 32.99 -27.22 32.78
CA LEU L 20 32.56 -26.19 33.70
C LEU L 20 31.33 -26.68 34.47
N SER L 21 31.18 -26.19 35.70
CA SER L 21 30.09 -26.64 36.57
C SER L 21 29.50 -25.46 37.30
N CYS L 22 28.17 -25.42 37.43
CA CYS L 22 27.49 -24.36 38.15
C CYS L 22 26.43 -24.96 39.06
N ALA L 23 26.50 -24.63 40.35
CA ALA L 23 25.55 -25.10 41.34
C ALA L 23 24.70 -23.93 41.82
N ALA L 24 23.39 -24.15 41.88
CA ALA L 24 22.48 -23.12 42.36
C ALA L 24 22.67 -22.92 43.86
N SER L 25 22.73 -21.66 44.29
CA SER L 25 23.05 -21.32 45.67
C SER L 25 22.13 -20.21 46.14
N GLY L 26 21.25 -20.53 47.09
CA GLY L 26 20.43 -19.51 47.72
C GLY L 26 19.37 -18.90 46.83
N LEU L 27 18.80 -19.67 45.91
CA LEU L 27 17.78 -19.15 45.02
C LEU L 27 16.40 -19.20 45.69
N PRO L 28 15.54 -18.21 45.44
CA PRO L 28 14.22 -18.24 46.10
C PRO L 28 13.27 -19.28 45.51
N TYR L 29 13.29 -19.50 44.20
CA TYR L 29 12.41 -20.47 43.57
C TYR L 29 13.23 -21.49 42.79
N ARG L 30 12.54 -22.51 42.29
CA ARG L 30 13.23 -23.53 41.52
C ARG L 30 13.63 -23.00 40.15
N THR L 31 14.62 -23.65 39.56
CA THR L 31 15.23 -23.17 38.32
C THR L 31 14.42 -23.65 37.12
N VAL L 32 14.01 -22.69 36.28
CA VAL L 32 13.33 -23.03 35.03
C VAL L 32 14.34 -23.42 33.96
N PHE L 33 15.28 -22.53 33.66
CA PHE L 33 16.31 -22.77 32.66
C PHE L 33 17.65 -22.36 33.27
N MET L 34 18.65 -23.23 33.13
CA MET L 34 19.97 -22.97 33.69
C MET L 34 21.00 -23.26 32.61
N GLY L 35 21.97 -22.36 32.48
CA GLY L 35 22.93 -22.54 31.43
C GLY L 35 24.09 -21.58 31.53
N TRP L 36 24.81 -21.49 30.42
CA TRP L 36 26.05 -20.72 30.34
C TRP L 36 25.98 -19.77 29.15
N PHE L 37 26.34 -18.52 29.41
CA PHE L 37 26.62 -17.49 28.42
C PHE L 37 28.12 -17.20 28.43
N ARG L 38 28.58 -16.43 27.45
CA ARG L 38 29.98 -16.07 27.38
C ARG L 38 30.13 -14.68 26.78
N GLN L 39 31.21 -14.01 27.16
CA GLN L 39 31.55 -12.68 26.65
C GLN L 39 33.01 -12.68 26.26
N GLY L 40 33.28 -12.40 24.98
CA GLY L 40 34.64 -12.38 24.49
C GLY L 40 35.35 -11.08 24.82
N PRO L 41 36.59 -10.98 24.35
CA PRO L 41 37.38 -9.76 24.60
C PRO L 41 36.92 -8.61 23.73
N GLY L 42 36.11 -7.72 24.28
CA GLY L 42 35.54 -6.63 23.52
C GLY L 42 34.29 -6.96 22.76
N LYS L 43 33.75 -8.17 22.92
CA LYS L 43 32.51 -8.58 22.29
C LYS L 43 31.36 -8.54 23.30
N GLU L 44 30.16 -8.78 22.80
CA GLU L 44 28.97 -8.78 23.65
C GLU L 44 28.74 -10.16 24.24
N ARG L 45 27.89 -10.21 25.27
CA ARG L 45 27.58 -11.44 25.98
C ARG L 45 26.62 -12.28 25.13
N GLU L 46 27.07 -13.46 24.71
CA GLU L 46 26.29 -14.32 23.83
C GLU L 46 25.88 -15.60 24.54
N GLY L 47 24.87 -16.25 23.99
CA GLY L 47 24.38 -17.50 24.55
C GLY L 47 25.23 -18.68 24.11
N VAL L 48 25.66 -19.48 25.07
CA VAL L 48 26.45 -20.68 24.77
C VAL L 48 25.53 -21.89 24.76
N ALA L 49 25.03 -22.27 25.93
CA ALA L 49 24.24 -23.49 26.02
C ALA L 49 23.44 -23.52 27.31
N VAL L 50 22.14 -23.76 27.20
CA VAL L 50 21.25 -23.83 28.36
C VAL L 50 20.48 -25.14 28.35
N ILE L 51 19.90 -25.47 29.49
CA ILE L 51 19.13 -26.70 29.67
C ILE L 51 17.95 -26.41 30.59
N ASN L 52 16.81 -27.01 30.27
CA ASN L 52 15.61 -26.88 31.08
C ASN L 52 15.84 -27.58 32.42
N ALA L 53 14.84 -27.48 33.31
CA ALA L 53 14.90 -28.20 34.58
C ALA L 53 14.74 -29.70 34.42
N ASP L 54 14.05 -30.15 33.36
CA ASP L 54 13.84 -31.58 33.15
C ASP L 54 15.14 -32.31 32.85
N GLY L 55 16.15 -31.63 32.34
CA GLY L 55 17.43 -32.26 32.08
C GLY L 55 17.54 -32.98 30.75
N VAL L 56 16.73 -32.61 29.75
CA VAL L 56 16.82 -33.23 28.43
C VAL L 56 16.63 -32.16 27.37
N SER L 57 15.69 -31.26 27.58
CA SER L 57 15.52 -30.12 26.68
C SER L 57 16.74 -29.21 26.83
N THR L 58 17.61 -29.23 25.82
CA THR L 58 18.78 -28.37 25.77
C THR L 58 18.65 -27.42 24.60
N TYR L 59 19.46 -26.35 24.64
CA TYR L 59 19.50 -25.39 23.54
C TYR L 59 20.94 -24.88 23.40
N TYR L 60 21.49 -25.02 22.19
CA TYR L 60 22.88 -24.70 21.91
C TYR L 60 23.00 -23.59 20.87
N ALA L 61 24.15 -22.92 20.92
CA ALA L 61 24.51 -21.95 19.91
C ALA L 61 25.06 -22.66 18.67
N ASP L 62 25.00 -21.97 17.54
CA ASP L 62 25.47 -22.53 16.28
C ASP L 62 26.99 -22.64 16.24
N SER L 63 27.69 -21.94 17.14
CA SER L 63 29.13 -21.98 17.22
C SER L 63 29.65 -23.06 18.16
N VAL L 64 28.76 -23.64 18.97
CA VAL L 64 29.16 -24.66 19.95
C VAL L 64 28.35 -25.94 19.79
N LYS L 65 27.49 -26.02 18.78
CA LYS L 65 26.68 -27.20 18.53
C LYS L 65 27.58 -28.34 18.03
N GLY L 66 27.80 -29.34 18.87
CA GLY L 66 28.65 -30.46 18.51
C GLY L 66 29.78 -30.67 19.48
N ARG L 67 30.54 -29.61 19.76
CA ARG L 67 31.61 -29.68 20.75
C ARG L 67 31.05 -29.56 22.16
N PHE L 68 30.26 -28.52 22.41
CA PHE L 68 29.80 -28.22 23.75
C PHE L 68 28.58 -29.06 24.08
N THR L 69 28.56 -29.63 25.29
CA THR L 69 27.48 -30.50 25.72
C THR L 69 27.06 -30.13 27.14
N ILE L 70 25.78 -29.78 27.30
CA ILE L 70 25.25 -29.40 28.61
C ILE L 70 24.49 -30.58 29.19
N SER L 71 24.62 -30.76 30.50
CA SER L 71 23.97 -31.85 31.22
C SER L 71 23.60 -31.35 32.61
N GLN L 72 22.65 -32.03 33.24
CA GLN L 72 22.17 -31.66 34.57
C GLN L 72 22.15 -32.88 35.47
N ASP L 73 22.61 -32.72 36.71
CA ASP L 73 22.65 -33.81 37.67
C ASP L 73 21.38 -33.92 38.50
N ASN L 74 20.61 -32.83 38.61
CA ASN L 74 19.32 -32.83 39.32
C ASN L 74 19.46 -33.04 40.82
N ALA L 75 20.22 -34.06 41.23
CA ALA L 75 20.38 -34.35 42.65
C ALA L 75 20.99 -33.17 43.39
N LYS L 76 22.04 -32.58 42.83
CA LYS L 76 22.73 -31.46 43.45
C LYS L 76 22.43 -30.13 42.76
N ASN L 77 21.36 -30.08 41.95
CA ASN L 77 21.00 -28.93 41.12
C ASN L 77 22.23 -28.24 40.53
N THR L 78 23.02 -29.02 39.81
CA THR L 78 24.25 -28.57 39.17
C THR L 78 24.19 -28.81 37.67
N VAL L 79 24.60 -27.81 36.90
CA VAL L 79 24.66 -27.89 35.45
C VAL L 79 26.11 -28.01 35.03
N TYR L 80 26.40 -28.97 34.17
CA TYR L 80 27.74 -29.20 33.65
C TYR L 80 27.78 -28.89 32.16
N LEU L 81 28.89 -28.31 31.72
CA LEU L 81 29.13 -28.01 30.31
C LEU L 81 30.49 -28.56 29.95
N GLN L 82 30.51 -29.64 29.16
CA GLN L 82 31.75 -30.18 28.64
C GLN L 82 32.06 -29.53 27.30
N MET L 83 33.18 -28.84 27.22
CA MET L 83 33.63 -28.20 25.99
C MET L 83 34.80 -29.00 25.43
N ASN L 84 34.67 -29.44 24.19
CA ASN L 84 35.72 -30.17 23.50
C ASN L 84 36.15 -29.36 22.29
N SER L 85 37.36 -29.66 21.81
CA SER L 85 37.88 -29.06 20.58
C SER L 85 37.78 -27.53 20.63
N LEU L 86 38.20 -26.96 21.75
CA LEU L 86 38.06 -25.53 21.97
C LEU L 86 38.89 -24.75 20.94
N LYS L 87 38.48 -23.51 20.72
CA LYS L 87 39.17 -22.58 19.84
C LYS L 87 39.72 -21.41 20.63
N PRO L 88 40.75 -20.73 20.11
CA PRO L 88 41.09 -19.41 20.68
C PRO L 88 39.94 -18.44 20.63
N GLU L 89 39.01 -18.60 19.69
CA GLU L 89 37.79 -17.79 19.69
C GLU L 89 36.84 -18.19 20.82
N ASP L 90 36.97 -19.39 21.37
CA ASP L 90 36.21 -19.78 22.56
C ASP L 90 36.80 -19.22 23.84
N THR L 91 37.92 -18.51 23.77
CA THR L 91 38.49 -17.84 24.94
C THR L 91 37.60 -16.66 25.30
N ALA L 92 37.07 -16.67 26.53
CA ALA L 92 36.13 -15.64 26.94
C ALA L 92 35.86 -15.79 28.44
N ILE L 93 35.04 -14.88 28.97
CA ILE L 93 34.54 -15.00 30.34
C ILE L 93 33.13 -15.59 30.27
N TYR L 94 32.96 -16.76 30.85
CA TYR L 94 31.71 -17.49 30.83
C TYR L 94 30.94 -17.21 32.11
N HIS L 95 29.65 -16.90 31.97
CA HIS L 95 28.76 -16.60 33.07
C HIS L 95 27.70 -17.70 33.20
N CYS L 96 27.32 -18.00 34.43
CA CYS L 96 26.25 -18.96 34.72
C CYS L 96 24.94 -18.19 34.91
N ALA L 97 23.92 -18.56 34.15
CA ALA L 97 22.62 -17.89 34.19
C ALA L 97 21.54 -18.86 34.64
N ALA L 98 20.59 -18.34 35.42
CA ALA L 98 19.46 -19.11 35.92
C ALA L 98 18.19 -18.29 35.76
N ASN L 99 17.06 -18.99 35.72
CA ASN L 99 15.76 -18.38 35.45
C ASN L 99 14.69 -19.02 36.32
N HIS L 100 13.72 -18.21 36.76
CA HIS L 100 12.51 -18.72 37.38
C HIS L 100 11.28 -18.50 36.49
N PHE L 101 11.48 -17.99 35.28
CA PHE L 101 10.42 -17.76 34.32
C PHE L 101 11.01 -17.82 32.93
N PHE L 102 10.26 -18.36 31.97
CA PHE L 102 10.73 -18.36 30.59
C PHE L 102 9.53 -18.36 29.64
N ASP L 103 9.67 -17.60 28.55
CA ASP L 103 8.68 -17.50 27.50
C ASP L 103 9.20 -18.28 26.29
N TYR L 104 8.58 -19.44 26.04
CA TYR L 104 9.04 -20.33 24.97
C TYR L 104 8.86 -19.72 23.58
N SER L 105 8.28 -18.52 23.52
CA SER L 105 8.16 -17.78 22.27
C SER L 105 9.28 -16.76 22.08
N ARG L 106 10.28 -16.76 22.95
CA ARG L 106 11.43 -15.86 22.82
C ARG L 106 12.70 -16.69 22.67
N ASP L 107 13.82 -15.99 22.51
CA ASP L 107 15.10 -16.64 22.28
C ASP L 107 15.64 -17.20 23.59
N PRO L 108 15.86 -18.51 23.71
CA PRO L 108 16.39 -19.08 24.95
C PRO L 108 17.87 -18.85 25.15
N LEU L 109 18.55 -18.21 24.20
CA LEU L 109 19.98 -17.94 24.29
C LEU L 109 20.29 -16.45 24.43
N ALA L 110 19.29 -15.63 24.73
CA ALA L 110 19.49 -14.20 24.83
C ALA L 110 19.77 -13.79 26.26
N THR L 111 20.59 -12.74 26.41
CA THR L 111 20.91 -12.23 27.74
C THR L 111 19.71 -11.60 28.41
N ALA L 112 18.68 -11.20 27.66
CA ALA L 112 17.53 -10.52 28.22
C ALA L 112 16.55 -11.45 28.91
N GLU L 113 16.68 -12.76 28.72
CA GLU L 113 15.76 -13.73 29.30
C GLU L 113 16.21 -14.25 30.66
N TYR L 114 17.28 -13.73 31.23
CA TYR L 114 17.84 -14.27 32.47
C TYR L 114 18.24 -13.13 33.39
N ASN L 115 17.92 -13.27 34.68
CA ASN L 115 18.23 -12.24 35.66
C ASN L 115 19.13 -12.72 36.80
N TYR L 116 19.33 -14.03 36.96
CA TYR L 116 20.23 -14.58 37.96
C TYR L 116 21.58 -14.84 37.29
N TRP L 117 22.63 -14.19 37.79
CA TRP L 117 23.97 -14.27 37.19
C TRP L 117 25.01 -14.48 38.28
N GLY L 118 26.01 -15.30 37.99
CA GLY L 118 27.06 -15.64 38.92
C GLY L 118 28.26 -14.71 38.90
N GLN L 119 29.46 -15.29 38.98
CA GLN L 119 30.69 -14.53 38.99
C GLN L 119 31.40 -14.53 37.63
N GLY L 120 31.52 -15.69 37.00
CA GLY L 120 32.15 -15.79 35.70
C GLY L 120 33.58 -16.30 35.77
N THR L 121 33.97 -17.17 34.85
CA THR L 121 35.30 -17.74 34.83
C THR L 121 35.94 -17.53 33.46
N GLN L 122 37.26 -17.56 33.43
CA GLN L 122 38.03 -17.26 32.22
C GLN L 122 38.47 -18.56 31.55
N VAL L 123 38.05 -18.75 30.29
CA VAL L 123 38.45 -19.89 29.48
C VAL L 123 39.36 -19.34 28.38
N THR L 124 40.67 -19.44 28.59
CA THR L 124 41.66 -18.99 27.62
C THR L 124 42.20 -20.18 26.86
N VAL L 125 42.16 -20.09 25.54
CA VAL L 125 42.65 -21.14 24.65
C VAL L 125 43.74 -20.52 23.78
N SER L 126 44.93 -21.12 23.81
CA SER L 126 46.10 -20.56 23.14
C SER L 126 46.13 -20.97 21.66
N SER L 127 47.20 -20.56 20.99
CA SER L 127 47.38 -20.77 19.54
C SER L 127 46.26 -20.12 18.73
N ALA M 1 -10.57 -21.49 58.16
CA ALA M 1 -11.94 -21.38 57.67
C ALA M 1 -11.95 -21.21 56.15
N THR M 2 -11.64 -22.30 55.44
CA THR M 2 -11.51 -22.22 53.99
C THR M 2 -12.88 -22.05 53.35
N LYS M 3 -12.93 -21.20 52.32
CA LYS M 3 -14.15 -20.92 51.59
C LYS M 3 -13.92 -21.09 50.10
N ALA M 4 -14.97 -21.48 49.39
CA ALA M 4 -14.94 -21.66 47.95
C ALA M 4 -16.30 -21.33 47.38
N VAL M 5 -16.34 -21.07 46.07
CA VAL M 5 -17.58 -20.69 45.39
C VAL M 5 -17.63 -21.38 44.03
N CYS M 6 -18.85 -21.50 43.50
CA CYS M 6 -19.06 -22.10 42.19
C CYS M 6 -20.27 -21.44 41.54
N VAL M 7 -20.16 -21.18 40.24
CA VAL M 7 -21.22 -20.53 39.47
C VAL M 7 -21.64 -21.53 38.40
N LEU M 8 -22.73 -22.25 38.66
CA LEU M 8 -23.23 -23.24 37.71
C LEU M 8 -23.91 -22.53 36.54
N LYS M 9 -23.40 -22.76 35.34
CA LYS M 9 -23.95 -22.25 34.09
C LYS M 9 -24.13 -23.40 33.12
N GLY M 10 -25.02 -23.21 32.15
CA GLY M 10 -25.26 -24.20 31.13
C GLY M 10 -25.82 -23.58 29.87
N ASP M 11 -25.84 -24.37 28.81
CA ASP M 11 -26.46 -23.94 27.57
C ASP M 11 -27.94 -23.62 27.77
N GLY M 12 -28.60 -24.35 28.68
CA GLY M 12 -29.97 -24.06 29.03
C GLY M 12 -30.06 -22.92 30.02
N PRO M 13 -31.30 -22.56 30.37
CA PRO M 13 -31.51 -21.44 31.31
C PRO M 13 -31.07 -21.74 32.73
N VAL M 14 -30.78 -23.00 33.04
CA VAL M 14 -30.37 -23.42 34.37
C VAL M 14 -29.10 -22.68 34.78
N GLN M 15 -29.20 -21.84 35.81
CA GLN M 15 -28.01 -21.18 36.34
C GLN M 15 -28.19 -20.93 37.83
N GLY M 16 -27.08 -20.89 38.53
CA GLY M 16 -27.14 -20.74 39.98
C GLY M 16 -25.76 -20.58 40.59
N ILE M 17 -25.75 -20.42 41.91
CA ILE M 17 -24.53 -20.18 42.67
C ILE M 17 -24.54 -21.07 43.91
N ILE M 18 -23.42 -21.75 44.16
CA ILE M 18 -23.26 -22.68 45.29
C ILE M 18 -21.94 -22.36 45.98
N ASN M 19 -21.98 -22.09 47.28
CA ASN M 19 -20.79 -21.79 48.07
C ASN M 19 -20.48 -22.94 49.02
N PHE M 20 -19.19 -23.07 49.36
CA PHE M 20 -18.65 -24.14 50.18
C PHE M 20 -17.83 -23.54 51.31
N GLU M 21 -18.03 -24.06 52.52
CA GLU M 21 -17.32 -23.61 53.71
C GLU M 21 -16.81 -24.79 54.50
N GLN M 22 -15.59 -24.67 55.03
CA GLN M 22 -15.03 -25.70 55.91
C GLN M 22 -14.23 -25.01 57.00
N LYS M 23 -14.73 -25.08 58.25
CA LYS M 23 -14.07 -24.42 59.37
C LYS M 23 -12.78 -25.13 59.76
N GLU M 24 -12.86 -26.43 60.03
CA GLU M 24 -11.70 -27.23 60.41
C GLU M 24 -11.29 -28.13 59.24
N SER M 25 -9.99 -28.36 59.12
CA SER M 25 -9.48 -29.25 58.07
C SER M 25 -9.97 -30.67 58.31
N ASN M 26 -10.32 -31.35 57.21
CA ASN M 26 -10.85 -32.72 57.26
C ASN M 26 -12.07 -32.82 58.18
N GLY M 27 -12.84 -31.73 58.27
CA GLY M 27 -14.04 -31.71 59.04
C GLY M 27 -15.28 -31.67 58.16
N PRO M 28 -16.39 -31.19 58.72
CA PRO M 28 -17.61 -31.05 57.91
C PRO M 28 -17.50 -29.89 56.93
N VAL M 29 -18.31 -29.97 55.87
CA VAL M 29 -18.34 -28.95 54.82
C VAL M 29 -19.78 -28.52 54.64
N LYS M 30 -20.01 -27.20 54.66
CA LYS M 30 -21.32 -26.61 54.36
C LYS M 30 -21.39 -26.28 52.88
N VAL M 31 -22.43 -26.76 52.23
CA VAL M 31 -22.69 -26.57 50.80
C VAL M 31 -24.03 -25.87 50.70
N TRP M 32 -24.04 -24.56 50.51
CA TRP M 32 -25.29 -23.83 50.45
C TRP M 32 -25.33 -22.90 49.25
N GLY M 33 -26.52 -22.74 48.69
CA GLY M 33 -26.67 -21.83 47.57
C GLY M 33 -28.07 -21.96 46.99
N SER M 34 -28.22 -21.45 45.77
CA SER M 34 -29.50 -21.53 45.09
C SER M 34 -29.28 -21.78 43.61
N ILE M 35 -30.26 -22.44 43.00
CA ILE M 35 -30.27 -22.67 41.56
C ILE M 35 -31.64 -22.27 41.03
N LYS M 36 -31.67 -21.69 39.83
CA LYS M 36 -32.92 -21.28 39.21
C LYS M 36 -32.91 -21.70 37.74
N GLY M 37 -34.09 -22.00 37.22
CA GLY M 37 -34.24 -22.48 35.87
C GLY M 37 -34.42 -23.98 35.72
N LEU M 38 -34.69 -24.70 36.80
CA LEU M 38 -34.85 -26.14 36.76
C LEU M 38 -36.32 -26.52 36.68
N THR M 39 -36.57 -27.74 36.19
CA THR M 39 -37.91 -28.27 36.19
C THR M 39 -38.29 -28.70 37.61
N GLU M 40 -39.57 -28.53 37.94
CA GLU M 40 -40.02 -28.81 39.31
C GLU M 40 -39.76 -30.27 39.66
N GLY M 41 -39.05 -30.48 40.76
CA GLY M 41 -38.79 -31.82 41.23
C GLY M 41 -37.33 -32.01 41.59
N LEU M 42 -36.90 -33.27 41.60
CA LEU M 42 -35.55 -33.65 42.00
C LEU M 42 -34.61 -33.57 40.81
N HIS M 43 -33.36 -33.18 41.09
CA HIS M 43 -32.31 -33.11 40.07
C HIS M 43 -31.01 -33.64 40.66
N GLY M 44 -30.24 -34.34 39.82
CA GLY M 44 -28.97 -34.88 40.28
C GLY M 44 -27.96 -33.79 40.60
N PHE M 45 -27.11 -34.07 41.57
CA PHE M 45 -26.20 -33.05 42.08
C PHE M 45 -24.89 -33.76 42.44
N HIS M 46 -23.82 -33.47 41.71
CA HIS M 46 -22.60 -34.27 41.84
C HIS M 46 -21.36 -33.40 41.70
N VAL M 47 -20.24 -33.93 42.20
CA VAL M 47 -18.93 -33.31 42.06
C VAL M 47 -18.12 -34.22 41.15
N HIS M 48 -18.04 -33.88 39.87
CA HIS M 48 -17.26 -34.66 38.93
C HIS M 48 -15.78 -34.29 39.00
N GLU M 49 -14.94 -35.30 38.79
CA GLU M 49 -13.50 -35.19 39.04
C GLU M 49 -12.87 -34.05 38.27
N PHE M 50 -12.92 -34.11 36.94
CA PHE M 50 -12.22 -33.12 36.15
C PHE M 50 -12.91 -31.76 36.21
N GLY M 51 -12.10 -30.71 36.35
CA GLY M 51 -12.57 -29.34 36.29
C GLY M 51 -12.52 -28.77 34.88
N ASP M 52 -12.62 -29.64 33.88
CA ASP M 52 -12.56 -29.23 32.49
C ASP M 52 -13.91 -28.65 32.04
N ASN M 53 -13.88 -27.94 30.92
CA ASN M 53 -15.08 -27.34 30.36
C ASN M 53 -14.87 -26.96 28.90
N THR M 54 -13.95 -27.65 28.22
CA THR M 54 -13.62 -27.31 26.84
C THR M 54 -14.76 -27.68 25.90
N ALA M 55 -15.36 -28.85 26.10
CA ALA M 55 -16.51 -29.29 25.32
C ALA M 55 -17.80 -29.26 26.14
N GLY M 56 -17.90 -28.32 27.08
CA GLY M 56 -19.07 -28.23 27.94
C GLY M 56 -18.94 -29.09 29.18
N CYS M 57 -20.09 -29.31 29.84
CA CYS M 57 -20.13 -30.13 31.04
C CYS M 57 -19.71 -31.57 30.77
N THR M 58 -19.85 -32.02 29.52
CA THR M 58 -19.36 -33.34 29.14
C THR M 58 -17.86 -33.48 29.42
N SER M 59 -17.13 -32.36 29.42
CA SER M 59 -15.71 -32.35 29.73
C SER M 59 -15.40 -32.72 31.18
N ALA M 60 -16.39 -32.69 32.08
CA ALA M 60 -16.14 -32.88 33.51
C ALA M 60 -15.78 -34.31 33.88
N GLY M 61 -16.22 -35.29 33.07
CA GLY M 61 -15.83 -36.67 33.28
C GLY M 61 -16.81 -37.45 34.14
N PRO M 62 -16.31 -38.50 34.79
CA PRO M 62 -17.14 -39.25 35.73
C PRO M 62 -17.11 -38.64 37.12
N HIS M 63 -17.90 -39.18 38.04
CA HIS M 63 -17.99 -38.65 39.39
C HIS M 63 -16.67 -38.81 40.14
N PHE M 64 -16.42 -37.88 41.07
CA PHE M 64 -15.19 -37.90 41.86
C PHE M 64 -15.16 -39.16 42.70
N ASN M 65 -14.23 -40.07 42.40
CA ASN M 65 -14.18 -41.39 43.03
C ASN M 65 -12.73 -41.72 43.36
N PRO M 66 -12.14 -40.98 44.30
CA PRO M 66 -10.73 -41.27 44.65
C PRO M 66 -10.55 -42.59 45.36
N LEU M 67 -11.62 -43.13 45.94
CA LEU M 67 -11.58 -44.39 46.64
C LEU M 67 -12.03 -45.55 45.77
N SER M 68 -12.36 -45.30 44.50
CA SER M 68 -12.81 -46.31 43.55
C SER M 68 -13.95 -47.15 44.14
N ARG M 69 -15.05 -46.47 44.42
CA ARG M 69 -16.24 -47.09 44.99
C ARG M 69 -17.44 -46.88 44.07
N LYS M 70 -18.43 -47.75 44.24
CA LYS M 70 -19.63 -47.72 43.43
C LYS M 70 -20.45 -46.47 43.71
N HIS M 71 -21.59 -46.36 43.03
CA HIS M 71 -22.48 -45.23 43.19
C HIS M 71 -23.50 -45.50 44.30
N GLY M 72 -23.88 -44.44 44.99
CA GLY M 72 -24.83 -44.55 46.08
C GLY M 72 -25.20 -43.19 46.59
N GLY M 73 -26.14 -43.18 47.53
CA GLY M 73 -26.61 -41.96 48.14
C GLY M 73 -25.53 -41.27 48.94
N PRO M 74 -25.77 -40.00 49.28
CA PRO M 74 -24.82 -39.29 50.14
C PRO M 74 -24.72 -39.87 51.54
N LYS M 75 -25.79 -40.46 52.04
CA LYS M 75 -25.80 -41.01 53.39
C LYS M 75 -25.22 -42.42 53.46
N ASP M 76 -24.98 -43.07 52.34
CA ASP M 76 -24.45 -44.43 52.35
C ASP M 76 -22.92 -44.41 52.46
N GLU M 77 -22.36 -45.59 52.67
CA GLU M 77 -20.91 -45.73 52.79
C GLU M 77 -20.27 -46.03 51.44
N GLU M 78 -20.86 -46.95 50.68
CA GLU M 78 -20.38 -47.28 49.33
C GLU M 78 -20.93 -46.23 48.39
N ARG M 79 -20.13 -45.20 48.12
CA ARG M 79 -20.56 -44.07 47.32
C ARG M 79 -19.34 -43.36 46.77
N HIS M 80 -19.55 -42.58 45.72
CA HIS M 80 -18.53 -41.68 45.24
C HIS M 80 -18.39 -40.52 46.21
N VAL M 81 -17.14 -40.09 46.45
CA VAL M 81 -16.91 -38.94 47.34
C VAL M 81 -17.70 -37.73 46.86
N GLY M 82 -17.79 -37.55 45.55
CA GLY M 82 -18.54 -36.44 45.00
C GLY M 82 -20.00 -36.73 44.76
N ASP M 83 -20.62 -37.51 45.64
CA ASP M 83 -22.05 -37.80 45.59
C ASP M 83 -22.76 -36.94 46.62
N LEU M 84 -23.44 -35.89 46.17
CA LEU M 84 -24.25 -35.05 47.03
C LEU M 84 -25.74 -35.32 46.87
N GLY M 85 -26.11 -36.38 46.17
CA GLY M 85 -27.50 -36.81 46.13
C GLY M 85 -28.31 -36.00 45.13
N ASN M 86 -29.46 -35.53 45.55
CA ASN M 86 -30.38 -34.75 44.71
C ASN M 86 -30.68 -33.41 45.37
N VAL M 87 -31.10 -32.47 44.53
CA VAL M 87 -31.60 -31.18 44.97
C VAL M 87 -33.07 -31.09 44.58
N THR M 88 -33.82 -30.31 45.33
CA THR M 88 -35.26 -30.16 45.14
C THR M 88 -35.57 -28.76 44.65
N ALA M 89 -36.22 -28.67 43.49
CA ALA M 89 -36.62 -27.39 42.91
C ALA M 89 -38.14 -27.27 42.97
N ASP M 90 -38.62 -26.13 43.49
CA ASP M 90 -40.03 -25.94 43.80
C ASP M 90 -40.82 -25.65 42.53
N LYS M 91 -42.07 -25.17 42.71
CA LYS M 91 -42.95 -24.86 41.59
C LYS M 91 -42.37 -23.79 40.67
N ASP M 92 -41.50 -22.93 41.18
CA ASP M 92 -40.89 -21.86 40.40
C ASP M 92 -39.52 -22.24 39.85
N GLY M 93 -39.09 -23.47 40.05
CA GLY M 93 -37.80 -23.91 39.56
C GLY M 93 -36.62 -23.48 40.39
N VAL M 94 -36.85 -23.03 41.62
CA VAL M 94 -35.80 -22.50 42.47
C VAL M 94 -35.47 -23.56 43.52
N ALA M 95 -34.27 -24.12 43.42
CA ALA M 95 -33.76 -25.11 44.37
C ALA M 95 -32.84 -24.40 45.35
N ASP M 96 -33.29 -24.29 46.61
CA ASP M 96 -32.49 -23.71 47.69
C ASP M 96 -31.69 -24.84 48.32
N VAL M 97 -30.42 -24.96 47.93
CA VAL M 97 -29.57 -26.06 48.36
C VAL M 97 -28.96 -25.73 49.71
N SER M 98 -29.14 -26.63 50.68
CA SER M 98 -28.58 -26.48 52.02
C SER M 98 -28.16 -27.88 52.48
N ILE M 99 -26.85 -28.14 52.47
CA ILE M 99 -26.30 -29.47 52.66
C ILE M 99 -25.08 -29.38 53.56
N GLU M 100 -24.84 -30.45 54.31
CA GLU M 100 -23.65 -30.59 55.15
C GLU M 100 -23.08 -31.98 54.93
N ASP M 101 -21.86 -32.04 54.39
CA ASP M 101 -21.22 -33.31 54.09
C ASP M 101 -19.77 -33.31 54.58
N SER M 102 -19.37 -34.41 55.20
CA SER M 102 -18.02 -34.59 55.70
C SER M 102 -17.15 -35.46 54.79
N VAL M 103 -17.75 -36.15 53.82
CA VAL M 103 -16.96 -36.91 52.86
C VAL M 103 -16.14 -35.96 52.00
N ILE M 104 -16.78 -34.89 51.49
CA ILE M 104 -16.08 -33.88 50.72
C ILE M 104 -15.27 -32.99 51.65
N SER M 105 -14.22 -32.40 51.12
CA SER M 105 -13.34 -31.53 51.88
C SER M 105 -12.70 -30.53 50.94
N LEU M 106 -12.16 -29.46 51.51
CA LEU M 106 -11.51 -28.42 50.73
C LEU M 106 -10.00 -28.52 50.79
N SER M 107 -9.47 -29.68 51.19
CA SER M 107 -8.04 -29.89 51.31
C SER M 107 -7.76 -31.38 51.30
N GLY M 108 -6.48 -31.72 51.16
CA GLY M 108 -6.06 -33.11 51.25
C GLY M 108 -6.43 -33.92 50.01
N ASP M 109 -6.70 -35.20 50.23
CA ASP M 109 -6.98 -36.10 49.12
C ASP M 109 -8.38 -35.88 48.54
N HIS M 110 -9.37 -35.67 49.41
CA HIS M 110 -10.75 -35.46 48.98
C HIS M 110 -11.04 -34.03 48.58
N CYS M 111 -10.02 -33.22 48.29
CA CYS M 111 -10.25 -31.82 47.93
C CYS M 111 -11.10 -31.73 46.66
N ILE M 112 -12.15 -30.90 46.73
CA ILE M 112 -13.03 -30.70 45.58
C ILE M 112 -12.76 -29.39 44.87
N ILE M 113 -11.94 -28.51 45.44
CA ILE M 113 -11.64 -27.23 44.78
C ILE M 113 -10.90 -27.53 43.48
N GLY M 114 -11.44 -27.05 42.37
CA GLY M 114 -10.94 -27.40 41.06
C GLY M 114 -11.77 -28.44 40.33
N ARG M 115 -12.69 -29.10 41.02
CA ARG M 115 -13.54 -30.12 40.42
C ARG M 115 -14.89 -29.54 40.04
N THR M 116 -15.52 -30.15 39.03
CA THR M 116 -16.69 -29.54 38.41
C THR M 116 -17.95 -29.95 39.15
N LEU M 117 -18.63 -28.96 39.73
CA LEU M 117 -19.94 -29.18 40.30
C LEU M 117 -20.95 -29.25 39.15
N VAL M 118 -21.73 -30.33 39.10
CA VAL M 118 -22.63 -30.62 37.99
C VAL M 118 -24.04 -30.82 38.54
N VAL M 119 -25.01 -30.16 37.91
CA VAL M 119 -26.42 -30.38 38.19
C VAL M 119 -27.06 -31.04 36.98
N HIS M 120 -27.79 -32.13 37.22
CA HIS M 120 -28.30 -33.06 36.22
C HIS M 120 -29.78 -32.80 35.95
N GLU M 121 -30.29 -33.51 34.94
CA GLU M 121 -31.62 -33.29 34.38
C GLU M 121 -32.72 -34.08 35.09
N LYS M 122 -32.47 -35.33 35.46
CA LYS M 122 -33.44 -36.12 36.21
C LYS M 122 -32.96 -36.28 37.65
N ALA M 123 -33.48 -37.30 38.33
CA ALA M 123 -33.13 -37.57 39.71
C ALA M 123 -32.18 -38.76 39.81
N ASP M 124 -31.29 -38.70 40.79
CA ASP M 124 -30.35 -39.79 41.06
C ASP M 124 -31.03 -40.81 41.98
N ASP M 125 -30.96 -42.08 41.59
CA ASP M 125 -31.57 -43.13 42.40
C ASP M 125 -30.70 -43.60 43.56
N LEU M 126 -29.58 -42.91 43.81
CA LEU M 126 -28.68 -43.26 44.90
C LEU M 126 -28.17 -44.69 44.81
N GLY M 127 -28.00 -45.21 43.59
CA GLY M 127 -27.42 -46.53 43.41
C GLY M 127 -28.38 -47.70 43.54
N LYS M 128 -29.66 -47.45 43.84
CA LYS M 128 -30.65 -48.52 43.96
C LYS M 128 -31.55 -48.61 42.73
N GLY M 129 -31.06 -48.17 41.57
CA GLY M 129 -31.87 -48.25 40.37
C GLY M 129 -32.00 -49.66 39.82
N GLY M 130 -31.01 -50.50 40.10
CA GLY M 130 -31.07 -51.89 39.68
C GLY M 130 -30.49 -52.23 38.34
N ASN M 131 -29.62 -51.38 37.79
CA ASN M 131 -28.96 -51.65 36.52
C ASN M 131 -27.49 -51.24 36.62
N GLU M 132 -26.73 -51.56 35.57
CA GLU M 132 -25.32 -51.16 35.56
C GLU M 132 -25.18 -49.64 35.69
N GLU M 133 -26.09 -48.88 35.08
CA GLU M 133 -25.95 -47.43 35.08
C GLU M 133 -26.22 -46.85 36.46
N SER M 134 -27.01 -47.54 37.28
CA SER M 134 -27.29 -47.05 38.62
C SER M 134 -26.05 -47.09 39.52
N THR M 135 -25.17 -48.05 39.30
CA THR M 135 -23.93 -48.16 40.06
C THR M 135 -22.81 -47.30 39.48
N LYS M 136 -23.12 -46.47 38.49
CA LYS M 136 -22.13 -45.56 37.90
C LYS M 136 -22.56 -44.11 38.09
N THR M 137 -23.54 -43.64 37.33
CA THR M 137 -24.01 -42.25 37.41
C THR M 137 -25.30 -42.11 38.20
N GLY M 138 -25.97 -43.21 38.52
CA GLY M 138 -27.27 -43.14 39.17
C GLY M 138 -28.38 -42.68 38.27
N ASN M 139 -28.25 -42.90 36.96
CA ASN M 139 -29.28 -42.55 35.99
C ASN M 139 -29.79 -41.12 36.17
N ALA M 140 -28.88 -40.22 36.55
CA ALA M 140 -29.26 -38.83 36.79
C ALA M 140 -29.61 -38.09 35.51
N GLY M 141 -29.43 -38.71 34.35
CA GLY M 141 -29.80 -38.08 33.09
C GLY M 141 -28.69 -37.19 32.55
N SER M 142 -29.07 -36.31 31.64
CA SER M 142 -28.13 -35.39 31.02
C SER M 142 -27.71 -34.30 31.99
N ARG M 143 -26.52 -33.78 31.78
CA ARG M 143 -25.99 -32.71 32.63
C ARG M 143 -26.55 -31.37 32.18
N LEU M 144 -27.37 -30.75 33.03
CA LEU M 144 -27.95 -29.46 32.70
C LEU M 144 -26.94 -28.33 32.83
N ALA M 145 -26.16 -28.31 33.92
CA ALA M 145 -25.21 -27.22 34.10
C ALA M 145 -24.03 -27.70 34.93
N CYS M 146 -22.98 -26.90 34.92
CA CYS M 146 -21.77 -27.24 35.66
C CYS M 146 -20.88 -26.01 35.80
N GLY M 147 -19.97 -26.09 36.75
CA GLY M 147 -19.00 -25.03 36.98
C GLY M 147 -17.79 -25.59 37.71
N VAL M 148 -16.72 -24.81 37.74
CA VAL M 148 -15.50 -25.20 38.42
C VAL M 148 -15.46 -24.54 39.79
N ILE M 149 -15.12 -25.33 40.82
CA ILE M 149 -15.05 -24.83 42.18
C ILE M 149 -13.76 -24.07 42.38
N GLY M 150 -13.85 -22.87 42.95
CA GLY M 150 -12.69 -22.03 43.15
C GLY M 150 -12.75 -21.35 44.50
N ILE M 151 -11.56 -20.95 44.98
CA ILE M 151 -11.43 -20.43 46.33
C ILE M 151 -12.05 -19.04 46.42
N ALA M 152 -12.87 -18.82 47.45
CA ALA M 152 -13.52 -17.54 47.67
C ALA M 152 -12.97 -16.78 48.86
N GLN M 153 -12.16 -17.41 49.71
CA GLN M 153 -11.51 -16.72 50.83
C GLN M 153 -10.36 -17.54 51.38
N GLN N 3 -51.88 -41.15 51.78
CA GLN N 3 -50.83 -40.48 51.03
C GLN N 3 -50.57 -41.16 49.69
N LEU N 4 -50.64 -42.50 49.68
CA LEU N 4 -50.43 -43.27 48.47
C LEU N 4 -51.48 -44.37 48.42
N GLN N 5 -52.22 -44.45 47.31
CA GLN N 5 -53.24 -45.49 47.13
C GLN N 5 -52.98 -46.20 45.82
N GLU N 6 -52.61 -47.48 45.90
CA GLU N 6 -52.30 -48.29 44.74
C GLU N 6 -53.44 -49.25 44.43
N SER N 7 -53.51 -49.66 43.16
CA SER N 7 -54.50 -50.65 42.72
C SER N 7 -54.08 -51.15 41.35
N GLY N 8 -54.87 -52.06 40.80
CA GLY N 8 -54.70 -52.53 39.44
C GLY N 8 -54.24 -53.97 39.30
N GLY N 9 -53.77 -54.60 40.37
CA GLY N 9 -53.25 -55.95 40.29
C GLY N 9 -54.32 -57.01 40.57
N GLY N 10 -53.87 -58.26 40.50
CA GLY N 10 -54.76 -59.39 40.74
C GLY N 10 -54.14 -60.67 40.22
N LEU N 11 -55.01 -61.64 39.94
CA LEU N 11 -54.58 -62.91 39.38
C LEU N 11 -54.49 -62.80 37.87
N VAL N 12 -53.36 -63.21 37.29
CA VAL N 12 -53.15 -63.15 35.85
C VAL N 12 -52.33 -64.37 35.43
N GLN N 13 -52.77 -65.05 34.37
CA GLN N 13 -52.06 -66.21 33.86
C GLN N 13 -50.75 -65.78 33.21
N PRO N 14 -49.76 -66.70 33.13
CA PRO N 14 -48.48 -66.36 32.50
C PRO N 14 -48.65 -65.94 31.05
N GLY N 15 -48.11 -64.77 30.71
CA GLY N 15 -48.17 -64.21 29.37
C GLY N 15 -49.12 -63.05 29.21
N GLY N 16 -49.79 -62.62 30.27
CA GLY N 16 -50.80 -61.58 30.19
C GLY N 16 -50.27 -60.18 30.45
N SER N 17 -51.12 -59.34 31.02
CA SER N 17 -50.83 -57.92 31.12
C SER N 17 -51.63 -57.30 32.25
N LEU N 18 -51.03 -56.32 32.93
CA LEU N 18 -51.74 -55.57 33.97
C LEU N 18 -51.35 -54.10 33.89
N ARG N 19 -52.19 -53.26 34.49
CA ARG N 19 -51.97 -51.81 34.55
C ARG N 19 -52.14 -51.35 35.99
N LEU N 20 -51.03 -51.27 36.73
CA LEU N 20 -51.07 -50.80 38.10
C LEU N 20 -51.17 -49.29 38.13
N SER N 21 -52.15 -48.79 38.86
CA SER N 21 -52.43 -47.37 39.00
C SER N 21 -52.12 -46.93 40.43
N CYS N 22 -51.72 -45.67 40.58
CA CYS N 22 -51.42 -45.16 41.90
C CYS N 22 -51.78 -43.68 42.00
N ARG N 23 -52.52 -43.33 43.05
CA ARG N 23 -52.82 -41.94 43.39
C ARG N 23 -51.90 -41.49 44.52
N ALA N 24 -51.08 -40.49 44.24
CA ALA N 24 -50.15 -39.92 45.22
C ALA N 24 -50.58 -38.51 45.58
N SER N 25 -50.25 -38.09 46.80
CA SER N 25 -50.57 -36.76 47.26
C SER N 25 -49.80 -35.72 46.44
N GLU N 26 -50.31 -34.49 46.44
CA GLU N 26 -49.67 -33.41 45.69
C GLU N 26 -48.28 -33.13 46.24
N THR N 27 -48.13 -33.11 47.57
CA THR N 27 -46.83 -32.81 48.17
C THR N 27 -45.80 -33.89 47.89
N LEU N 28 -46.24 -35.13 47.69
CA LEU N 28 -45.33 -36.21 47.32
C LEU N 28 -45.06 -36.24 45.81
N PHE N 29 -46.07 -35.93 45.00
CA PHE N 29 -45.89 -35.96 43.56
C PHE N 29 -45.06 -34.79 43.05
N SER N 30 -45.11 -33.65 43.75
CA SER N 30 -44.33 -32.48 43.34
C SER N 30 -42.82 -32.75 43.34
N LEU N 31 -42.38 -33.86 43.95
CA LEU N 31 -40.99 -34.26 43.86
C LEU N 31 -40.66 -34.89 42.52
N TYR N 32 -41.67 -35.23 41.71
CA TYR N 32 -41.54 -35.71 40.34
C TYR N 32 -40.39 -36.70 40.16
N ALA N 33 -40.25 -37.61 41.12
CA ALA N 33 -39.23 -38.65 41.07
C ALA N 33 -39.87 -39.91 41.67
N MET N 34 -40.81 -40.48 40.93
CA MET N 34 -41.63 -41.57 41.46
C MET N 34 -41.05 -42.92 41.05
N GLY N 35 -41.47 -43.96 41.78
CA GLY N 35 -40.97 -45.29 41.53
C GLY N 35 -41.91 -46.40 41.94
N TRP N 36 -42.08 -47.37 41.04
CA TRP N 36 -42.80 -48.60 41.31
C TRP N 36 -41.80 -49.65 41.80
N TYR N 37 -42.09 -50.22 42.97
CA TYR N 37 -41.27 -51.25 43.60
C TYR N 37 -42.05 -52.56 43.67
N ARG N 38 -41.37 -53.66 43.34
CA ARG N 38 -41.90 -55.00 43.51
C ARG N 38 -41.38 -55.60 44.81
N GLN N 39 -42.13 -56.56 45.36
CA GLN N 39 -41.93 -57.02 46.74
C GLN N 39 -42.22 -58.51 46.82
N ALA N 40 -41.16 -59.32 46.88
CA ALA N 40 -41.35 -60.74 47.14
C ALA N 40 -41.37 -60.99 48.64
N PRO N 41 -42.31 -61.82 49.12
CA PRO N 41 -42.39 -62.06 50.57
C PRO N 41 -41.09 -62.58 51.13
N GLY N 42 -40.69 -62.05 52.28
CA GLY N 42 -39.41 -62.39 52.87
C GLY N 42 -38.22 -61.73 52.23
N LYS N 43 -38.41 -60.96 51.15
CA LYS N 43 -37.32 -60.30 50.46
C LYS N 43 -37.46 -58.78 50.56
N GLN N 44 -36.40 -58.10 50.12
CA GLN N 44 -36.38 -56.65 50.17
C GLN N 44 -37.33 -56.07 49.14
N PRO N 45 -37.91 -54.90 49.43
CA PRO N 45 -38.69 -54.19 48.41
C PRO N 45 -37.77 -53.51 47.40
N GLU N 46 -37.43 -54.23 46.32
CA GLU N 46 -36.45 -53.74 45.36
C GLU N 46 -37.08 -52.72 44.41
N LEU N 47 -36.30 -51.69 44.07
CA LEU N 47 -36.76 -50.68 43.11
C LEU N 47 -36.82 -51.29 41.72
N ILE N 48 -37.96 -51.10 41.04
CA ILE N 48 -38.17 -51.69 39.72
C ILE N 48 -38.13 -50.61 38.66
N ALA N 49 -39.08 -49.68 38.69
CA ALA N 49 -39.20 -48.67 37.65
C ALA N 49 -39.18 -47.28 38.26
N THR N 50 -38.48 -46.35 37.58
CA THR N 50 -38.37 -44.98 38.01
C THR N 50 -38.90 -44.05 36.93
N ILE N 51 -39.45 -42.92 37.36
CA ILE N 51 -39.94 -41.88 36.45
C ILE N 51 -39.58 -40.53 37.03
N SER N 52 -38.78 -39.76 36.28
CA SER N 52 -38.35 -38.44 36.73
C SER N 52 -37.97 -37.61 35.49
N GLY N 53 -37.98 -36.30 35.67
CA GLY N 53 -37.67 -35.36 34.61
C GLY N 53 -38.81 -34.41 34.34
N GLY N 54 -38.52 -33.44 33.47
CA GLY N 54 -39.51 -32.46 33.09
C GLY N 54 -40.44 -32.95 32.00
N GLY N 55 -41.49 -32.18 31.76
CA GLY N 55 -42.44 -32.52 30.71
C GLY N 55 -43.23 -33.77 31.06
N GLU N 56 -43.24 -34.73 30.14
CA GLU N 56 -43.97 -35.97 30.35
C GLU N 56 -43.23 -36.92 31.28
N GLY N 57 -41.92 -36.81 31.37
CA GLY N 57 -41.15 -37.61 32.30
C GLY N 57 -40.41 -38.75 31.62
N THR N 58 -39.19 -39.03 32.10
CA THR N 58 -38.36 -40.09 31.58
C THR N 58 -38.41 -41.28 32.54
N GLY N 59 -38.61 -42.47 31.98
CA GLY N 59 -38.72 -43.68 32.79
C GLY N 59 -37.59 -44.66 32.58
N ASN N 60 -36.90 -44.98 33.66
CA ASN N 60 -35.85 -45.99 33.67
C ASN N 60 -36.38 -47.29 34.28
N TYR N 61 -35.82 -48.41 33.83
CA TYR N 61 -36.29 -49.73 34.23
C TYR N 61 -35.13 -50.61 34.63
N ALA N 62 -35.42 -51.58 35.49
CA ALA N 62 -34.42 -52.51 35.99
C ALA N 62 -34.17 -53.62 34.97
N ASP N 63 -33.17 -54.46 35.27
CA ASP N 63 -32.79 -55.52 34.33
C ASP N 63 -33.91 -56.52 34.07
N PRO N 64 -34.44 -57.23 35.07
CA PRO N 64 -35.44 -58.28 34.78
C PRO N 64 -36.69 -57.74 34.08
N VAL N 65 -36.93 -56.44 34.14
CA VAL N 65 -38.12 -55.82 33.58
C VAL N 65 -37.80 -54.95 32.38
N LYS N 66 -36.54 -54.88 31.95
CA LYS N 66 -36.19 -54.04 30.82
C LYS N 66 -36.82 -54.58 29.55
N GLY N 67 -37.70 -53.79 28.95
CA GLY N 67 -38.37 -54.16 27.72
C GLY N 67 -39.74 -54.77 27.89
N ARG N 68 -40.24 -54.91 29.12
CA ARG N 68 -41.54 -55.48 29.36
C ARG N 68 -42.46 -54.57 30.15
N PHE N 69 -41.90 -53.67 30.95
CA PHE N 69 -42.69 -52.73 31.74
C PHE N 69 -42.49 -51.32 31.19
N THR N 70 -43.54 -50.52 31.26
CA THR N 70 -43.47 -49.12 30.85
C THR N 70 -44.09 -48.27 31.94
N ILE N 71 -43.37 -47.23 32.38
CA ILE N 71 -43.84 -46.36 33.44
C ILE N 71 -44.24 -45.02 32.82
N SER N 72 -45.34 -44.45 33.31
CA SER N 72 -45.81 -43.17 32.83
C SER N 72 -46.55 -42.47 33.95
N ARG N 73 -46.92 -41.21 33.70
CA ARG N 73 -47.58 -40.42 34.73
C ARG N 73 -48.56 -39.45 34.11
N ASN N 74 -49.47 -38.96 34.94
CA ASN N 74 -50.41 -37.92 34.57
C ASN N 74 -50.30 -36.83 35.62
N ASN N 75 -49.87 -35.65 35.19
CA ASN N 75 -49.49 -34.59 36.10
C ASN N 75 -50.66 -33.69 36.51
N ALA N 76 -51.73 -33.64 35.71
CA ALA N 76 -52.91 -32.91 36.14
C ALA N 76 -53.66 -33.68 37.22
N ASP N 77 -53.55 -35.00 37.21
CA ASP N 77 -54.22 -35.86 38.17
C ASP N 77 -53.32 -36.27 39.33
N ASN N 78 -52.02 -36.01 39.24
CA ASN N 78 -51.04 -36.50 40.21
C ASN N 78 -51.13 -38.02 40.35
N MET N 79 -51.13 -38.71 39.21
CA MET N 79 -51.29 -40.16 39.20
C MET N 79 -50.13 -40.80 38.44
N VAL N 80 -49.79 -42.03 38.83
CA VAL N 80 -48.73 -42.79 38.19
C VAL N 80 -49.31 -44.10 37.66
N PHE N 81 -48.73 -44.59 36.56
CA PHE N 81 -49.21 -45.81 35.91
C PHE N 81 -48.03 -46.67 35.50
N LEU N 82 -48.17 -47.98 35.73
CA LEU N 82 -47.16 -48.98 35.41
C LEU N 82 -47.81 -50.06 34.58
N GLN N 83 -47.36 -50.22 33.34
CA GLN N 83 -47.95 -51.17 32.41
C GLN N 83 -47.02 -52.37 32.29
N MET N 84 -47.52 -53.56 32.62
CA MET N 84 -46.74 -54.78 32.68
C MET N 84 -47.23 -55.73 31.59
N ASN N 85 -46.35 -55.98 30.61
CA ASN N 85 -46.65 -56.83 29.46
C ASN N 85 -45.72 -58.04 29.47
N ASN N 86 -46.23 -59.17 28.98
CA ASN N 86 -45.50 -60.45 28.99
C ASN N 86 -45.09 -60.84 30.41
N LEU N 87 -46.08 -60.92 31.29
CA LEU N 87 -45.81 -61.23 32.69
C LEU N 87 -45.21 -62.62 32.83
N LYS N 88 -44.43 -62.80 33.88
CA LYS N 88 -43.77 -64.06 34.21
C LYS N 88 -44.06 -64.41 35.66
N PRO N 89 -43.98 -65.68 36.04
CA PRO N 89 -44.21 -66.05 37.44
C PRO N 89 -43.27 -65.35 38.43
N GLU N 90 -42.15 -64.81 37.96
CA GLU N 90 -41.22 -64.08 38.82
C GLU N 90 -41.72 -62.68 39.15
N ASP N 91 -42.95 -62.33 38.77
CA ASP N 91 -43.52 -61.03 39.09
C ASP N 91 -44.68 -61.14 40.07
N THR N 92 -45.06 -62.36 40.46
CA THR N 92 -46.01 -62.57 41.54
C THR N 92 -45.46 -61.96 42.81
N ALA N 93 -45.90 -60.75 43.14
CA ALA N 93 -45.33 -60.00 44.25
C ALA N 93 -46.30 -58.89 44.63
N VAL N 94 -45.98 -58.20 45.71
CA VAL N 94 -46.73 -57.02 46.12
C VAL N 94 -46.06 -55.81 45.52
N TYR N 95 -46.84 -54.93 44.90
CA TYR N 95 -46.31 -53.77 44.19
C TYR N 95 -46.75 -52.50 44.89
N TYR N 96 -45.77 -51.69 45.29
CA TYR N 96 -46.02 -50.38 45.89
C TYR N 96 -45.44 -49.29 45.00
N CYS N 97 -45.75 -48.05 45.36
CA CYS N 97 -45.28 -46.87 44.64
C CYS N 97 -44.88 -45.81 45.65
N ASN N 98 -43.64 -45.33 45.56
CA ASN N 98 -43.15 -44.32 46.48
C ASN N 98 -42.06 -43.49 45.81
N VAL N 99 -41.56 -42.51 46.54
CA VAL N 99 -40.55 -41.60 46.01
C VAL N 99 -39.18 -42.25 46.08
N TYR N 100 -38.30 -41.86 45.15
CA TYR N 100 -36.91 -42.28 45.16
C TYR N 100 -36.01 -41.06 45.03
N GLY N 101 -34.74 -41.24 45.37
CA GLY N 101 -33.78 -40.15 45.43
C GLY N 101 -33.77 -39.40 46.75
N THR N 102 -34.88 -39.36 47.46
CA THR N 102 -34.98 -38.73 48.77
C THR N 102 -35.43 -39.78 49.79
N ASN N 103 -35.83 -39.30 50.97
CA ASN N 103 -36.35 -40.20 51.99
C ASN N 103 -37.72 -40.72 51.58
N LEU N 104 -37.90 -42.04 51.72
CA LEU N 104 -39.12 -42.70 51.29
C LEU N 104 -40.30 -42.27 52.16
N ALA N 105 -41.51 -42.36 51.60
CA ALA N 105 -42.70 -41.98 52.32
C ALA N 105 -43.32 -43.19 53.02
N PRO N 106 -44.14 -42.99 54.06
CA PRO N 106 -44.78 -44.12 54.73
C PRO N 106 -45.60 -44.95 53.75
N TRP N 107 -45.33 -46.26 53.75
CA TRP N 107 -45.88 -47.14 52.73
C TRP N 107 -47.40 -47.15 52.74
N GLY N 108 -47.97 -47.43 51.58
CA GLY N 108 -49.40 -47.55 51.40
C GLY N 108 -49.87 -48.98 51.59
N GLN N 109 -50.95 -49.33 50.90
CA GLN N 109 -51.50 -50.67 50.99
C GLN N 109 -50.96 -51.61 49.93
N GLY N 110 -50.52 -51.07 48.79
CA GLY N 110 -49.94 -51.90 47.74
C GLY N 110 -50.99 -52.71 46.99
N THR N 111 -50.53 -53.38 45.95
CA THR N 111 -51.39 -54.21 45.13
C THR N 111 -50.74 -55.56 44.85
N GLN N 112 -51.48 -56.64 45.11
CA GLN N 112 -50.96 -57.98 44.90
C GLN N 112 -51.12 -58.37 43.44
N VAL N 113 -50.03 -58.84 42.82
CA VAL N 113 -50.03 -59.30 41.44
C VAL N 113 -49.54 -60.74 41.44
N THR N 114 -50.46 -61.68 41.25
CA THR N 114 -50.14 -63.09 41.20
C THR N 114 -50.13 -63.57 39.75
N VAL N 115 -49.16 -64.44 39.44
CA VAL N 115 -48.97 -64.94 38.07
C VAL N 115 -48.97 -66.47 38.15
N SER N 116 -50.12 -67.08 37.85
CA SER N 116 -50.24 -68.54 37.85
C SER N 116 -51.40 -68.94 36.97
N SER N 117 -51.21 -70.00 36.19
CA SER N 117 -52.24 -70.50 35.28
C SER N 117 -53.06 -71.61 35.93
N GLN O 1 -36.71 -20.20 15.93
CA GLN O 1 -37.06 -19.18 16.92
C GLN O 1 -38.38 -19.49 17.62
N VAL O 2 -38.40 -19.27 18.93
CA VAL O 2 -39.58 -19.52 19.75
C VAL O 2 -40.65 -18.49 19.43
N GLN O 3 -41.57 -18.83 18.54
CA GLN O 3 -42.60 -17.91 18.09
C GLN O 3 -43.91 -18.18 18.81
N LEU O 4 -44.58 -17.11 19.24
CA LEU O 4 -45.81 -17.18 20.01
C LEU O 4 -46.98 -16.65 19.19
N GLN O 5 -48.18 -17.10 19.55
CA GLN O 5 -49.39 -16.72 18.84
C GLN O 5 -50.57 -16.79 19.79
N GLU O 6 -51.22 -15.65 20.02
CA GLU O 6 -52.37 -15.56 20.90
C GLU O 6 -53.67 -15.55 20.09
N SER O 7 -54.78 -15.83 20.79
CA SER O 7 -56.10 -15.84 20.19
C SER O 7 -57.14 -15.92 21.29
N GLY O 8 -58.38 -15.56 20.93
CA GLY O 8 -59.52 -15.64 21.82
C GLY O 8 -60.05 -14.28 22.25
N GLY O 9 -59.21 -13.25 22.24
CA GLY O 9 -59.66 -11.95 22.68
C GLY O 9 -60.67 -11.34 21.72
N GLY O 10 -61.52 -10.47 22.26
CA GLY O 10 -62.52 -9.81 21.44
C GLY O 10 -63.56 -9.10 22.29
N SER O 11 -64.79 -9.10 21.78
CA SER O 11 -65.88 -8.38 22.42
C SER O 11 -66.48 -9.22 23.55
N VAL O 12 -66.49 -8.66 24.75
CA VAL O 12 -67.10 -9.29 25.92
C VAL O 12 -67.81 -8.20 26.71
N GLN O 13 -69.10 -8.42 26.99
CA GLN O 13 -69.88 -7.44 27.74
C GLN O 13 -69.32 -7.30 29.16
N ALA O 14 -69.81 -6.27 29.86
CA ALA O 14 -69.37 -6.00 31.22
C ALA O 14 -69.74 -7.15 32.16
N GLY O 15 -68.82 -8.09 32.35
CA GLY O 15 -69.07 -9.20 33.25
C GLY O 15 -69.21 -10.53 32.53
N GLY O 16 -68.44 -10.73 31.47
CA GLY O 16 -68.44 -11.96 30.73
C GLY O 16 -67.18 -12.78 30.94
N SER O 17 -67.07 -13.84 30.13
CA SER O 17 -65.95 -14.77 30.20
C SER O 17 -65.14 -14.72 28.92
N LEU O 18 -63.83 -14.93 29.06
CA LEU O 18 -62.95 -14.98 27.89
C LEU O 18 -61.77 -15.90 28.16
N ARG O 19 -61.44 -16.72 27.17
CA ARG O 19 -60.33 -17.68 27.25
C ARG O 19 -59.25 -17.25 26.26
N LEU O 20 -58.17 -16.69 26.79
CA LEU O 20 -57.04 -16.23 25.97
C LEU O 20 -56.00 -17.36 25.92
N ALA O 21 -56.05 -18.14 24.84
CA ALA O 21 -55.11 -19.23 24.64
C ALA O 21 -54.01 -18.79 23.69
N CYS O 22 -52.78 -19.19 23.98
CA CYS O 22 -51.63 -18.85 23.15
C CYS O 22 -50.81 -20.10 22.90
N VAL O 23 -50.59 -20.42 21.63
CA VAL O 23 -49.86 -21.62 21.23
C VAL O 23 -48.42 -21.24 20.95
N ALA O 24 -47.48 -21.93 21.60
CA ALA O 24 -46.06 -21.76 21.34
C ALA O 24 -45.64 -22.65 20.18
N SER O 25 -44.85 -22.10 19.26
CA SER O 25 -44.45 -22.81 18.05
C SER O 25 -42.97 -22.56 17.76
N GLY O 26 -42.32 -23.57 17.21
CA GLY O 26 -40.91 -23.46 16.90
C GLY O 26 -40.05 -23.39 18.14
N GLY O 27 -38.84 -22.89 17.95
CA GLY O 27 -37.90 -22.76 19.05
C GLY O 27 -37.42 -24.12 19.54
N ASP O 28 -36.67 -24.06 20.64
CA ASP O 28 -36.06 -25.26 21.20
C ASP O 28 -37.12 -26.06 21.96
N THR O 29 -37.38 -27.29 21.49
CA THR O 29 -38.44 -28.13 22.00
C THR O 29 -37.98 -29.05 23.13
N ARG O 30 -36.70 -29.01 23.49
CA ARG O 30 -36.19 -29.87 24.54
C ARG O 30 -36.96 -29.62 25.84
N PRO O 31 -37.28 -30.66 26.60
CA PRO O 31 -38.21 -30.50 27.73
C PRO O 31 -37.61 -29.81 28.94
N TYR O 32 -36.28 -29.87 29.09
CA TYR O 32 -35.66 -29.22 30.24
C TYR O 32 -35.46 -27.72 30.06
N ILE O 33 -35.85 -27.18 28.91
CA ILE O 33 -35.83 -25.74 28.68
C ILE O 33 -37.13 -25.15 29.20
N THR O 34 -37.02 -24.22 30.13
CA THR O 34 -38.17 -23.65 30.83
C THR O 34 -38.23 -22.15 30.57
N TYR O 35 -39.44 -21.64 30.43
CA TYR O 35 -39.69 -20.22 30.21
C TYR O 35 -40.64 -19.69 31.28
N TRP O 36 -40.73 -18.37 31.34
CA TRP O 36 -41.68 -17.67 32.20
C TRP O 36 -42.66 -17.01 31.23
N MET O 37 -43.86 -17.57 31.12
CA MET O 37 -44.83 -17.14 30.14
C MET O 37 -45.79 -16.13 30.79
N GLY O 38 -45.81 -14.93 30.24
CA GLY O 38 -46.56 -13.83 30.85
C GLY O 38 -47.52 -13.17 29.89
N TRP O 39 -48.70 -12.85 30.41
CA TRP O 39 -49.71 -12.08 29.68
C TRP O 39 -49.56 -10.61 30.05
N TYR O 40 -49.33 -9.75 29.06
CA TYR O 40 -49.13 -8.33 29.27
C TYR O 40 -50.27 -7.56 28.62
N ARG O 41 -50.65 -6.46 29.26
CA ARG O 41 -51.79 -5.64 28.83
C ARG O 41 -51.29 -4.23 28.55
N GLN O 42 -51.55 -3.76 27.33
CA GLN O 42 -51.17 -2.41 26.91
C GLN O 42 -52.43 -1.63 26.54
N ALA O 43 -52.66 -0.54 27.26
CA ALA O 43 -53.83 0.30 27.02
C ALA O 43 -53.52 1.38 26.00
N GLY O 45 -52.57 4.19 24.98
CA GLY O 45 -52.22 5.44 25.64
C GLY O 45 -51.38 5.23 26.89
N LYS O 46 -51.31 3.99 27.35
CA LYS O 46 -50.51 3.62 28.51
C LYS O 46 -49.43 2.64 28.08
N GLU O 47 -48.66 2.14 29.05
CA GLU O 47 -47.55 1.25 28.78
C GLU O 47 -47.98 -0.21 28.95
N ARG O 48 -47.02 -1.11 28.79
CA ARG O 48 -47.27 -2.54 28.93
C ARG O 48 -47.28 -2.90 30.41
N GLU O 49 -48.44 -3.34 30.91
CA GLU O 49 -48.58 -3.65 32.31
C GLU O 49 -48.10 -5.06 32.62
N GLY O 50 -49.01 -6.03 32.53
CA GLY O 50 -48.73 -7.40 32.90
C GLY O 50 -49.70 -7.90 33.94
N VAL O 51 -50.52 -8.88 33.58
CA VAL O 51 -51.59 -9.34 34.44
C VAL O 51 -51.23 -10.64 35.17
N ALA O 52 -50.62 -11.59 34.47
CA ALA O 52 -50.35 -12.89 35.06
C ALA O 52 -49.13 -13.51 34.40
N THR O 53 -48.54 -14.48 35.10
CA THR O 53 -47.41 -15.23 34.57
C THR O 53 -47.46 -16.64 35.12
N ILE O 54 -46.80 -17.56 34.42
CA ILE O 54 -46.75 -18.96 34.81
C ILE O 54 -45.42 -19.55 34.37
N TYR O 55 -45.07 -20.69 34.97
CA TYR O 55 -43.78 -21.34 34.76
C TYR O 55 -44.01 -22.61 33.94
N THR O 56 -43.24 -22.77 32.86
CA THR O 56 -43.36 -23.95 32.00
C THR O 56 -42.55 -25.13 32.52
N GLY O 57 -41.94 -25.02 33.68
CA GLY O 57 -41.22 -26.12 34.28
C GLY O 57 -41.94 -26.71 35.47
N GLY O 58 -42.92 -25.97 36.00
CA GLY O 58 -43.66 -26.41 37.17
C GLY O 58 -45.10 -25.93 37.18
N SER O 59 -45.47 -25.12 38.19
CA SER O 59 -46.82 -24.61 38.30
C SER O 59 -46.88 -23.30 39.07
N GLY O 60 -45.84 -22.48 38.99
CA GLY O 60 -45.84 -21.21 39.70
C GLY O 60 -46.75 -20.21 39.01
N THR O 61 -47.66 -19.61 39.78
CA THR O 61 -48.60 -18.63 39.25
C THR O 61 -48.48 -17.36 40.07
N TYR O 62 -48.15 -16.25 39.40
CA TYR O 62 -47.99 -14.96 40.05
C TYR O 62 -48.86 -13.92 39.35
N TYR O 63 -49.70 -13.24 40.13
CA TYR O 63 -50.65 -12.26 39.62
C TYR O 63 -50.23 -10.85 40.04
N SER O 64 -50.72 -9.87 39.29
CA SER O 64 -50.47 -8.47 39.61
C SER O 64 -51.48 -7.99 40.65
N ASP O 65 -51.31 -6.76 41.11
CA ASP O 65 -52.20 -6.20 42.13
C ASP O 65 -53.45 -5.56 41.53
N SER O 66 -53.41 -5.16 40.26
CA SER O 66 -54.59 -4.59 39.62
C SER O 66 -55.70 -5.63 39.43
N VAL O 67 -55.36 -6.91 39.50
CA VAL O 67 -56.33 -8.00 39.38
C VAL O 67 -56.26 -8.86 40.63
N GLU O 68 -57.40 -9.11 41.24
CA GLU O 68 -57.45 -9.99 42.39
C GLU O 68 -57.72 -11.41 41.94
N GLY O 69 -58.84 -11.98 42.36
CA GLY O 69 -59.19 -13.33 41.98
C GLY O 69 -60.00 -13.40 40.70
N ARG O 70 -59.84 -12.40 39.81
CA ARG O 70 -60.57 -12.38 38.56
C ARG O 70 -59.86 -13.18 37.47
N PHE O 71 -58.56 -13.00 37.30
CA PHE O 71 -57.83 -13.72 36.27
C PHE O 71 -57.27 -15.01 36.82
N THR O 72 -57.09 -15.99 35.93
CA THR O 72 -56.54 -17.29 36.32
C THR O 72 -55.85 -17.89 35.10
N ILE O 73 -54.54 -18.13 35.23
CA ILE O 73 -53.70 -18.59 34.13
C ILE O 73 -53.28 -20.02 34.38
N SER O 74 -53.34 -20.85 33.33
CA SER O 74 -52.93 -22.25 33.43
C SER O 74 -52.13 -22.62 32.19
N GLN O 75 -51.61 -23.84 32.16
CA GLN O 75 -50.80 -24.29 31.04
C GLN O 75 -51.07 -25.75 30.74
N ASP O 76 -51.01 -26.08 29.45
CA ASP O 76 -51.03 -27.46 28.96
C ASP O 76 -49.64 -27.72 28.38
N LYS O 77 -48.81 -28.45 29.13
CA LYS O 77 -47.43 -28.68 28.69
C LYS O 77 -47.36 -29.63 27.50
N ALA O 78 -48.31 -30.56 27.39
CA ALA O 78 -48.26 -31.53 26.28
C ALA O 78 -48.59 -30.87 24.94
N GLN O 79 -49.45 -29.86 24.94
CA GLN O 79 -49.71 -29.07 23.75
C GLN O 79 -48.90 -27.79 23.71
N ARG O 80 -48.14 -27.49 24.77
CA ARG O 80 -47.31 -26.28 24.88
C ARG O 80 -48.17 -25.03 24.69
N THR O 81 -49.20 -24.92 25.53
CA THR O 81 -50.17 -23.84 25.44
C THR O 81 -50.33 -23.21 26.82
N VAL O 82 -50.68 -21.92 26.83
CA VAL O 82 -50.99 -21.20 28.05
C VAL O 82 -52.37 -20.56 27.90
N TYR O 83 -53.23 -20.79 28.89
CA TYR O 83 -54.59 -20.27 28.91
C TYR O 83 -54.69 -19.16 29.95
N LEU O 84 -55.48 -18.13 29.63
CA LEU O 84 -55.73 -17.01 30.53
C LEU O 84 -57.23 -16.80 30.62
N GLN O 85 -57.79 -17.02 31.80
CA GLN O 85 -59.23 -16.85 32.02
C GLN O 85 -59.49 -15.41 32.44
N MET O 86 -60.51 -14.80 31.82
CA MET O 86 -60.86 -13.40 32.05
C MET O 86 -62.35 -13.35 32.35
N ASN O 87 -62.71 -13.32 33.64
CA ASN O 87 -64.09 -13.29 34.08
C ASN O 87 -64.30 -12.13 35.04
N ASP O 88 -65.56 -11.71 35.16
CA ASP O 88 -65.93 -10.55 35.97
C ASP O 88 -65.15 -9.31 35.52
N LEU O 89 -65.11 -9.10 34.20
CA LEU O 89 -64.31 -8.04 33.62
C LEU O 89 -64.87 -6.67 33.98
N LYS O 90 -63.99 -5.67 34.00
CA LYS O 90 -64.33 -4.27 34.23
C LYS O 90 -64.08 -3.46 32.97
N PRO O 91 -64.72 -2.29 32.83
CA PRO O 91 -64.53 -1.52 31.59
C PRO O 91 -63.19 -0.80 31.54
N GLU O 92 -62.24 -1.16 32.41
CA GLU O 92 -60.89 -0.63 32.36
C GLU O 92 -59.86 -1.63 31.82
N ASP O 93 -60.28 -2.86 31.53
CA ASP O 93 -59.38 -3.85 30.95
C ASP O 93 -59.37 -3.82 29.42
N THR O 94 -60.11 -2.91 28.80
CA THR O 94 -60.15 -2.81 27.34
C THR O 94 -58.79 -2.34 26.84
N ALA O 95 -58.00 -3.26 26.32
CA ALA O 95 -56.64 -2.98 25.89
C ALA O 95 -56.20 -4.11 24.95
N MET O 96 -54.90 -4.17 24.66
CA MET O 96 -54.36 -5.25 23.86
C MET O 96 -53.55 -6.19 24.74
N TYR O 97 -53.72 -7.49 24.52
CA TYR O 97 -53.12 -8.54 25.35
C TYR O 97 -52.07 -9.28 24.53
N TYR O 98 -50.80 -9.16 24.92
CA TYR O 98 -49.70 -9.87 24.28
C TYR O 98 -49.15 -10.94 25.20
N CYS O 99 -48.91 -12.14 24.66
CA CYS O 99 -48.31 -13.22 25.42
C CYS O 99 -46.84 -13.33 25.05
N ALA O 100 -45.97 -13.32 26.06
CA ALA O 100 -44.54 -13.35 25.82
C ALA O 100 -43.88 -14.39 26.73
N ALA O 101 -42.62 -14.68 26.44
CA ALA O 101 -41.86 -15.67 27.19
C ALA O 101 -40.50 -15.11 27.56
N GLY O 102 -40.13 -15.24 28.83
CA GLY O 102 -38.83 -14.86 29.31
C GLY O 102 -38.01 -16.06 29.79
N ASN O 103 -36.74 -15.78 30.07
CA ASN O 103 -35.83 -16.81 30.60
C ASN O 103 -36.41 -17.43 31.86
N GLY O 104 -36.40 -18.76 31.90
CA GLY O 104 -37.01 -19.48 33.01
C GLY O 104 -36.36 -19.21 34.35
N ALA O 105 -35.12 -18.72 34.35
CA ALA O 105 -34.41 -18.39 35.58
C ALA O 105 -34.52 -16.91 35.91
N LEU O 106 -35.68 -16.31 35.67
CA LEU O 106 -35.87 -14.91 36.01
C LEU O 106 -36.05 -14.76 37.51
N PRO O 107 -35.31 -13.86 38.16
CA PRO O 107 -35.45 -13.68 39.61
C PRO O 107 -36.82 -13.14 39.97
N PRO O 108 -37.23 -13.28 41.23
CA PRO O 108 -38.52 -12.70 41.63
C PRO O 108 -38.52 -11.18 41.49
N GLY O 109 -39.62 -10.64 40.98
CA GLY O 109 -39.73 -9.23 40.71
C GLY O 109 -39.58 -8.90 39.24
N ARG O 110 -38.67 -9.59 38.56
CA ARG O 110 -38.42 -9.40 37.14
C ARG O 110 -39.20 -10.38 36.28
N ARG O 111 -40.04 -11.22 36.90
CA ARG O 111 -40.82 -12.20 36.14
C ARG O 111 -41.99 -11.55 35.41
N LEU O 112 -42.58 -10.52 36.00
CA LEU O 112 -43.71 -9.81 35.44
C LEU O 112 -43.33 -8.40 34.98
N SER O 113 -42.13 -8.25 34.41
CA SER O 113 -41.65 -7.00 33.88
C SER O 113 -41.43 -7.12 32.38
N PRO O 114 -41.94 -6.18 31.57
CA PRO O 114 -41.80 -6.32 30.11
C PRO O 114 -40.37 -6.09 29.61
N GLN O 115 -39.50 -5.50 30.43
CA GLN O 115 -38.13 -5.24 30.01
C GLN O 115 -37.28 -6.51 30.01
N ASN O 116 -37.43 -7.36 31.03
CA ASN O 116 -36.72 -8.64 31.06
C ASN O 116 -37.42 -9.73 30.26
N MET O 117 -38.02 -9.37 29.12
CA MET O 117 -38.76 -10.30 28.29
C MET O 117 -38.07 -10.45 26.94
N ASP O 118 -37.98 -11.70 26.48
CA ASP O 118 -37.35 -12.00 25.20
C ASP O 118 -38.36 -11.91 24.07
N THR O 119 -38.79 -13.07 23.56
CA THR O 119 -39.72 -13.11 22.44
C THR O 119 -41.10 -12.62 22.86
N TRP O 120 -41.77 -11.91 21.95
CA TRP O 120 -43.08 -11.33 22.20
C TRP O 120 -44.06 -11.84 21.15
N GLY O 121 -45.33 -11.89 21.55
CA GLY O 121 -46.38 -12.37 20.67
C GLY O 121 -47.04 -11.23 19.91
N PRO O 122 -47.78 -11.56 18.85
CA PRO O 122 -48.47 -10.51 18.09
C PRO O 122 -49.47 -9.72 18.93
N GLY O 123 -50.39 -10.41 19.59
CA GLY O 123 -51.33 -9.75 20.46
C GLY O 123 -52.73 -9.70 19.87
N THR O 124 -53.72 -9.70 20.75
CA THR O 124 -55.12 -9.60 20.35
C THR O 124 -55.80 -8.54 21.21
N GLN O 125 -56.88 -7.98 20.68
CA GLN O 125 -57.60 -6.90 21.36
C GLN O 125 -58.74 -7.47 22.18
N VAL O 126 -58.75 -7.16 23.47
CA VAL O 126 -59.80 -7.55 24.40
C VAL O 126 -60.47 -6.28 24.93
N THR O 127 -61.79 -6.21 24.80
CA THR O 127 -62.54 -5.05 25.24
C THR O 127 -63.64 -5.49 26.20
N VAL O 128 -64.11 -4.54 27.02
CA VAL O 128 -65.23 -4.73 27.93
C VAL O 128 -66.17 -3.55 27.78
N SER O 129 -67.41 -3.82 27.39
CA SER O 129 -68.40 -2.78 27.15
C SER O 129 -69.26 -2.64 28.40
N SER O 130 -69.19 -1.46 29.02
CA SER O 130 -69.96 -1.18 30.22
C SER O 130 -71.46 -1.14 29.92
N LEU P 4 -19.71 -46.76 67.55
CA LEU P 4 -20.50 -45.96 68.49
C LEU P 4 -20.68 -46.68 69.82
N GLN P 5 -19.85 -46.34 70.80
CA GLN P 5 -19.91 -46.98 72.11
C GLN P 5 -20.72 -46.10 73.05
N GLU P 6 -21.64 -46.71 73.80
CA GLU P 6 -22.48 -45.97 74.72
C GLU P 6 -22.17 -46.35 76.17
N SER P 7 -22.46 -45.42 77.07
CA SER P 7 -22.13 -45.52 78.49
C SER P 7 -23.18 -44.78 79.30
N GLY P 8 -23.43 -45.28 80.51
CA GLY P 8 -24.48 -44.78 81.35
C GLY P 8 -25.81 -45.46 81.09
N GLY P 9 -26.77 -45.19 81.96
CA GLY P 9 -28.11 -45.75 81.86
C GLY P 9 -28.46 -46.62 83.06
N GLY P 10 -29.71 -47.05 83.06
CA GLY P 10 -30.21 -47.86 84.16
C GLY P 10 -31.62 -47.49 84.61
N LEU P 11 -31.81 -47.33 85.91
CA LEU P 11 -33.11 -47.02 86.48
C LEU P 11 -33.01 -45.79 87.37
N VAL P 12 -34.13 -45.09 87.51
CA VAL P 12 -34.22 -43.93 88.39
C VAL P 12 -35.67 -43.76 88.83
N GLN P 13 -35.90 -42.82 89.75
CA GLN P 13 -37.23 -42.50 90.24
C GLN P 13 -37.75 -41.22 89.56
N ALA P 14 -39.06 -41.05 89.63
CA ALA P 14 -39.72 -39.88 89.06
C ALA P 14 -39.09 -38.60 89.61
N GLY P 15 -38.43 -37.83 88.74
CA GLY P 15 -37.71 -36.66 89.17
C GLY P 15 -36.25 -36.87 89.45
N GLY P 16 -35.71 -38.06 89.14
CA GLY P 16 -34.30 -38.33 89.36
C GLY P 16 -33.40 -37.70 88.32
N SER P 17 -32.24 -38.33 88.11
CA SER P 17 -31.22 -37.79 87.23
C SER P 17 -30.55 -38.92 86.47
N LEU P 18 -29.92 -38.57 85.35
CA LEU P 18 -29.15 -39.53 84.55
C LEU P 18 -28.34 -38.76 83.51
N ARG P 19 -27.25 -39.40 83.07
CA ARG P 19 -26.39 -38.83 82.04
C ARG P 19 -25.80 -39.95 81.20
N LEU P 20 -26.14 -39.97 79.92
CA LEU P 20 -25.57 -40.91 78.97
C LEU P 20 -24.42 -40.27 78.21
N SER P 21 -23.54 -41.11 77.68
CA SER P 21 -22.42 -40.68 76.86
C SER P 21 -22.26 -41.64 75.70
N CYS P 22 -21.81 -41.11 74.56
CA CYS P 22 -21.58 -41.92 73.37
C CYS P 22 -20.32 -41.42 72.69
N ALA P 23 -19.36 -42.31 72.51
CA ALA P 23 -18.10 -42.01 71.85
C ALA P 23 -18.08 -42.63 70.46
N ALA P 24 -17.71 -41.83 69.47
CA ALA P 24 -17.52 -42.33 68.12
C ALA P 24 -16.29 -43.23 68.08
N SER P 25 -16.44 -44.43 67.51
CA SER P 25 -15.39 -45.44 67.51
C SER P 25 -15.20 -45.98 66.10
N GLY P 26 -14.01 -45.77 65.54
CA GLY P 26 -13.68 -46.34 64.24
C GLY P 26 -14.53 -45.86 63.09
N LEU P 27 -14.98 -44.60 63.11
CA LEU P 27 -15.80 -44.11 62.02
C LEU P 27 -14.90 -43.65 60.85
N PRO P 28 -15.33 -43.88 59.61
CA PRO P 28 -14.47 -43.53 58.47
C PRO P 28 -14.36 -42.02 58.24
N TYR P 29 -15.41 -41.27 58.49
CA TYR P 29 -15.43 -39.83 58.31
C TYR P 29 -15.87 -39.16 59.60
N ARG P 30 -15.76 -37.83 59.63
CA ARG P 30 -16.14 -37.09 60.81
C ARG P 30 -17.67 -37.01 60.93
N THR P 31 -18.12 -36.64 62.13
CA THR P 31 -19.54 -36.62 62.45
C THR P 31 -20.15 -35.29 62.02
N VAL P 32 -21.25 -35.36 61.28
CA VAL P 32 -22.03 -34.17 60.95
C VAL P 32 -23.05 -33.86 62.04
N PHE P 33 -23.83 -34.85 62.43
CA PHE P 33 -24.86 -34.68 63.47
C PHE P 33 -24.85 -35.91 64.34
N MET P 34 -24.60 -35.73 65.62
CA MET P 34 -24.59 -36.84 66.57
C MET P 34 -25.61 -36.56 67.66
N GLY P 35 -26.36 -37.59 68.04
CA GLY P 35 -27.41 -37.37 69.00
C GLY P 35 -28.01 -38.66 69.51
N TRP P 36 -29.14 -38.52 70.17
CA TRP P 36 -29.81 -39.62 70.85
C TRP P 36 -31.24 -39.73 70.36
N PHE P 37 -31.65 -40.97 70.09
CA PHE P 37 -33.03 -41.35 69.83
C PHE P 37 -33.48 -42.29 70.95
N ARG P 38 -34.80 -42.47 71.07
CA ARG P 38 -35.33 -43.36 72.10
C ARG P 38 -36.53 -44.13 71.55
N GLN P 39 -36.64 -45.38 71.99
CA GLN P 39 -37.78 -46.23 71.66
C GLN P 39 -38.44 -46.63 72.95
N GLY P 40 -39.68 -46.17 73.16
CA GLY P 40 -40.41 -46.48 74.34
C GLY P 40 -40.86 -47.94 74.37
N PRO P 41 -41.58 -48.32 75.43
CA PRO P 41 -42.03 -49.72 75.55
C PRO P 41 -43.08 -50.07 74.51
N GLY P 42 -42.65 -50.22 73.26
CA GLY P 42 -43.59 -50.45 72.18
C GLY P 42 -43.97 -49.18 71.45
N LYS P 43 -43.00 -48.33 71.15
CA LYS P 43 -43.24 -47.08 70.43
C LYS P 43 -42.19 -46.91 69.33
N GLU P 44 -42.40 -45.88 68.52
CA GLU P 44 -41.50 -45.59 67.41
C GLU P 44 -40.22 -44.93 67.90
N ARG P 45 -39.10 -45.35 67.32
CA ARG P 45 -37.78 -44.77 67.62
C ARG P 45 -37.82 -43.28 67.34
N GLU P 46 -38.18 -42.50 68.33
CA GLU P 46 -38.37 -41.06 68.15
C GLU P 46 -37.09 -40.29 68.48
N GLY P 47 -36.90 -39.18 67.76
CA GLY P 47 -35.71 -38.38 67.97
C GLY P 47 -35.76 -37.62 69.27
N VAL P 48 -34.73 -37.79 70.09
CA VAL P 48 -34.68 -37.18 71.42
C VAL P 48 -33.92 -35.87 71.37
N ALA P 49 -32.63 -35.92 71.05
CA ALA P 49 -31.82 -34.70 71.09
C ALA P 49 -30.51 -34.86 70.32
N VAL P 50 -30.26 -33.98 69.34
CA VAL P 50 -29.07 -34.08 68.50
C VAL P 50 -28.30 -32.76 68.51
N ILE P 51 -27.04 -32.85 68.08
CA ILE P 51 -26.16 -31.70 68.05
C ILE P 51 -25.27 -31.78 66.81
N ASN P 52 -24.89 -30.62 66.30
CA ASN P 52 -24.03 -30.46 65.14
C ASN P 52 -22.56 -30.54 65.56
N ALA P 53 -21.68 -30.61 64.56
CA ALA P 53 -20.25 -30.68 64.80
C ALA P 53 -19.66 -29.34 65.23
N ASP P 54 -20.43 -28.26 65.18
CA ASP P 54 -19.97 -26.99 65.70
C ASP P 54 -19.99 -26.96 67.23
N GLY P 55 -20.83 -27.80 67.85
CA GLY P 55 -20.94 -27.79 69.30
C GLY P 55 -21.82 -26.70 69.85
N VAL P 56 -22.80 -26.24 69.08
CA VAL P 56 -23.72 -25.19 69.54
C VAL P 56 -25.10 -25.42 68.94
N SER P 57 -25.15 -25.80 67.67
CA SER P 57 -26.41 -26.04 66.98
C SER P 57 -27.03 -27.32 67.52
N THR P 58 -28.14 -27.19 68.24
CA THR P 58 -28.78 -28.31 68.91
C THR P 58 -30.25 -28.36 68.54
N TYR P 59 -30.77 -29.58 68.40
CA TYR P 59 -32.17 -29.81 68.08
C TYR P 59 -32.77 -30.74 69.12
N TYR P 60 -33.88 -30.32 69.72
CA TYR P 60 -34.54 -31.07 70.77
C TYR P 60 -35.96 -31.43 70.35
N ALA P 61 -36.46 -32.51 70.93
CA ALA P 61 -37.85 -32.87 70.72
C ALA P 61 -38.74 -32.05 71.63
N ASP P 62 -40.03 -31.95 71.26
CA ASP P 62 -40.97 -31.17 72.04
C ASP P 62 -41.24 -31.83 73.40
N SER P 63 -41.16 -33.15 73.47
CA SER P 63 -41.40 -33.88 74.72
C SER P 63 -40.24 -33.75 75.71
N VAL P 64 -39.06 -33.36 75.24
CA VAL P 64 -37.88 -33.27 76.10
C VAL P 64 -37.28 -31.87 76.09
N LYS P 65 -37.96 -30.90 75.50
CA LYS P 65 -37.42 -29.55 75.41
C LYS P 65 -37.37 -28.91 76.79
N GLY P 66 -36.29 -28.20 77.06
CA GLY P 66 -36.11 -27.57 78.35
C GLY P 66 -35.62 -28.53 79.42
N ARG P 67 -36.08 -29.77 79.37
CA ARG P 67 -35.69 -30.77 80.36
C ARG P 67 -34.32 -31.36 80.04
N PHE P 68 -34.24 -32.14 78.96
CA PHE P 68 -32.98 -32.78 78.58
C PHE P 68 -31.97 -31.72 78.13
N THR P 69 -30.71 -32.13 78.00
CA THR P 69 -29.68 -31.21 77.56
C THR P 69 -28.53 -32.00 76.94
N ILE P 70 -28.31 -31.82 75.66
CA ILE P 70 -27.22 -32.47 74.95
C ILE P 70 -26.02 -31.54 74.89
N SER P 71 -24.84 -32.11 75.05
CA SER P 71 -23.58 -31.37 75.00
C SER P 71 -22.54 -32.22 74.29
N GLN P 72 -21.48 -31.58 73.82
CA GLN P 72 -20.40 -32.27 73.12
C GLN P 72 -19.07 -31.80 73.67
N ASP P 73 -18.14 -32.74 73.87
CA ASP P 73 -16.84 -32.40 74.42
C ASP P 73 -15.81 -32.12 73.33
N ASN P 74 -16.07 -32.59 72.10
CA ASN P 74 -15.25 -32.29 70.93
C ASN P 74 -13.83 -32.84 71.04
N ALA P 75 -13.16 -32.60 72.16
CA ALA P 75 -11.81 -33.12 72.34
C ALA P 75 -11.78 -34.65 72.26
N LYS P 76 -12.84 -35.29 72.75
CA LYS P 76 -12.95 -36.75 72.71
C LYS P 76 -14.05 -37.22 71.75
N ASN P 77 -14.51 -36.33 70.87
CA ASN P 77 -15.64 -36.59 69.95
C ASN P 77 -16.74 -37.41 70.62
N THR P 78 -17.06 -37.01 71.84
CA THR P 78 -18.07 -37.67 72.66
C THR P 78 -19.29 -36.77 72.79
N VAL P 79 -20.47 -37.37 72.76
CA VAL P 79 -21.72 -36.66 72.96
C VAL P 79 -22.32 -37.11 74.28
N TYR P 80 -22.65 -36.15 75.15
CA TYR P 80 -23.30 -36.42 76.43
C TYR P 80 -24.73 -35.94 76.38
N LEU P 81 -25.62 -36.68 77.03
CA LEU P 81 -27.02 -36.29 77.15
C LEU P 81 -27.40 -36.35 78.62
N GLN P 82 -27.74 -35.18 79.19
CA GLN P 82 -28.18 -35.08 80.57
C GLN P 82 -29.70 -35.08 80.60
N MET P 83 -30.28 -36.08 81.26
CA MET P 83 -31.73 -36.22 81.38
C MET P 83 -32.10 -36.09 82.85
N ASN P 84 -33.09 -35.24 83.13
CA ASN P 84 -33.48 -34.91 84.49
C ASN P 84 -34.99 -34.89 84.60
N SER P 85 -35.48 -34.96 85.84
CA SER P 85 -36.91 -34.94 86.13
C SER P 85 -37.64 -36.05 85.39
N LEU P 86 -37.02 -37.23 85.35
CA LEU P 86 -37.48 -38.27 84.45
C LEU P 86 -38.88 -38.73 84.82
N LYS P 87 -39.76 -38.74 83.82
CA LYS P 87 -41.13 -39.19 83.92
C LYS P 87 -41.21 -40.65 83.48
N PRO P 88 -42.23 -41.38 83.94
CA PRO P 88 -42.38 -42.78 83.47
C PRO P 88 -42.51 -42.92 81.96
N GLU P 89 -42.94 -41.87 81.25
CA GLU P 89 -42.98 -41.94 79.79
C GLU P 89 -41.59 -41.94 79.18
N ASP P 90 -40.58 -41.53 79.94
CA ASP P 90 -39.20 -41.50 79.45
C ASP P 90 -38.54 -42.87 79.47
N THR P 91 -39.23 -43.90 79.97
CA THR P 91 -38.69 -45.26 79.95
C THR P 91 -38.51 -45.70 78.50
N ALA P 92 -37.26 -45.81 78.07
CA ALA P 92 -36.99 -46.13 76.67
C ALA P 92 -35.60 -46.73 76.53
N ILE P 93 -35.44 -47.51 75.47
CA ILE P 93 -34.10 -47.89 75.03
C ILE P 93 -33.56 -46.73 74.21
N TYR P 94 -32.45 -46.16 74.66
CA TYR P 94 -31.83 -45.01 74.02
C TYR P 94 -30.74 -45.47 73.07
N HIS P 95 -30.79 -44.99 71.84
CA HIS P 95 -29.83 -45.34 70.81
C HIS P 95 -29.02 -44.12 70.42
N CYS P 96 -27.72 -44.32 70.23
CA CYS P 96 -26.84 -43.27 69.76
C CYS P 96 -26.87 -43.26 68.24
N ALA P 97 -27.08 -42.09 67.65
CA ALA P 97 -27.16 -41.93 66.20
C ALA P 97 -26.12 -40.92 65.74
N ALA P 98 -25.60 -41.15 64.54
CA ALA P 98 -24.53 -40.33 63.99
C ALA P 98 -24.76 -40.11 62.51
N ASN P 99 -23.99 -39.17 61.94
CA ASN P 99 -24.18 -38.75 60.56
C ASN P 99 -22.85 -38.30 59.95
N HIS P 100 -22.64 -38.67 58.69
CA HIS P 100 -21.61 -38.06 57.85
C HIS P 100 -22.20 -37.22 56.73
N PHE P 101 -23.53 -37.13 56.64
CA PHE P 101 -24.20 -36.28 55.67
C PHE P 101 -25.57 -35.91 56.22
N PHE P 102 -25.99 -34.67 55.99
CA PHE P 102 -27.30 -34.22 56.42
C PHE P 102 -27.82 -33.12 55.52
N ASP P 103 -29.07 -33.25 55.08
CA ASP P 103 -29.77 -32.22 54.32
C ASP P 103 -30.50 -31.32 55.30
N TYR P 104 -30.15 -30.04 55.31
CA TYR P 104 -30.82 -29.08 56.18
C TYR P 104 -32.25 -28.77 55.78
N SER P 105 -32.77 -29.41 54.73
CA SER P 105 -34.16 -29.23 54.35
C SER P 105 -35.04 -30.39 54.79
N ARG P 106 -34.54 -31.26 55.66
CA ARG P 106 -35.31 -32.37 56.21
C ARG P 106 -35.37 -32.26 57.73
N ASP P 107 -35.84 -33.34 58.36
CA ASP P 107 -36.05 -33.39 59.81
C ASP P 107 -34.77 -33.85 60.49
N PRO P 108 -34.15 -33.05 61.35
CA PRO P 108 -32.96 -33.50 62.09
C PRO P 108 -33.24 -34.46 63.23
N LEU P 109 -34.45 -35.01 63.33
CA LEU P 109 -34.82 -35.89 64.42
C LEU P 109 -35.50 -37.17 63.94
N ALA P 110 -35.41 -37.49 62.67
CA ALA P 110 -36.04 -38.67 62.09
C ALA P 110 -35.00 -39.78 61.93
N THR P 111 -35.45 -41.02 62.11
CA THR P 111 -34.56 -42.16 61.98
C THR P 111 -34.00 -42.31 60.57
N ALA P 112 -34.74 -41.84 59.56
CA ALA P 112 -34.32 -42.01 58.18
C ALA P 112 -33.14 -41.13 57.80
N GLU P 113 -32.78 -40.17 58.64
CA GLU P 113 -31.67 -39.27 58.36
C GLU P 113 -30.35 -39.75 58.96
N TYR P 114 -30.33 -40.92 59.59
CA TYR P 114 -29.14 -41.44 60.25
C TYR P 114 -28.93 -42.89 59.84
N ASN P 115 -27.68 -43.24 59.50
CA ASN P 115 -27.36 -44.61 59.13
C ASN P 115 -26.40 -45.31 60.08
N TYR P 116 -25.70 -44.58 60.94
CA TYR P 116 -24.86 -45.19 61.97
C TYR P 116 -25.66 -45.30 63.26
N TRP P 117 -25.49 -46.43 63.96
CA TRP P 117 -26.19 -46.67 65.21
C TRP P 117 -25.29 -47.42 66.18
N GLY P 118 -25.66 -47.36 67.47
CA GLY P 118 -24.95 -48.04 68.51
C GLY P 118 -25.75 -49.17 69.11
N GLN P 119 -25.34 -49.60 70.30
CA GLN P 119 -25.97 -50.74 70.96
C GLN P 119 -27.31 -50.34 71.58
N GLY P 120 -27.38 -49.17 72.22
CA GLY P 120 -28.58 -48.80 72.91
C GLY P 120 -28.59 -49.24 74.35
N THR P 121 -29.00 -48.36 75.27
CA THR P 121 -28.99 -48.64 76.68
C THR P 121 -30.37 -48.32 77.27
N GLN P 122 -30.78 -49.13 78.23
CA GLN P 122 -32.12 -49.01 78.81
C GLN P 122 -32.13 -47.90 79.86
N VAL P 123 -33.11 -47.01 79.78
CA VAL P 123 -33.29 -45.95 80.77
C VAL P 123 -34.74 -46.02 81.22
N THR P 124 -34.96 -46.48 82.45
CA THR P 124 -36.30 -46.73 82.96
C THR P 124 -36.53 -45.93 84.24
N VAL P 125 -37.75 -45.42 84.38
CA VAL P 125 -38.13 -44.57 85.49
C VAL P 125 -39.22 -45.27 86.28
N SER P 126 -39.18 -45.11 87.61
CA SER P 126 -40.21 -45.67 88.48
C SER P 126 -41.31 -44.65 88.71
N SER P 127 -42.29 -45.03 89.53
CA SER P 127 -43.41 -44.16 89.90
C SER P 127 -44.18 -43.67 88.67
ZN ZN Q . 25.16 1.98 -30.31
ZN ZN R . 26.44 39.79 -40.57
ZN ZN S . 0.33 -8.43 40.29
ZN ZN T . -21.62 -41.04 41.88
#